data_9NOK
# 
_entry.id   9NOK 
# 
_audit_conform.dict_name       mmcif_pdbx.dic 
_audit_conform.dict_version    5.406 
_audit_conform.dict_location   http://mmcif.pdb.org/dictionaries/ascii/mmcif_pdbx.dic 
# 
loop_
_database_2.database_id 
_database_2.database_code 
_database_2.pdbx_database_accession 
_database_2.pdbx_DOI 
PDB   9NOK         pdb_00009nok 10.2210/pdb9nok/pdb 
WWPDB D_1000293896 ?            ?                   
# 
_pdbx_audit_revision_history.ordinal             1 
_pdbx_audit_revision_history.data_content_type   'Structure model' 
_pdbx_audit_revision_history.major_revision      1 
_pdbx_audit_revision_history.minor_revision      0 
_pdbx_audit_revision_history.revision_date       2025-09-10 
_pdbx_audit_revision_history.part_number         ? 
# 
_pdbx_audit_revision_details.ordinal             1 
_pdbx_audit_revision_details.revision_ordinal    1 
_pdbx_audit_revision_details.data_content_type   'Structure model' 
_pdbx_audit_revision_details.provider            repository 
_pdbx_audit_revision_details.type                'Initial release' 
_pdbx_audit_revision_details.description         ? 
_pdbx_audit_revision_details.details             ? 
# 
_pdbx_database_status.status_code                     REL 
_pdbx_database_status.status_code_sf                  REL 
_pdbx_database_status.status_code_mr                  ? 
_pdbx_database_status.entry_id                        9NOK 
_pdbx_database_status.recvd_initial_deposition_date   2025-03-10 
_pdbx_database_status.SG_entry                        N 
_pdbx_database_status.deposit_site                    RCSB 
_pdbx_database_status.process_site                    RCSB 
_pdbx_database_status.status_code_cs                  ? 
_pdbx_database_status.status_code_nmr_data            ? 
_pdbx_database_status.methods_development_category    ? 
_pdbx_database_status.pdb_format_compatible           Y 
# 
_pdbx_contact_author.id                 2 
_pdbx_contact_author.email              rs17@nyu.edu 
_pdbx_contact_author.name_first         Ruojie 
_pdbx_contact_author.name_last          Sha 
_pdbx_contact_author.name_mi            ? 
_pdbx_contact_author.role               'principal investigator/group leader' 
_pdbx_contact_author.identifier_ORCID   0000-0002-0807-734X 
# 
loop_
_audit_author.name 
_audit_author.pdbx_ordinal 
_audit_author.identifier_ORCID 
'Horvath, A.'   1 0009-0008-5770-8014 
'Woloszyn, K.'  2 0000-0003-1200-583X 
'Vecchioni, S.' 3 0000-0001-8243-650X 
'Ohayon, Y.P.'  4 0000-0001-7500-4282 
'Sha, R.'       5 0000-0002-0807-734X 
# 
_citation.abstract                  ? 
_citation.abstract_id_CAS           ? 
_citation.book_id_ISBN              ? 
_citation.book_publisher            ? 
_citation.book_publisher_city       ? 
_citation.book_title                ? 
_citation.coordinate_linkage        ? 
_citation.country                   ? 
_citation.database_id_Medline       ? 
_citation.details                   ? 
_citation.id                        primary 
_citation.journal_abbrev            'To Be Published' 
_citation.journal_id_ASTM           ? 
_citation.journal_id_CSD            0353 
_citation.journal_id_ISSN           ? 
_citation.journal_full              ? 
_citation.journal_issue             ? 
_citation.journal_volume            ? 
_citation.language                  ? 
_citation.page_first                ? 
_citation.page_last                 ? 
_citation.title                     'shifted tensegrity triangles' 
_citation.year                      ? 
_citation.database_id_CSD           ? 
_citation.pdbx_database_id_DOI      ? 
_citation.pdbx_database_id_PubMed   ? 
_citation.pdbx_database_id_patent   ? 
_citation.unpublished_flag          ? 
# 
loop_
_citation_author.citation_id 
_citation_author.name 
_citation_author.ordinal 
_citation_author.identifier_ORCID 
primary 'Horvath, A.'   1 0009-0008-5770-8014 
primary 'Woloszyn, K.'  2 0000-0003-1200-583X 
primary 'Vecchioni, S.' 3 0000-0001-8243-650X 
primary 'Ohayon, Y.P.'  4 0000-0001-7500-4282 
primary 'Sha, R.'       5 0000-0002-0807-734X 
# 
loop_
_entity.id 
_entity.type 
_entity.src_method 
_entity.pdbx_description 
_entity.formula_weight 
_entity.pdbx_number_of_molecules 
_entity.pdbx_ec 
_entity.pdbx_mutation 
_entity.pdbx_fragment 
_entity.details 
1 polymer syn 
;DNA (5'-D(*TP*CP*TP*GP*T)-3')
;
1486.009 1 ? ? ? ? 
2 polymer syn 
;DNA (5'-D(P*AP*CP*AP*CP*CP*G)-3')
;
1778.207 1 ? ? ? ? 
3 polymer syn 
;DNA (5'-D(P*CP*GP*GP*AP*CP*AP*GP*CP*AP*CP*CP*TP*CP*GP*CP*A)-3')
;
4853.158 1 ? ? ? ? 
4 polymer syn 
;DNA (5'-D(*GP*AP*TP*GP*CP*GP*AP*GP*GP*TP*GP*CP*TP*GP*T)-3')
;
4681.031 1 ? ? ? ? 
# 
loop_
_entity_poly.entity_id 
_entity_poly.type 
_entity_poly.nstd_linkage 
_entity_poly.nstd_monomer 
_entity_poly.pdbx_seq_one_letter_code 
_entity_poly.pdbx_seq_one_letter_code_can 
_entity_poly.pdbx_strand_id 
_entity_poly.pdbx_target_identifier 
1 polydeoxyribonucleotide no no '(DT)(DC)(DT)(DG)(DT)'                                             TCTGT            A ? 
2 polydeoxyribonucleotide no no '(DA)(DC)(DA)(DC)(DC)(DG)'                                         ACACCG           D ? 
3 polydeoxyribonucleotide no no '(DC)(DG)(DG)(DA)(DC)(DA)(DG)(DC)(DA)(DC)(DC)(DT)(DC)(DG)(DC)(DA)' CGGACAGCACCTCGCA C ? 
4 polydeoxyribonucleotide no no '(DG)(DA)(DT)(DG)(DC)(DG)(DA)(DG)(DG)(DT)(DG)(DC)(DT)(DG)(DT)'     GATGCGAGGTGCTGT  G ? 
# 
loop_
_entity_poly_seq.entity_id 
_entity_poly_seq.num 
_entity_poly_seq.mon_id 
_entity_poly_seq.hetero 
1 1  DT n 
1 2  DC n 
1 3  DT n 
1 4  DG n 
1 5  DT n 
2 1  DA n 
2 2  DC n 
2 3  DA n 
2 4  DC n 
2 5  DC n 
2 6  DG n 
3 1  DC n 
3 2  DG n 
3 3  DG n 
3 4  DA n 
3 5  DC n 
3 6  DA n 
3 7  DG n 
3 8  DC n 
3 9  DA n 
3 10 DC n 
3 11 DC n 
3 12 DT n 
3 13 DC n 
3 14 DG n 
3 15 DC n 
3 16 DA n 
4 1  DG n 
4 2  DA n 
4 3  DT n 
4 4  DG n 
4 5  DC n 
4 6  DG n 
4 7  DA n 
4 8  DG n 
4 9  DG n 
4 10 DT n 
4 11 DG n 
4 12 DC n 
4 13 DT n 
4 14 DG n 
4 15 DT n 
# 
loop_
_pdbx_entity_src_syn.entity_id 
_pdbx_entity_src_syn.pdbx_src_id 
_pdbx_entity_src_syn.pdbx_alt_source_flag 
_pdbx_entity_src_syn.pdbx_beg_seq_num 
_pdbx_entity_src_syn.pdbx_end_seq_num 
_pdbx_entity_src_syn.organism_scientific 
_pdbx_entity_src_syn.organism_common_name 
_pdbx_entity_src_syn.ncbi_taxonomy_id 
_pdbx_entity_src_syn.details 
1 1 sample 1 5  'synthetic construct' ? 32630 ? 
2 1 sample 1 6  'synthetic construct' ? 32630 ? 
3 1 sample 1 16 'synthetic construct' ? 32630 ? 
4 1 sample 1 15 'synthetic construct' ? 32630 ? 
# 
loop_
_chem_comp.id 
_chem_comp.type 
_chem_comp.mon_nstd_flag 
_chem_comp.name 
_chem_comp.pdbx_synonyms 
_chem_comp.formula 
_chem_comp.formula_weight 
DA 'DNA linking' y "2'-DEOXYADENOSINE-5'-MONOPHOSPHATE" ? 'C10 H14 N5 O6 P' 331.222 
DC 'DNA linking' y "2'-DEOXYCYTIDINE-5'-MONOPHOSPHATE"  ? 'C9 H14 N3 O7 P'  307.197 
DG 'DNA linking' y "2'-DEOXYGUANOSINE-5'-MONOPHOSPHATE" ? 'C10 H14 N5 O7 P' 347.221 
DT 'DNA linking' y "THYMIDINE-5'-MONOPHOSPHATE"         ? 'C10 H15 N2 O8 P' 322.208 
# 
loop_
_pdbx_poly_seq_scheme.asym_id 
_pdbx_poly_seq_scheme.entity_id 
_pdbx_poly_seq_scheme.seq_id 
_pdbx_poly_seq_scheme.mon_id 
_pdbx_poly_seq_scheme.ndb_seq_num 
_pdbx_poly_seq_scheme.pdb_seq_num 
_pdbx_poly_seq_scheme.auth_seq_num 
_pdbx_poly_seq_scheme.pdb_mon_id 
_pdbx_poly_seq_scheme.auth_mon_id 
_pdbx_poly_seq_scheme.pdb_strand_id 
_pdbx_poly_seq_scheme.pdb_ins_code 
_pdbx_poly_seq_scheme.hetero 
A 1 1  DT 1  1  1  DT DT A . n 
A 1 2  DC 2  2  2  DC DC A . n 
A 1 3  DT 3  3  3  DT DT A . n 
A 1 4  DG 4  4  4  DG DG A . n 
A 1 5  DT 5  5  5  DT DT A . n 
B 2 1  DA 1  13 13 DA DA D . n 
B 2 2  DC 2  14 14 DC DC D . n 
B 2 3  DA 3  15 15 DA DA D . n 
B 2 4  DC 4  16 16 DC DC D . n 
B 2 5  DC 5  17 17 DC DC D . n 
B 2 6  DG 6  18 18 DG DG D . n 
C 3 1  DC 1  6  6  DC DC C . n 
C 3 2  DG 2  7  7  DG DG C . n 
C 3 3  DG 3  8  8  DG DG C . n 
C 3 4  DA 4  9  9  DA DA C . n 
C 3 5  DC 5  10 10 DC DC C . n 
C 3 6  DA 6  11 11 DA DA C . n 
C 3 7  DG 7  12 12 DG DG C . n 
C 3 8  DC 8  13 13 DC DC C . n 
C 3 9  DA 9  14 14 DA DA C . n 
C 3 10 DC 10 15 15 DC DC C . n 
C 3 11 DC 11 16 16 DC DC C . n 
C 3 12 DT 12 17 17 DT DT C . n 
C 3 13 DC 13 18 18 DC DC C . n 
C 3 14 DG 14 19 19 DG DG C . n 
C 3 15 DC 15 20 20 DC DC C . n 
C 3 16 DA 16 21 21 DA DA C . n 
D 4 1  DG 1  1  1  DG DG G . n 
D 4 2  DA 2  2  2  DA DA G . n 
D 4 3  DT 3  3  3  DT DT G . n 
D 4 4  DG 4  4  4  DG DG G . n 
D 4 5  DC 5  5  5  DC DC G . n 
D 4 6  DG 6  6  6  DG DG G . n 
D 4 7  DA 7  7  7  DA DA G . n 
D 4 8  DG 8  8  8  DG DG G . n 
D 4 9  DG 9  9  9  DG DG G . n 
D 4 10 DT 10 10 10 DT DT G . n 
D 4 11 DG 11 11 11 DG DG G . n 
D 4 12 DC 12 12 12 DC DC G . n 
D 4 13 DT 13 13 13 DT DT G . n 
D 4 14 DG 14 14 14 DG DG G . n 
D 4 15 DT 15 15 15 DT DT G . n 
# 
loop_
_software.citation_id 
_software.classification 
_software.compiler_name 
_software.compiler_version 
_software.contact_author 
_software.contact_author_email 
_software.date 
_software.description 
_software.dependencies 
_software.hardware 
_software.language 
_software.location 
_software.mods 
_software.name 
_software.os 
_software.os_version 
_software.type 
_software.version 
_software.pdbx_ordinal 
? refinement       ? ? ? ? ? ? ? ? ? ? ? PHENIX    ? ? ? 1.20.1_4487 1 
? 'data reduction' ? ? ? ? ? ? ? ? ? ? ? autoPROC  ? ? ? .           2 
? 'data scaling'   ? ? ? ? ? ? ? ? ? ? ? STARANISO ? ? ? .           3 
? phasing          ? ? ? ? ? ? ? ? ? ? ? PHASER    ? ? ? .           4 
# 
_cell.angle_alpha                  90.000 
_cell.angle_alpha_esd              ? 
_cell.angle_beta                   90.000 
_cell.angle_beta_esd               ? 
_cell.angle_gamma                  90.000 
_cell.angle_gamma_esd              ? 
_cell.entry_id                     9NOK 
_cell.details                      ? 
_cell.formula_units_Z              ? 
_cell.length_a                     69.630 
_cell.length_a_esd                 ? 
_cell.length_b                     69.630 
_cell.length_b_esd                 ? 
_cell.length_c                     82.325 
_cell.length_c_esd                 ? 
_cell.volume                       399139.335 
_cell.volume_esd                   ? 
_cell.Z_PDB                        4 
_cell.reciprocal_angle_alpha       ? 
_cell.reciprocal_angle_beta        ? 
_cell.reciprocal_angle_gamma       ? 
_cell.reciprocal_angle_alpha_esd   ? 
_cell.reciprocal_angle_beta_esd    ? 
_cell.reciprocal_angle_gamma_esd   ? 
_cell.reciprocal_length_a          ? 
_cell.reciprocal_length_b          ? 
_cell.reciprocal_length_c          ? 
_cell.reciprocal_length_a_esd      ? 
_cell.reciprocal_length_b_esd      ? 
_cell.reciprocal_length_c_esd      ? 
_cell.pdbx_unique_axis             ? 
_cell.pdbx_esd_method              ? 
# 
_symmetry.entry_id                         9NOK 
_symmetry.cell_setting                     ? 
_symmetry.Int_Tables_number                76 
_symmetry.space_group_name_Hall            'P 4w' 
_symmetry.space_group_name_H-M             'P 41' 
_symmetry.pdbx_full_space_group_name_H-M   ? 
# 
_exptl.absorpt_coefficient_mu     ? 
_exptl.absorpt_correction_T_max   ? 
_exptl.absorpt_correction_T_min   ? 
_exptl.absorpt_correction_type    ? 
_exptl.absorpt_process_details    ? 
_exptl.entry_id                   9NOK 
_exptl.crystals_number            1 
_exptl.details                    ? 
_exptl.method                     'X-RAY DIFFRACTION' 
_exptl.method_details             ? 
# 
_exptl_crystal.colour                       ? 
_exptl_crystal.density_diffrn               ? 
_exptl_crystal.density_Matthews             ? 
_exptl_crystal.density_method               ? 
_exptl_crystal.density_percent_sol          ? 
_exptl_crystal.description                  ? 
_exptl_crystal.F_000                        ? 
_exptl_crystal.id                           1 
_exptl_crystal.preparation                  ? 
_exptl_crystal.size_max                     ? 
_exptl_crystal.size_mid                     ? 
_exptl_crystal.size_min                     ? 
_exptl_crystal.size_rad                     ? 
_exptl_crystal.colour_lustre                ? 
_exptl_crystal.colour_modifier              ? 
_exptl_crystal.colour_primary               ? 
_exptl_crystal.density_meas                 ? 
_exptl_crystal.density_meas_esd             ? 
_exptl_crystal.density_meas_gt              ? 
_exptl_crystal.density_meas_lt              ? 
_exptl_crystal.density_meas_temp            ? 
_exptl_crystal.density_meas_temp_esd        ? 
_exptl_crystal.density_meas_temp_gt         ? 
_exptl_crystal.density_meas_temp_lt         ? 
_exptl_crystal.pdbx_crystal_image_url       ? 
_exptl_crystal.pdbx_crystal_image_format    ? 
_exptl_crystal.pdbx_mosaicity               ? 
_exptl_crystal.pdbx_mosaicity_esd           ? 
_exptl_crystal.pdbx_mosaic_method           ? 
_exptl_crystal.pdbx_mosaic_block_size       ? 
_exptl_crystal.pdbx_mosaic_block_size_esd   ? 
# 
_exptl_crystal_grow.apparatus       ? 
_exptl_crystal_grow.atmosphere      ? 
_exptl_crystal_grow.crystal_id      1 
_exptl_crystal_grow.details         ? 
_exptl_crystal_grow.method          'VAPOR DIFFUSION, HANGING DROP' 
_exptl_crystal_grow.method_ref      ? 
_exptl_crystal_grow.pH              ? 
_exptl_crystal_grow.pressure        ? 
_exptl_crystal_grow.pressure_esd    ? 
_exptl_crystal_grow.seeding         ? 
_exptl_crystal_grow.seeding_ref     ? 
_exptl_crystal_grow.temp_details    '338-293 at 0.4/hr' 
_exptl_crystal_grow.temp_esd        ? 
_exptl_crystal_grow.time            ? 
_exptl_crystal_grow.pdbx_details    '100 mM MOPS, 1.25 M magnesium sulfate' 
_exptl_crystal_grow.pdbx_pH_range   ? 
_exptl_crystal_grow.temp            293 
# 
_diffrn.ambient_environment              ? 
_diffrn.ambient_temp                     100 
_diffrn.ambient_temp_details             ? 
_diffrn.ambient_temp_esd                 ? 
_diffrn.crystal_id                       1 
_diffrn.crystal_support                  ? 
_diffrn.crystal_treatment                ? 
_diffrn.details                          ? 
_diffrn.id                               1 
_diffrn.ambient_pressure                 ? 
_diffrn.ambient_pressure_esd             ? 
_diffrn.ambient_pressure_gt              ? 
_diffrn.ambient_pressure_lt              ? 
_diffrn.ambient_temp_gt                  ? 
_diffrn.ambient_temp_lt                  ? 
_diffrn.pdbx_serial_crystal_experiment   N 
# 
_diffrn_detector.details                      ? 
_diffrn_detector.detector                     PIXEL 
_diffrn_detector.diffrn_id                    1 
_diffrn_detector.type                         'DECTRIS EIGER X 9M' 
_diffrn_detector.area_resol_mean              ? 
_diffrn_detector.dtime                        ? 
_diffrn_detector.pdbx_frames_total            ? 
_diffrn_detector.pdbx_collection_time_total   ? 
_diffrn_detector.pdbx_collection_date         2023-05-13 
_diffrn_detector.pdbx_frequency               ? 
_diffrn_detector.id                           ? 
_diffrn_detector.number_of_axes               ? 
# 
_diffrn_radiation.collimation                      ? 
_diffrn_radiation.diffrn_id                        1 
_diffrn_radiation.filter_edge                      ? 
_diffrn_radiation.inhomogeneity                    ? 
_diffrn_radiation.monochromator                    ? 
_diffrn_radiation.polarisn_norm                    ? 
_diffrn_radiation.polarisn_ratio                   ? 
_diffrn_radiation.probe                            ? 
_diffrn_radiation.type                             ? 
_diffrn_radiation.xray_symbol                      ? 
_diffrn_radiation.wavelength_id                    1 
_diffrn_radiation.pdbx_monochromatic_or_laue_m_l   M 
_diffrn_radiation.pdbx_wavelength_list             ? 
_diffrn_radiation.pdbx_wavelength                  ? 
_diffrn_radiation.pdbx_diffrn_protocol             'SINGLE WAVELENGTH' 
_diffrn_radiation.pdbx_analyzer                    ? 
_diffrn_radiation.pdbx_scattering_type             x-ray 
# 
_diffrn_radiation_wavelength.id           1 
_diffrn_radiation_wavelength.wavelength   0.920105 
_diffrn_radiation_wavelength.wt           1.0 
# 
_diffrn_source.current                     ? 
_diffrn_source.details                     ? 
_diffrn_source.diffrn_id                   1 
_diffrn_source.power                       ? 
_diffrn_source.size                        ? 
_diffrn_source.source                      SYNCHROTRON 
_diffrn_source.target                      ? 
_diffrn_source.type                        'APS BEAMLINE 17-ID' 
_diffrn_source.voltage                     ? 
_diffrn_source.take-off_angle              ? 
_diffrn_source.pdbx_wavelength_list        0.920105 
_diffrn_source.pdbx_wavelength             ? 
_diffrn_source.pdbx_synchrotron_beamline   17-ID 
_diffrn_source.pdbx_synchrotron_site       APS 
# 
_reflns.B_iso_Wilson_estimate                          213.62 
_reflns.entry_id                                       9NOK 
_reflns.data_reduction_details                         ? 
_reflns.data_reduction_method                          ? 
_reflns.d_resolution_high                              4.890 
_reflns.d_resolution_low                               69.630 
_reflns.details                                        ? 
_reflns.limit_h_max                                    ? 
_reflns.limit_h_min                                    ? 
_reflns.limit_k_max                                    ? 
_reflns.limit_k_min                                    ? 
_reflns.limit_l_max                                    ? 
_reflns.limit_l_min                                    ? 
_reflns.number_all                                     ? 
_reflns.number_obs                                     1255 
_reflns.observed_criterion                             ? 
_reflns.observed_criterion_F_max                       ? 
_reflns.observed_criterion_F_min                       ? 
_reflns.observed_criterion_I_max                       ? 
_reflns.observed_criterion_I_min                       ? 
_reflns.observed_criterion_sigma_F                     ? 
_reflns.observed_criterion_sigma_I                     ? 
_reflns.percent_possible_obs                           86.1 
_reflns.R_free_details                                 ? 
_reflns.Rmerge_F_all                                   ? 
_reflns.Rmerge_F_obs                                   ? 
_reflns.Friedel_coverage                               ? 
_reflns.number_gt                                      ? 
_reflns.threshold_expression                           ? 
_reflns.pdbx_redundancy                                6.4 
_reflns.pdbx_netI_over_av_sigmaI                       ? 
_reflns.pdbx_netI_over_sigmaI                          5.3 
_reflns.pdbx_res_netI_over_av_sigmaI_2                 ? 
_reflns.pdbx_res_netI_over_sigmaI_2                    ? 
_reflns.pdbx_chi_squared                               ? 
_reflns.pdbx_scaling_rejects                           ? 
_reflns.pdbx_d_res_high_opt                            ? 
_reflns.pdbx_d_res_low_opt                             ? 
_reflns.pdbx_d_res_opt_method                          ? 
_reflns.phase_calculation_details                      ? 
_reflns.pdbx_Rrim_I_all                                ? 
_reflns.pdbx_Rpim_I_all                                ? 
_reflns.pdbx_d_opt                                     ? 
_reflns.pdbx_number_measured_all                       ? 
_reflns.pdbx_diffrn_id                                 1 
_reflns.pdbx_ordinal                                   1 
_reflns.pdbx_CC_half                                   0.999 
_reflns.pdbx_CC_star                                   ? 
_reflns.pdbx_R_split                                   ? 
_reflns.pdbx_Rmerge_I_obs                              ? 
_reflns.pdbx_Rmerge_I_all                              ? 
_reflns.pdbx_Rsym_value                                ? 
_reflns.pdbx_CC_split_method                           ? 
_reflns.pdbx_aniso_diffraction_limit_axis_1_ortho[1]   ? 
_reflns.pdbx_aniso_diffraction_limit_axis_1_ortho[2]   ? 
_reflns.pdbx_aniso_diffraction_limit_axis_1_ortho[3]   ? 
_reflns.pdbx_aniso_diffraction_limit_axis_2_ortho[1]   ? 
_reflns.pdbx_aniso_diffraction_limit_axis_2_ortho[2]   ? 
_reflns.pdbx_aniso_diffraction_limit_axis_2_ortho[3]   ? 
_reflns.pdbx_aniso_diffraction_limit_axis_3_ortho[1]   ? 
_reflns.pdbx_aniso_diffraction_limit_axis_3_ortho[2]   ? 
_reflns.pdbx_aniso_diffraction_limit_axis_3_ortho[3]   ? 
_reflns.pdbx_aniso_diffraction_limit_1                 ? 
_reflns.pdbx_aniso_diffraction_limit_2                 ? 
_reflns.pdbx_aniso_diffraction_limit_3                 ? 
_reflns.pdbx_aniso_B_tensor_eigenvector_1_ortho[1]     ? 
_reflns.pdbx_aniso_B_tensor_eigenvector_1_ortho[2]     ? 
_reflns.pdbx_aniso_B_tensor_eigenvector_1_ortho[3]     ? 
_reflns.pdbx_aniso_B_tensor_eigenvector_2_ortho[1]     ? 
_reflns.pdbx_aniso_B_tensor_eigenvector_2_ortho[2]     ? 
_reflns.pdbx_aniso_B_tensor_eigenvector_2_ortho[3]     ? 
_reflns.pdbx_aniso_B_tensor_eigenvector_3_ortho[1]     ? 
_reflns.pdbx_aniso_B_tensor_eigenvector_3_ortho[2]     ? 
_reflns.pdbx_aniso_B_tensor_eigenvector_3_ortho[3]     ? 
_reflns.pdbx_aniso_B_tensor_eigenvalue_1               ? 
_reflns.pdbx_aniso_B_tensor_eigenvalue_2               ? 
_reflns.pdbx_aniso_B_tensor_eigenvalue_3               ? 
_reflns.pdbx_orthogonalization_convention              ? 
_reflns.pdbx_percent_possible_ellipsoidal              ? 
_reflns.pdbx_percent_possible_spherical                ? 
_reflns.pdbx_percent_possible_ellipsoidal_anomalous    ? 
_reflns.pdbx_percent_possible_spherical_anomalous      ? 
_reflns.pdbx_redundancy_anomalous                      ? 
_reflns.pdbx_CC_half_anomalous                         ? 
_reflns.pdbx_absDiff_over_sigma_anomalous              ? 
_reflns.pdbx_percent_possible_anomalous                ? 
_reflns.pdbx_observed_signal_threshold                 ? 
_reflns.pdbx_signal_type                               ? 
_reflns.pdbx_signal_details                            ? 
_reflns.pdbx_signal_software_id                        ? 
# 
loop_
_reflns_shell.d_res_high 
_reflns_shell.d_res_low 
_reflns_shell.meanI_over_sigI_all 
_reflns_shell.meanI_over_sigI_obs 
_reflns_shell.number_measured_all 
_reflns_shell.number_measured_obs 
_reflns_shell.number_possible 
_reflns_shell.number_unique_all 
_reflns_shell.number_unique_obs 
_reflns_shell.percent_possible_obs 
_reflns_shell.Rmerge_F_all 
_reflns_shell.Rmerge_F_obs 
_reflns_shell.meanI_over_sigI_gt 
_reflns_shell.meanI_over_uI_all 
_reflns_shell.meanI_over_uI_gt 
_reflns_shell.number_measured_gt 
_reflns_shell.number_unique_gt 
_reflns_shell.percent_possible_gt 
_reflns_shell.Rmerge_F_gt 
_reflns_shell.Rmerge_I_gt 
_reflns_shell.pdbx_redundancy 
_reflns_shell.pdbx_chi_squared 
_reflns_shell.pdbx_netI_over_sigmaI_all 
_reflns_shell.pdbx_netI_over_sigmaI_obs 
_reflns_shell.pdbx_Rrim_I_all 
_reflns_shell.pdbx_Rpim_I_all 
_reflns_shell.pdbx_rejects 
_reflns_shell.pdbx_ordinal 
_reflns_shell.pdbx_diffrn_id 
_reflns_shell.pdbx_CC_half 
_reflns_shell.pdbx_CC_star 
_reflns_shell.pdbx_R_split 
_reflns_shell.percent_possible_all 
_reflns_shell.Rmerge_I_all 
_reflns_shell.Rmerge_I_obs 
_reflns_shell.pdbx_Rsym_value 
_reflns_shell.pdbx_percent_possible_ellipsoidal 
_reflns_shell.pdbx_percent_possible_spherical 
_reflns_shell.pdbx_percent_possible_ellipsoidal_anomalous 
_reflns_shell.pdbx_percent_possible_spherical_anomalous 
_reflns_shell.pdbx_redundancy_anomalous 
_reflns_shell.pdbx_CC_half_anomalous 
_reflns_shell.pdbx_absDiff_over_sigma_anomalous 
_reflns_shell.pdbx_percent_possible_anomalous 
4.890  5.747  ? ? ? ? ? ? 210 ? ? ? ? ? ? ? ? ? ? ? ? ? ? ? ? ? ? 1 1 0.818 ? ? ? ? ? ? ? ? ? ? ? ? ? ? 
10.298 69.630 ? ? ? ? ? ? 209 ? ? ? ? ? ? ? ? ? ? ? ? ? ? ? ? ? ? 2 1 0.999 ? ? ? ? ? ? ? ? ? ? ? ? ? ? 
# 
_refine.aniso_B[1][1]                            ? 
_refine.aniso_B[1][2]                            ? 
_refine.aniso_B[1][3]                            ? 
_refine.aniso_B[2][2]                            ? 
_refine.aniso_B[2][3]                            ? 
_refine.aniso_B[3][3]                            ? 
_refine.B_iso_max                                ? 
_refine.B_iso_mean                               291.21 
_refine.B_iso_min                                ? 
_refine.correlation_coeff_Fo_to_Fc               ? 
_refine.correlation_coeff_Fo_to_Fc_free          ? 
_refine.details                                  ? 
_refine.diff_density_max                         ? 
_refine.diff_density_max_esd                     ? 
_refine.diff_density_min                         ? 
_refine.diff_density_min_esd                     ? 
_refine.diff_density_rms                         ? 
_refine.diff_density_rms_esd                     ? 
_refine.entry_id                                 9NOK 
_refine.pdbx_refine_id                           'X-RAY DIFFRACTION' 
_refine.ls_abs_structure_details                 ? 
_refine.ls_abs_structure_Flack                   ? 
_refine.ls_abs_structure_Flack_esd               ? 
_refine.ls_abs_structure_Rogers                  ? 
_refine.ls_abs_structure_Rogers_esd              ? 
_refine.ls_d_res_high                            4.89 
_refine.ls_d_res_low                             31.58 
_refine.ls_extinction_coef                       ? 
_refine.ls_extinction_coef_esd                   ? 
_refine.ls_extinction_expression                 ? 
_refine.ls_extinction_method                     ? 
_refine.ls_goodness_of_fit_all                   ? 
_refine.ls_goodness_of_fit_all_esd               ? 
_refine.ls_goodness_of_fit_obs                   ? 
_refine.ls_goodness_of_fit_obs_esd               ? 
_refine.ls_hydrogen_treatment                    ? 
_refine.ls_matrix_type                           ? 
_refine.ls_number_constraints                    ? 
_refine.ls_number_parameters                     ? 
_refine.ls_number_reflns_all                     ? 
_refine.ls_number_reflns_obs                     1237 
_refine.ls_number_reflns_R_free                  63 
_refine.ls_number_reflns_R_work                  1174 
_refine.ls_number_restraints                     ? 
_refine.ls_percent_reflns_obs                    66.94 
_refine.ls_percent_reflns_R_free                 5.09 
_refine.ls_R_factor_all                          ? 
_refine.ls_R_factor_obs                          0.2265 
_refine.ls_R_factor_R_free                       0.2844 
_refine.ls_R_factor_R_free_error                 ? 
_refine.ls_R_factor_R_free_error_details         ? 
_refine.ls_R_factor_R_work                       0.2228 
_refine.ls_R_Fsqd_factor_obs                     ? 
_refine.ls_R_I_factor_obs                        ? 
_refine.ls_redundancy_reflns_all                 ? 
_refine.ls_redundancy_reflns_obs                 ? 
_refine.ls_restrained_S_all                      ? 
_refine.ls_restrained_S_obs                      ? 
_refine.ls_shift_over_esd_max                    ? 
_refine.ls_shift_over_esd_mean                   ? 
_refine.ls_structure_factor_coef                 ? 
_refine.ls_weighting_details                     ? 
_refine.ls_weighting_scheme                      ? 
_refine.ls_wR_factor_all                         ? 
_refine.ls_wR_factor_obs                         ? 
_refine.ls_wR_factor_R_free                      ? 
_refine.ls_wR_factor_R_work                      ? 
_refine.occupancy_max                            ? 
_refine.occupancy_min                            ? 
_refine.solvent_model_details                    'FLAT BULK SOLVENT MODEL' 
_refine.solvent_model_param_bsol                 ? 
_refine.solvent_model_param_ksol                 ? 
_refine.correlation_coeff_I_to_Fcsqd_work        ? 
_refine.correlation_coeff_I_to_Fcsqd_free        ? 
_refine.pdbx_R_complete                          ? 
_refine.ls_R_factor_gt                           ? 
_refine.ls_goodness_of_fit_gt                    ? 
_refine.ls_goodness_of_fit_ref                   ? 
_refine.ls_shift_over_su_max                     ? 
_refine.ls_shift_over_su_max_lt                  ? 
_refine.ls_shift_over_su_mean                    ? 
_refine.ls_shift_over_su_mean_lt                 ? 
_refine.pdbx_ls_sigma_I                          ? 
_refine.pdbx_ls_sigma_F                          1.35 
_refine.pdbx_ls_sigma_Fsqd                       ? 
_refine.pdbx_data_cutoff_high_absF               ? 
_refine.pdbx_data_cutoff_high_rms_absF           ? 
_refine.pdbx_data_cutoff_low_absF                ? 
_refine.pdbx_isotropic_thermal_model             ? 
_refine.pdbx_ls_cross_valid_method               'FREE R-VALUE' 
_refine.pdbx_method_to_determine_struct          'MOLECULAR REPLACEMENT' 
_refine.pdbx_starting_model                      ? 
_refine.pdbx_stereochemistry_target_values       'GeoStd + Monomer Library + CDL v1.2' 
_refine.pdbx_R_Free_selection_details            ? 
_refine.pdbx_stereochem_target_val_spec_case     ? 
_refine.pdbx_overall_ESU_R                       ? 
_refine.pdbx_overall_ESU_R_Free                  ? 
_refine.pdbx_solvent_vdw_probe_radii             1.1000 
_refine.pdbx_solvent_ion_probe_radii             ? 
_refine.pdbx_solvent_shrinkage_radii             0.9000 
_refine.pdbx_real_space_R                        ? 
_refine.pdbx_density_correlation                 ? 
_refine.pdbx_pd_number_of_powder_patterns        ? 
_refine.pdbx_pd_number_of_points                 ? 
_refine.pdbx_pd_meas_number_of_points            ? 
_refine.pdbx_pd_proc_ls_prof_R_factor            ? 
_refine.pdbx_pd_proc_ls_prof_wR_factor           ? 
_refine.pdbx_pd_Marquardt_correlation_coeff      ? 
_refine.pdbx_pd_Fsqrd_R_factor                   ? 
_refine.pdbx_pd_ls_matrix_band_width             ? 
_refine.pdbx_overall_phase_error                 39.5338 
_refine.pdbx_overall_SU_R_free_Cruickshank_DPI   ? 
_refine.pdbx_overall_SU_R_free_Blow_DPI          ? 
_refine.pdbx_overall_SU_R_Blow_DPI               ? 
_refine.pdbx_TLS_residual_ADP_flag               ? 
_refine.pdbx_diffrn_id                           1 
_refine.overall_SU_B                             ? 
_refine.overall_SU_ML                            0.0000 
_refine.overall_SU_R_Cruickshank_DPI             ? 
_refine.overall_SU_R_free                        ? 
_refine.overall_FOM_free_R_set                   ? 
_refine.overall_FOM_work_R_set                   ? 
_refine.pdbx_average_fsc_overall                 ? 
_refine.pdbx_average_fsc_work                    ? 
_refine.pdbx_average_fsc_free                    ? 
# 
_refine_hist.pdbx_refine_id                   'X-RAY DIFFRACTION' 
_refine_hist.cycle_id                         LAST 
_refine_hist.details                          ? 
_refine_hist.d_res_high                       4.89 
_refine_hist.d_res_low                        31.58 
_refine_hist.number_atoms_solvent             0 
_refine_hist.number_atoms_total               855 
_refine_hist.number_reflns_all                ? 
_refine_hist.number_reflns_obs                ? 
_refine_hist.number_reflns_R_free             ? 
_refine_hist.number_reflns_R_work             ? 
_refine_hist.R_factor_all                     ? 
_refine_hist.R_factor_obs                     ? 
_refine_hist.R_factor_R_free                  ? 
_refine_hist.R_factor_R_work                  ? 
_refine_hist.pdbx_number_residues_total       ? 
_refine_hist.pdbx_B_iso_mean_ligand           ? 
_refine_hist.pdbx_B_iso_mean_solvent          ? 
_refine_hist.pdbx_number_atoms_protein        0 
_refine_hist.pdbx_number_atoms_nucleic_acid   855 
_refine_hist.pdbx_number_atoms_ligand         0 
_refine_hist.pdbx_number_atoms_lipid          ? 
_refine_hist.pdbx_number_atoms_carb           ? 
_refine_hist.pdbx_pseudo_atom_details         ? 
# 
loop_
_refine_ls_restr.pdbx_refine_id 
_refine_ls_restr.criterion 
_refine_ls_restr.dev_ideal 
_refine_ls_restr.dev_ideal_target 
_refine_ls_restr.number 
_refine_ls_restr.rejects 
_refine_ls_restr.type 
_refine_ls_restr.weight 
_refine_ls_restr.pdbx_restraint_function 
'X-RAY DIFFRACTION' ? 0.0039  ? 956  ? f_bond_d           ? ? 
'X-RAY DIFFRACTION' ? 0.6021  ? 1467 ? f_angle_d          ? ? 
'X-RAY DIFFRACTION' ? 0.0309  ? 166  ? f_chiral_restr     ? ? 
'X-RAY DIFFRACTION' ? 0.0035  ? 42   ? f_plane_restr      ? ? 
'X-RAY DIFFRACTION' ? 35.4239 ? 406  ? f_dihedral_angle_d ? ? 
# 
_refine_ls_shell.pdbx_refine_id                      'X-RAY DIFFRACTION' 
_refine_ls_shell.d_res_high                          4.89 
_refine_ls_shell.d_res_low                           31.58 
_refine_ls_shell.number_reflns_all                   ? 
_refine_ls_shell.number_reflns_obs                   ? 
_refine_ls_shell.number_reflns_R_free                63 
_refine_ls_shell.number_reflns_R_work                1174 
_refine_ls_shell.percent_reflns_obs                  66.94 
_refine_ls_shell.percent_reflns_R_free               ? 
_refine_ls_shell.R_factor_all                        ? 
_refine_ls_shell.R_factor_obs                        ? 
_refine_ls_shell.R_factor_R_free_error               ? 
_refine_ls_shell.R_factor_R_work                     0.2228 
_refine_ls_shell.redundancy_reflns_all               ? 
_refine_ls_shell.redundancy_reflns_obs               ? 
_refine_ls_shell.wR_factor_all                       ? 
_refine_ls_shell.wR_factor_obs                       ? 
_refine_ls_shell.wR_factor_R_free                    ? 
_refine_ls_shell.wR_factor_R_work                    ? 
_refine_ls_shell.pdbx_R_complete                     ? 
_refine_ls_shell.correlation_coeff_Fo_to_Fc          ? 
_refine_ls_shell.correlation_coeff_Fo_to_Fc_free     ? 
_refine_ls_shell.correlation_coeff_I_to_Fcsqd_work   ? 
_refine_ls_shell.correlation_coeff_I_to_Fcsqd_free   ? 
_refine_ls_shell.pdbx_total_number_of_bins_used      ? 
_refine_ls_shell.pdbx_phase_error                    ? 
_refine_ls_shell.pdbx_fsc_work                       ? 
_refine_ls_shell.pdbx_fsc_free                       ? 
_refine_ls_shell.R_factor_R_free                     0.2844 
# 
_struct.entry_id                     9NOK 
_struct.title                        
'[0,6,13-2] Shifted DNA assembly with an aspect ratio of (0,6,13) base pairs and 2 nt sticky ends containing a semi-junction' 
_struct.pdbx_model_details           ? 
_struct.pdbx_formula_weight          ? 
_struct.pdbx_formula_weight_method   ? 
_struct.pdbx_model_type_details      ? 
_struct.pdbx_CASP_flag               N 
# 
_struct_keywords.entry_id        9NOK 
_struct_keywords.text            'tetragonal assembly, DNA' 
_struct_keywords.pdbx_keywords   DNA 
# 
loop_
_struct_asym.id 
_struct_asym.pdbx_blank_PDB_chainid_flag 
_struct_asym.pdbx_modified 
_struct_asym.entity_id 
_struct_asym.details 
A N N 1 ? 
B N N 2 ? 
C N N 3 ? 
D N N 4 ? 
# 
loop_
_struct_ref.id 
_struct_ref.db_name 
_struct_ref.db_code 
_struct_ref.pdbx_db_accession 
_struct_ref.pdbx_db_isoform 
_struct_ref.entity_id 
_struct_ref.pdbx_seq_one_letter_code 
_struct_ref.pdbx_align_begin 
1 PDB 9NOK 9NOK ? 1 ? 1 
2 PDB 9NOK 9NOK ? 2 ? 1 
3 PDB 9NOK 9NOK ? 3 ? 1 
4 PDB 9NOK 9NOK ? 4 ? 1 
# 
loop_
_struct_ref_seq.align_id 
_struct_ref_seq.ref_id 
_struct_ref_seq.pdbx_PDB_id_code 
_struct_ref_seq.pdbx_strand_id 
_struct_ref_seq.seq_align_beg 
_struct_ref_seq.pdbx_seq_align_beg_ins_code 
_struct_ref_seq.seq_align_end 
_struct_ref_seq.pdbx_seq_align_end_ins_code 
_struct_ref_seq.pdbx_db_accession 
_struct_ref_seq.db_align_beg 
_struct_ref_seq.pdbx_db_align_beg_ins_code 
_struct_ref_seq.db_align_end 
_struct_ref_seq.pdbx_db_align_end_ins_code 
_struct_ref_seq.pdbx_auth_seq_align_beg 
_struct_ref_seq.pdbx_auth_seq_align_end 
1 1 9NOK A 1 ? 5  ? 9NOK 1  ? 5  ? 1  5  
2 2 9NOK D 1 ? 6  ? 9NOK 13 ? 18 ? 13 18 
3 3 9NOK C 1 ? 16 ? 9NOK 6  ? 21 ? 6  21 
4 4 9NOK G 1 ? 15 ? 9NOK 1  ? 15 ? 1  15 
# 
_pdbx_struct_assembly.id                   1 
_pdbx_struct_assembly.details              author_defined_assembly 
_pdbx_struct_assembly.method_details       ? 
_pdbx_struct_assembly.oligomeric_details   dodecameric 
_pdbx_struct_assembly.oligomeric_count     12 
# 
loop_
_pdbx_struct_assembly_gen.assembly_id 
_pdbx_struct_assembly_gen.oper_expression 
_pdbx_struct_assembly_gen.asym_id_list 
1 1 A,B,C,D 
1 2 A,B,C,D 
1 3 A,B,C,D 
# 
_pdbx_struct_assembly_auth_evidence.id                     1 
_pdbx_struct_assembly_auth_evidence.assembly_id            1 
_pdbx_struct_assembly_auth_evidence.experimental_support   'native gel electrophoresis' 
_pdbx_struct_assembly_auth_evidence.details                ? 
# 
loop_
_pdbx_struct_oper_list.id 
_pdbx_struct_oper_list.type 
_pdbx_struct_oper_list.name 
_pdbx_struct_oper_list.symmetry_operation 
_pdbx_struct_oper_list.matrix[1][1] 
_pdbx_struct_oper_list.matrix[1][2] 
_pdbx_struct_oper_list.matrix[1][3] 
_pdbx_struct_oper_list.vector[1] 
_pdbx_struct_oper_list.matrix[2][1] 
_pdbx_struct_oper_list.matrix[2][2] 
_pdbx_struct_oper_list.matrix[2][3] 
_pdbx_struct_oper_list.vector[2] 
_pdbx_struct_oper_list.matrix[3][1] 
_pdbx_struct_oper_list.matrix[3][2] 
_pdbx_struct_oper_list.matrix[3][3] 
_pdbx_struct_oper_list.vector[3] 
1 'identity operation'         1_555 x,y,z           1.0000000000  0.0000000000  0.0000000000  0.0000000000  0.0000000000  1.0000000000 0.0000000000  0.0000000000  0.0000000000 0.0000000000  1.0000000000  0.0000000000  
2 'crystal symmetry operation' 2_644 -x+1,-y-1,z-1/2 -0.5937792114 -0.7266253996 0.3456034965  60.2410000829 -0.7266253996 0.2997475416 -0.6181965221 -2.3062948349 0.3456034965 -0.6181965221 -0.7059683302 31.6984152597 
3 'crystal symmetry operation' 4_654 y+1,-x,z-1/4    0.2031103943  -0.7467391398 -0.6333457388 42.4551517344 0.0201137402  0.6498737708 -0.7597759666 -5.5592589903 0.9789492352 0.1415794445  0.1470158349  -7.9126599539 
# 
loop_
_struct_conn.id 
_struct_conn.conn_type_id 
_struct_conn.pdbx_leaving_atom_flag 
_struct_conn.pdbx_PDB_id 
_struct_conn.ptnr1_label_asym_id 
_struct_conn.ptnr1_label_comp_id 
_struct_conn.ptnr1_label_seq_id 
_struct_conn.ptnr1_label_atom_id 
_struct_conn.pdbx_ptnr1_label_alt_id 
_struct_conn.pdbx_ptnr1_PDB_ins_code 
_struct_conn.pdbx_ptnr1_standard_comp_id 
_struct_conn.ptnr1_symmetry 
_struct_conn.ptnr2_label_asym_id 
_struct_conn.ptnr2_label_comp_id 
_struct_conn.ptnr2_label_seq_id 
_struct_conn.ptnr2_label_atom_id 
_struct_conn.pdbx_ptnr2_label_alt_id 
_struct_conn.pdbx_ptnr2_PDB_ins_code 
_struct_conn.ptnr1_auth_asym_id 
_struct_conn.ptnr1_auth_comp_id 
_struct_conn.ptnr1_auth_seq_id 
_struct_conn.ptnr2_auth_asym_id 
_struct_conn.ptnr2_auth_comp_id 
_struct_conn.ptnr2_auth_seq_id 
_struct_conn.ptnr2_symmetry 
_struct_conn.pdbx_ptnr3_label_atom_id 
_struct_conn.pdbx_ptnr3_label_seq_id 
_struct_conn.pdbx_ptnr3_label_comp_id 
_struct_conn.pdbx_ptnr3_label_asym_id 
_struct_conn.pdbx_ptnr3_label_alt_id 
_struct_conn.pdbx_ptnr3_PDB_ins_code 
_struct_conn.details 
_struct_conn.pdbx_dist_value 
_struct_conn.pdbx_value_order 
_struct_conn.pdbx_role 
hydrog1  hydrog ? ? A DT 3  N3 ? ? ? 1_555 B DA 3  N1 ? ? A DT 3  D DA 15 1_555 ? ? ? ? ? ? WATSON-CRICK ? ? ? 
hydrog2  hydrog ? ? A DT 3  O4 ? ? ? 1_555 B DA 3  N6 ? ? A DT 3  D DA 15 1_555 ? ? ? ? ? ? WATSON-CRICK ? ? ? 
hydrog3  hydrog ? ? A DG 4  N1 ? ? ? 1_555 B DC 2  N3 ? ? A DG 4  D DC 14 1_555 ? ? ? ? ? ? WATSON-CRICK ? ? ? 
hydrog4  hydrog ? ? A DG 4  N2 ? ? ? 1_555 B DC 2  O2 ? ? A DG 4  D DC 14 1_555 ? ? ? ? ? ? WATSON-CRICK ? ? ? 
hydrog5  hydrog ? ? A DG 4  O6 ? ? ? 1_555 B DC 2  N4 ? ? A DG 4  D DC 14 1_555 ? ? ? ? ? ? WATSON-CRICK ? ? ? 
hydrog6  hydrog ? ? A DT 5  N3 ? ? ? 1_555 B DA 1  N1 ? ? A DT 5  D DA 13 1_555 ? ? ? ? ? ? WATSON-CRICK ? ? ? 
hydrog7  hydrog ? ? A DT 5  O4 ? ? ? 1_555 B DA 1  N6 ? ? A DT 5  D DA 13 1_555 ? ? ? ? ? ? WATSON-CRICK ? ? ? 
hydrog8  hydrog ? ? C DA 4  N1 ? ? ? 1_555 D DT 15 N3 ? ? C DA 9  G DT 15 1_555 ? ? ? ? ? ? WATSON-CRICK ? ? ? 
hydrog9  hydrog ? ? C DA 4  N6 ? ? ? 1_555 D DT 15 O4 ? ? C DA 9  G DT 15 1_555 ? ? ? ? ? ? WATSON-CRICK ? ? ? 
hydrog10 hydrog ? ? C DC 5  N3 ? ? ? 1_555 D DG 14 N1 ? ? C DC 10 G DG 14 1_555 ? ? ? ? ? ? WATSON-CRICK ? ? ? 
hydrog11 hydrog ? ? C DC 5  N4 ? ? ? 1_555 D DG 14 O6 ? ? C DC 10 G DG 14 1_555 ? ? ? ? ? ? WATSON-CRICK ? ? ? 
hydrog12 hydrog ? ? C DC 5  O2 ? ? ? 1_555 D DG 14 N2 ? ? C DC 10 G DG 14 1_555 ? ? ? ? ? ? WATSON-CRICK ? ? ? 
hydrog13 hydrog ? ? C DA 6  N1 ? ? ? 1_555 D DT 13 N3 ? ? C DA 11 G DT 13 1_555 ? ? ? ? ? ? WATSON-CRICK ? ? ? 
hydrog14 hydrog ? ? C DA 6  N6 ? ? ? 1_555 D DT 13 O4 ? ? C DA 11 G DT 13 1_555 ? ? ? ? ? ? WATSON-CRICK ? ? ? 
hydrog15 hydrog ? ? C DG 7  N1 ? ? ? 1_555 D DC 12 N3 ? ? C DG 12 G DC 12 1_555 ? ? ? ? ? ? WATSON-CRICK ? ? ? 
hydrog16 hydrog ? ? C DG 7  N2 ? ? ? 1_555 D DC 12 O2 ? ? C DG 12 G DC 12 1_555 ? ? ? ? ? ? WATSON-CRICK ? ? ? 
hydrog17 hydrog ? ? C DG 7  O6 ? ? ? 1_555 D DC 12 N4 ? ? C DG 12 G DC 12 1_555 ? ? ? ? ? ? WATSON-CRICK ? ? ? 
hydrog18 hydrog ? ? C DC 8  N3 ? ? ? 1_555 D DG 11 N1 ? ? C DC 13 G DG 11 1_555 ? ? ? ? ? ? WATSON-CRICK ? ? ? 
hydrog19 hydrog ? ? C DC 8  N4 ? ? ? 1_555 D DG 11 O6 ? ? C DC 13 G DG 11 1_555 ? ? ? ? ? ? WATSON-CRICK ? ? ? 
hydrog20 hydrog ? ? C DC 8  O2 ? ? ? 1_555 D DG 11 N2 ? ? C DC 13 G DG 11 1_555 ? ? ? ? ? ? WATSON-CRICK ? ? ? 
hydrog21 hydrog ? ? C DA 9  N1 ? ? ? 1_555 D DT 10 N3 ? ? C DA 14 G DT 10 1_555 ? ? ? ? ? ? WATSON-CRICK ? ? ? 
hydrog22 hydrog ? ? C DA 9  N6 ? ? ? 1_555 D DT 10 O4 ? ? C DA 14 G DT 10 1_555 ? ? ? ? ? ? WATSON-CRICK ? ? ? 
hydrog23 hydrog ? ? C DC 10 N3 ? ? ? 1_555 D DG 9  N1 ? ? C DC 15 G DG 9  1_555 ? ? ? ? ? ? WATSON-CRICK ? ? ? 
hydrog24 hydrog ? ? C DC 10 N4 ? ? ? 1_555 D DG 9  O6 ? ? C DC 15 G DG 9  1_555 ? ? ? ? ? ? WATSON-CRICK ? ? ? 
hydrog25 hydrog ? ? C DC 10 O2 ? ? ? 1_555 D DG 9  N2 ? ? C DC 15 G DG 9  1_555 ? ? ? ? ? ? WATSON-CRICK ? ? ? 
hydrog26 hydrog ? ? C DC 11 N3 ? ? ? 1_555 D DG 8  N1 ? ? C DC 16 G DG 8  1_555 ? ? ? ? ? ? WATSON-CRICK ? ? ? 
hydrog27 hydrog ? ? C DC 11 N4 ? ? ? 1_555 D DG 8  O6 ? ? C DC 16 G DG 8  1_555 ? ? ? ? ? ? WATSON-CRICK ? ? ? 
hydrog28 hydrog ? ? C DC 11 O2 ? ? ? 1_555 D DG 8  N2 ? ? C DC 16 G DG 8  1_555 ? ? ? ? ? ? WATSON-CRICK ? ? ? 
hydrog29 hydrog ? ? C DT 12 N3 ? ? ? 1_555 D DA 7  N1 ? ? C DT 17 G DA 7  1_555 ? ? ? ? ? ? WATSON-CRICK ? ? ? 
hydrog30 hydrog ? ? C DT 12 O4 ? ? ? 1_555 D DA 7  N6 ? ? C DT 17 G DA 7  1_555 ? ? ? ? ? ? WATSON-CRICK ? ? ? 
hydrog31 hydrog ? ? C DC 13 N3 ? ? ? 1_555 D DG 6  N1 ? ? C DC 18 G DG 6  1_555 ? ? ? ? ? ? WATSON-CRICK ? ? ? 
hydrog32 hydrog ? ? C DC 13 N4 ? ? ? 1_555 D DG 6  O6 ? ? C DC 18 G DG 6  1_555 ? ? ? ? ? ? WATSON-CRICK ? ? ? 
hydrog33 hydrog ? ? C DC 13 O2 ? ? ? 1_555 D DG 6  N2 ? ? C DC 18 G DG 6  1_555 ? ? ? ? ? ? WATSON-CRICK ? ? ? 
hydrog34 hydrog ? ? C DG 14 N1 ? ? ? 1_555 D DC 5  N3 ? ? C DG 19 G DC 5  1_555 ? ? ? ? ? ? WATSON-CRICK ? ? ? 
hydrog35 hydrog ? ? C DG 14 N2 ? ? ? 1_555 D DC 5  O2 ? ? C DG 19 G DC 5  1_555 ? ? ? ? ? ? WATSON-CRICK ? ? ? 
hydrog36 hydrog ? ? C DG 14 O6 ? ? ? 1_555 D DC 5  N4 ? ? C DG 19 G DC 5  1_555 ? ? ? ? ? ? WATSON-CRICK ? ? ? 
hydrog37 hydrog ? ? C DC 15 N3 ? ? ? 1_555 D DG 4  N1 ? ? C DC 20 G DG 4  1_555 ? ? ? ? ? ? WATSON-CRICK ? ? ? 
hydrog38 hydrog ? ? C DC 15 N4 ? ? ? 1_555 D DG 4  O6 ? ? C DC 20 G DG 4  1_555 ? ? ? ? ? ? WATSON-CRICK ? ? ? 
hydrog39 hydrog ? ? C DC 15 O2 ? ? ? 1_555 D DG 4  N2 ? ? C DC 20 G DG 4  1_555 ? ? ? ? ? ? WATSON-CRICK ? ? ? 
hydrog40 hydrog ? ? C DA 16 N1 ? ? ? 1_555 D DT 3  N3 ? ? C DA 21 G DT 3  1_555 ? ? ? ? ? ? WATSON-CRICK ? ? ? 
hydrog41 hydrog ? ? C DA 16 N6 ? ? ? 1_555 D DT 3  O4 ? ? C DA 21 G DT 3  1_555 ? ? ? ? ? ? WATSON-CRICK ? ? ? 
hydrog42 hydrog ? ? B DC 4  N3 ? ? ? 1_555 C DG 3  N1 ? ? D DC 16 C DG 8  1_555 ? ? ? ? ? ? WATSON-CRICK ? ? ? 
hydrog43 hydrog ? ? B DC 4  N4 ? ? ? 1_555 C DG 3  O6 ? ? D DC 16 C DG 8  1_555 ? ? ? ? ? ? WATSON-CRICK ? ? ? 
hydrog44 hydrog ? ? B DC 4  O2 ? ? ? 1_555 C DG 3  N2 ? ? D DC 16 C DG 8  1_555 ? ? ? ? ? ? WATSON-CRICK ? ? ? 
hydrog45 hydrog ? ? B DC 5  N3 ? ? ? 1_555 C DG 2  N1 ? ? D DC 17 C DG 7  1_555 ? ? ? ? ? ? WATSON-CRICK ? ? ? 
hydrog46 hydrog ? ? B DC 5  N4 ? ? ? 1_555 C DG 2  O6 ? ? D DC 17 C DG 7  1_555 ? ? ? ? ? ? WATSON-CRICK ? ? ? 
hydrog47 hydrog ? ? B DC 5  O2 ? ? ? 1_555 C DG 2  N2 ? ? D DC 17 C DG 7  1_555 ? ? ? ? ? ? WATSON-CRICK ? ? ? 
hydrog48 hydrog ? ? B DG 6  N1 ? ? ? 1_555 C DC 1  N3 ? ? D DG 18 C DC 6  1_555 ? ? ? ? ? ? WATSON-CRICK ? ? ? 
hydrog49 hydrog ? ? B DG 6  N2 ? ? ? 1_555 C DC 1  O2 ? ? D DG 18 C DC 6  1_555 ? ? ? ? ? ? WATSON-CRICK ? ? ? 
hydrog50 hydrog ? ? B DG 6  O6 ? ? ? 1_555 C DC 1  N4 ? ? D DG 18 C DC 6  1_555 ? ? ? ? ? ? WATSON-CRICK ? ? ? 
# 
_struct_conn_type.id          hydrog 
_struct_conn_type.criteria    ? 
_struct_conn_type.reference   ? 
# 
_pdbx_entry_details.entry_id                   9NOK 
_pdbx_entry_details.compound_details           ? 
_pdbx_entry_details.source_details             ? 
_pdbx_entry_details.nonpolymer_details         ? 
_pdbx_entry_details.sequence_details           ? 
_pdbx_entry_details.has_ligand_of_interest     ? 
_pdbx_entry_details.has_protein_modification   N 
# 
loop_
_space_group_symop.id 
_space_group_symop.operation_xyz 
1 x,y,z       
2 -y,x,z+1/4  
3 y,-x,z+3/4  
4 -x,-y,z+1/2 
# 
loop_
_pdbx_refine_tls.id 
_pdbx_refine_tls.pdbx_refine_id 
_pdbx_refine_tls.details 
_pdbx_refine_tls.method 
_pdbx_refine_tls.origin_x 
_pdbx_refine_tls.origin_y 
_pdbx_refine_tls.origin_z 
_pdbx_refine_tls.T[1][1] 
_pdbx_refine_tls.T[1][1]_esd 
_pdbx_refine_tls.T[1][2] 
_pdbx_refine_tls.T[1][2]_esd 
_pdbx_refine_tls.T[1][3] 
_pdbx_refine_tls.T[1][3]_esd 
_pdbx_refine_tls.T[2][2] 
_pdbx_refine_tls.T[2][2]_esd 
_pdbx_refine_tls.T[2][3] 
_pdbx_refine_tls.T[2][3]_esd 
_pdbx_refine_tls.T[3][3] 
_pdbx_refine_tls.T[3][3]_esd 
_pdbx_refine_tls.L[1][1] 
_pdbx_refine_tls.L[1][1]_esd 
_pdbx_refine_tls.L[1][2] 
_pdbx_refine_tls.L[1][2]_esd 
_pdbx_refine_tls.L[1][3] 
_pdbx_refine_tls.L[1][3]_esd 
_pdbx_refine_tls.L[2][2] 
_pdbx_refine_tls.L[2][2]_esd 
_pdbx_refine_tls.L[2][3] 
_pdbx_refine_tls.L[2][3]_esd 
_pdbx_refine_tls.L[3][3] 
_pdbx_refine_tls.L[3][3]_esd 
_pdbx_refine_tls.S[1][1] 
_pdbx_refine_tls.S[1][1]_esd 
_pdbx_refine_tls.S[1][2] 
_pdbx_refine_tls.S[1][2]_esd 
_pdbx_refine_tls.S[1][3] 
_pdbx_refine_tls.S[1][3]_esd 
_pdbx_refine_tls.S[2][1] 
_pdbx_refine_tls.S[2][1]_esd 
_pdbx_refine_tls.S[2][2] 
_pdbx_refine_tls.S[2][2]_esd 
_pdbx_refine_tls.S[2][3] 
_pdbx_refine_tls.S[2][3]_esd 
_pdbx_refine_tls.S[3][1] 
_pdbx_refine_tls.S[3][1]_esd 
_pdbx_refine_tls.S[3][2] 
_pdbx_refine_tls.S[3][2]_esd 
_pdbx_refine_tls.S[3][3] 
_pdbx_refine_tls.S[3][3]_esd 
1 'X-RAY DIFFRACTION' ? refined 8.1592855568   26.1113214907  -5.0664723504  4.4788842291   ? 1.71210340888   ? -1.93146742439  ? 4.18034913199 ? -1.054527187673 ? 2.49012022961  ? 8.90279437494  ? -1.95500363494 ? 0.55018163103  ? 0.93897981493  ? -1.59336390758  ? 8.42934809372 ? -2.637698309523 ? 1.53324209254  ? 0.44689979027   ? 1.534301117997  ? 1.18581969093   ? -0.504393520845 ? -1.70268456772  ? 1.51590021359  ? 2.25182131901  ? 
2 'X-RAY DIFFRACTION' ? refined 14.3201015870  16.4052687317  4.64863442032  0.845788748334 ? -2.50745764141  ? -0.059267714018 ? 3.24443914589 ? 2.81112961420   ? 2.50896354958  ? 0.50359661028  ? 1.582126087032 ? -0.37408016134 ? 5.384090069172 ? -1.193143787238 ? 1.19331623466 ? -0.490868317671 ? 0.142192481002 ? -0.120891368587 ? 0.56575038428   ? -0.526736806887 ? -0.367005558138 ? 0.707177894494  ? 0.431071537528 ? 0.873330294332 ? 
3 'X-RAY DIFFRACTION' ? refined 16.1810973588  2.128499724    5.17380470248  2.39459459396  ? 0.53191256558   ? -2.18380206772  ? 2.47396518439 ? 0.82905133873   ? 2.729753720133 ? 6.97346197744  ? 0.29087713650  ? -0.56695511230 ? 0.03641015638  ? 0.36276716938   ? 4.14558934745 ? 1.33424112665   ? 1.93986006044  ? -1.34449928225  ? -0.14605705829  ? -1.64437432721  ? -1.078398367742 ? 0.82351739523   ? 3.32394967445  ? 1.33248006535  ? 
4 'X-RAY DIFFRACTION' ? refined -1.13567187013 -0.3255213286  -1.47961440130 2.4005381247   ? -1.46889879661  ? 0.681680968896  ? 3.30517676543 ? 0.38243222255   ? 7.32580127128  ? 7.58328023902  ? 1.637967431    ? 1.09950280385  ? 3.411819679201 ? -2.01784935799  ? 1.82449902457 ? -0.688074590805 ? 2.152614532457 ? -2.6092479629   ? 0.309847868002  ? 0.75894698285   ? 3.340937231869  ? -1.061539135305 ? 2.07130123232  ? 0.75206110428  ? 
5 'X-RAY DIFFRACTION' ? refined -13.9551756808 -15.6360988213 0.91131856304  2.21857680293  ? -0.846791968752 ? -0.350143824717 ? 2.58614999296 ? -0.410076596304 ? 4.36941830880  ? 8.16198141820  ? -2.54036536358 ? -2.8447714319  ? 3.06173791777  ? 0.16275330373   ? 1.2172591841  ? 0.427270938265  ? 1.94279978406  ? 0.34801383437   ? -0.030296252061 ? -0.805479203595 ? -1.710700181310 ? 0.30755766153   ? 0.2644542827   ? 0.6274181249   ? 
6 'X-RAY DIFFRACTION' ? refined -7.6090491313  -9.072629579   -1.77946963668 3.61909350670  ? -0.77052148668  ? -0.826011096515 ? 3.0221959246  ? -0.737573050238 ? 3.69884312124  ? -0.10137041996 ? 2.94130848194  ? -4.87073500575 ? 5.26541937321  ? -5.17038422855  ? 2.43773508012 ? 3.10389359605   ? -0.3137934966  ? -0.37963486497  ? 3.266472622093  ? -2.96692563624  ? 0.57274116893   ? -0.321919821234 ? 3.219298145789 ? 0.33017404716  ? 
# 
loop_
_pdbx_refine_tls_group.id 
_pdbx_refine_tls_group.pdbx_refine_id 
_pdbx_refine_tls_group.refine_tls_id 
_pdbx_refine_tls_group.beg_label_asym_id 
_pdbx_refine_tls_group.beg_label_seq_id 
_pdbx_refine_tls_group.beg_auth_asym_id 
_pdbx_refine_tls_group.beg_auth_seq_id 
_pdbx_refine_tls_group.beg_PDB_ins_code 
_pdbx_refine_tls_group.end_label_asym_id 
_pdbx_refine_tls_group.end_label_seq_id 
_pdbx_refine_tls_group.end_auth_asym_id 
_pdbx_refine_tls_group.end_auth_seq_id 
_pdbx_refine_tls_group.end_PDB_ins_code 
_pdbx_refine_tls_group.selection 
_pdbx_refine_tls_group.selection_details 
1 'X-RAY DIFFRACTION' 1 A ? A 1  ? A ? A 5  ? ? 
;chain 'A' and (resid 1 through 5 )
;
2 'X-RAY DIFFRACTION' 2 B ? D 13 ? B ? D 18 ? ? 
;chain 'D' and (resid 13 through 18 )
;
3 'X-RAY DIFFRACTION' 3 C ? C 6  ? C ? C 10 ? ? 
;chain 'C' and (resid 6 through 10 )
;
4 'X-RAY DIFFRACTION' 4 C ? C 11 ? C ? C 15 ? ? 
;chain 'C' and (resid 11 through 15 )
;
5 'X-RAY DIFFRACTION' 5 C ? C 16 ? C ? C 21 ? ? 
;chain 'C' and (resid 16 through 21 )
;
6 'X-RAY DIFFRACTION' 6 D ? G 1  ? D ? G 15 ? ? 
;chain 'G' and (resid 1 through 15 )
;
# 
loop_
_chem_comp_atom.comp_id 
_chem_comp_atom.atom_id 
_chem_comp_atom.type_symbol 
_chem_comp_atom.pdbx_aromatic_flag 
_chem_comp_atom.pdbx_stereo_config 
_chem_comp_atom.pdbx_ordinal 
DA OP3    O N N 1   
DA P      P N N 2   
DA OP1    O N N 3   
DA OP2    O N N 4   
DA "O5'"  O N N 5   
DA "C5'"  C N N 6   
DA "C4'"  C N R 7   
DA "O4'"  O N N 8   
DA "C3'"  C N S 9   
DA "O3'"  O N N 10  
DA "C2'"  C N N 11  
DA "C1'"  C N R 12  
DA N9     N Y N 13  
DA C8     C Y N 14  
DA N7     N Y N 15  
DA C5     C Y N 16  
DA C6     C Y N 17  
DA N6     N N N 18  
DA N1     N Y N 19  
DA C2     C Y N 20  
DA N3     N Y N 21  
DA C4     C Y N 22  
DA HOP3   H N N 23  
DA HOP2   H N N 24  
DA "H5'"  H N N 25  
DA "H5''" H N N 26  
DA "H4'"  H N N 27  
DA "H3'"  H N N 28  
DA "HO3'" H N N 29  
DA "H2'"  H N N 30  
DA "H2''" H N N 31  
DA "H1'"  H N N 32  
DA H8     H N N 33  
DA H61    H N N 34  
DA H62    H N N 35  
DA H2     H N N 36  
DC OP3    O N N 37  
DC P      P N N 38  
DC OP1    O N N 39  
DC OP2    O N N 40  
DC "O5'"  O N N 41  
DC "C5'"  C N N 42  
DC "C4'"  C N R 43  
DC "O4'"  O N N 44  
DC "C3'"  C N S 45  
DC "O3'"  O N N 46  
DC "C2'"  C N N 47  
DC "C1'"  C N R 48  
DC N1     N N N 49  
DC C2     C N N 50  
DC O2     O N N 51  
DC N3     N N N 52  
DC C4     C N N 53  
DC N4     N N N 54  
DC C5     C N N 55  
DC C6     C N N 56  
DC HOP3   H N N 57  
DC HOP2   H N N 58  
DC "H5'"  H N N 59  
DC "H5''" H N N 60  
DC "H4'"  H N N 61  
DC "H3'"  H N N 62  
DC "HO3'" H N N 63  
DC "H2'"  H N N 64  
DC "H2''" H N N 65  
DC "H1'"  H N N 66  
DC H41    H N N 67  
DC H42    H N N 68  
DC H5     H N N 69  
DC H6     H N N 70  
DG OP3    O N N 71  
DG P      P N N 72  
DG OP1    O N N 73  
DG OP2    O N N 74  
DG "O5'"  O N N 75  
DG "C5'"  C N N 76  
DG "C4'"  C N R 77  
DG "O4'"  O N N 78  
DG "C3'"  C N S 79  
DG "O3'"  O N N 80  
DG "C2'"  C N N 81  
DG "C1'"  C N R 82  
DG N9     N Y N 83  
DG C8     C Y N 84  
DG N7     N Y N 85  
DG C5     C Y N 86  
DG C6     C N N 87  
DG O6     O N N 88  
DG N1     N N N 89  
DG C2     C N N 90  
DG N2     N N N 91  
DG N3     N N N 92  
DG C4     C Y N 93  
DG HOP3   H N N 94  
DG HOP2   H N N 95  
DG "H5'"  H N N 96  
DG "H5''" H N N 97  
DG "H4'"  H N N 98  
DG "H3'"  H N N 99  
DG "HO3'" H N N 100 
DG "H2'"  H N N 101 
DG "H2''" H N N 102 
DG "H1'"  H N N 103 
DG H8     H N N 104 
DG H1     H N N 105 
DG H21    H N N 106 
DG H22    H N N 107 
DT OP3    O N N 108 
DT P      P N N 109 
DT OP1    O N N 110 
DT OP2    O N N 111 
DT "O5'"  O N N 112 
DT "C5'"  C N N 113 
DT "C4'"  C N R 114 
DT "O4'"  O N N 115 
DT "C3'"  C N S 116 
DT "O3'"  O N N 117 
DT "C2'"  C N N 118 
DT "C1'"  C N R 119 
DT N1     N N N 120 
DT C2     C N N 121 
DT O2     O N N 122 
DT N3     N N N 123 
DT C4     C N N 124 
DT O4     O N N 125 
DT C5     C N N 126 
DT C7     C N N 127 
DT C6     C N N 128 
DT HOP3   H N N 129 
DT HOP2   H N N 130 
DT "H5'"  H N N 131 
DT "H5''" H N N 132 
DT "H4'"  H N N 133 
DT "H3'"  H N N 134 
DT "HO3'" H N N 135 
DT "H2'"  H N N 136 
DT "H2''" H N N 137 
DT "H1'"  H N N 138 
DT H3     H N N 139 
DT H71    H N N 140 
DT H72    H N N 141 
DT H73    H N N 142 
DT H6     H N N 143 
# 
loop_
_chem_comp_bond.comp_id 
_chem_comp_bond.atom_id_1 
_chem_comp_bond.atom_id_2 
_chem_comp_bond.value_order 
_chem_comp_bond.pdbx_aromatic_flag 
_chem_comp_bond.pdbx_stereo_config 
_chem_comp_bond.pdbx_ordinal 
DA OP3   P      sing N N 1   
DA OP3   HOP3   sing N N 2   
DA P     OP1    doub N N 3   
DA P     OP2    sing N N 4   
DA P     "O5'"  sing N N 5   
DA OP2   HOP2   sing N N 6   
DA "O5'" "C5'"  sing N N 7   
DA "C5'" "C4'"  sing N N 8   
DA "C5'" "H5'"  sing N N 9   
DA "C5'" "H5''" sing N N 10  
DA "C4'" "O4'"  sing N N 11  
DA "C4'" "C3'"  sing N N 12  
DA "C4'" "H4'"  sing N N 13  
DA "O4'" "C1'"  sing N N 14  
DA "C3'" "O3'"  sing N N 15  
DA "C3'" "C2'"  sing N N 16  
DA "C3'" "H3'"  sing N N 17  
DA "O3'" "HO3'" sing N N 18  
DA "C2'" "C1'"  sing N N 19  
DA "C2'" "H2'"  sing N N 20  
DA "C2'" "H2''" sing N N 21  
DA "C1'" N9     sing N N 22  
DA "C1'" "H1'"  sing N N 23  
DA N9    C8     sing Y N 24  
DA N9    C4     sing Y N 25  
DA C8    N7     doub Y N 26  
DA C8    H8     sing N N 27  
DA N7    C5     sing Y N 28  
DA C5    C6     sing Y N 29  
DA C5    C4     doub Y N 30  
DA C6    N6     sing N N 31  
DA C6    N1     doub Y N 32  
DA N6    H61    sing N N 33  
DA N6    H62    sing N N 34  
DA N1    C2     sing Y N 35  
DA C2    N3     doub Y N 36  
DA C2    H2     sing N N 37  
DA N3    C4     sing Y N 38  
DC OP3   P      sing N N 39  
DC OP3   HOP3   sing N N 40  
DC P     OP1    doub N N 41  
DC P     OP2    sing N N 42  
DC P     "O5'"  sing N N 43  
DC OP2   HOP2   sing N N 44  
DC "O5'" "C5'"  sing N N 45  
DC "C5'" "C4'"  sing N N 46  
DC "C5'" "H5'"  sing N N 47  
DC "C5'" "H5''" sing N N 48  
DC "C4'" "O4'"  sing N N 49  
DC "C4'" "C3'"  sing N N 50  
DC "C4'" "H4'"  sing N N 51  
DC "O4'" "C1'"  sing N N 52  
DC "C3'" "O3'"  sing N N 53  
DC "C3'" "C2'"  sing N N 54  
DC "C3'" "H3'"  sing N N 55  
DC "O3'" "HO3'" sing N N 56  
DC "C2'" "C1'"  sing N N 57  
DC "C2'" "H2'"  sing N N 58  
DC "C2'" "H2''" sing N N 59  
DC "C1'" N1     sing N N 60  
DC "C1'" "H1'"  sing N N 61  
DC N1    C2     sing N N 62  
DC N1    C6     sing N N 63  
DC C2    O2     doub N N 64  
DC C2    N3     sing N N 65  
DC N3    C4     doub N N 66  
DC C4    N4     sing N N 67  
DC C4    C5     sing N N 68  
DC N4    H41    sing N N 69  
DC N4    H42    sing N N 70  
DC C5    C6     doub N N 71  
DC C5    H5     sing N N 72  
DC C6    H6     sing N N 73  
DG OP3   P      sing N N 74  
DG OP3   HOP3   sing N N 75  
DG P     OP1    doub N N 76  
DG P     OP2    sing N N 77  
DG P     "O5'"  sing N N 78  
DG OP2   HOP2   sing N N 79  
DG "O5'" "C5'"  sing N N 80  
DG "C5'" "C4'"  sing N N 81  
DG "C5'" "H5'"  sing N N 82  
DG "C5'" "H5''" sing N N 83  
DG "C4'" "O4'"  sing N N 84  
DG "C4'" "C3'"  sing N N 85  
DG "C4'" "H4'"  sing N N 86  
DG "O4'" "C1'"  sing N N 87  
DG "C3'" "O3'"  sing N N 88  
DG "C3'" "C2'"  sing N N 89  
DG "C3'" "H3'"  sing N N 90  
DG "O3'" "HO3'" sing N N 91  
DG "C2'" "C1'"  sing N N 92  
DG "C2'" "H2'"  sing N N 93  
DG "C2'" "H2''" sing N N 94  
DG "C1'" N9     sing N N 95  
DG "C1'" "H1'"  sing N N 96  
DG N9    C8     sing Y N 97  
DG N9    C4     sing Y N 98  
DG C8    N7     doub Y N 99  
DG C8    H8     sing N N 100 
DG N7    C5     sing Y N 101 
DG C5    C6     sing N N 102 
DG C5    C4     doub Y N 103 
DG C6    O6     doub N N 104 
DG C6    N1     sing N N 105 
DG N1    C2     sing N N 106 
DG N1    H1     sing N N 107 
DG C2    N2     sing N N 108 
DG C2    N3     doub N N 109 
DG N2    H21    sing N N 110 
DG N2    H22    sing N N 111 
DG N3    C4     sing N N 112 
DT OP3   P      sing N N 113 
DT OP3   HOP3   sing N N 114 
DT P     OP1    doub N N 115 
DT P     OP2    sing N N 116 
DT P     "O5'"  sing N N 117 
DT OP2   HOP2   sing N N 118 
DT "O5'" "C5'"  sing N N 119 
DT "C5'" "C4'"  sing N N 120 
DT "C5'" "H5'"  sing N N 121 
DT "C5'" "H5''" sing N N 122 
DT "C4'" "O4'"  sing N N 123 
DT "C4'" "C3'"  sing N N 124 
DT "C4'" "H4'"  sing N N 125 
DT "O4'" "C1'"  sing N N 126 
DT "C3'" "O3'"  sing N N 127 
DT "C3'" "C2'"  sing N N 128 
DT "C3'" "H3'"  sing N N 129 
DT "O3'" "HO3'" sing N N 130 
DT "C2'" "C1'"  sing N N 131 
DT "C2'" "H2'"  sing N N 132 
DT "C2'" "H2''" sing N N 133 
DT "C1'" N1     sing N N 134 
DT "C1'" "H1'"  sing N N 135 
DT N1    C2     sing N N 136 
DT N1    C6     sing N N 137 
DT C2    O2     doub N N 138 
DT C2    N3     sing N N 139 
DT N3    C4     sing N N 140 
DT N3    H3     sing N N 141 
DT C4    O4     doub N N 142 
DT C4    C5     sing N N 143 
DT C5    C7     sing N N 144 
DT C5    C6     doub N N 145 
DT C7    H71    sing N N 146 
DT C7    H72    sing N N 147 
DT C7    H73    sing N N 148 
DT C6    H6     sing N N 149 
# 
loop_
_ndb_struct_conf_na.entry_id 
_ndb_struct_conf_na.feature 
9NOK 'double helix'        
9NOK 'b-form double helix' 
# 
loop_
_ndb_struct_na_base_pair.model_number 
_ndb_struct_na_base_pair.i_label_asym_id 
_ndb_struct_na_base_pair.i_label_comp_id 
_ndb_struct_na_base_pair.i_label_seq_id 
_ndb_struct_na_base_pair.i_symmetry 
_ndb_struct_na_base_pair.j_label_asym_id 
_ndb_struct_na_base_pair.j_label_comp_id 
_ndb_struct_na_base_pair.j_label_seq_id 
_ndb_struct_na_base_pair.j_symmetry 
_ndb_struct_na_base_pair.shear 
_ndb_struct_na_base_pair.stretch 
_ndb_struct_na_base_pair.stagger 
_ndb_struct_na_base_pair.buckle 
_ndb_struct_na_base_pair.propeller 
_ndb_struct_na_base_pair.opening 
_ndb_struct_na_base_pair.pair_number 
_ndb_struct_na_base_pair.pair_name 
_ndb_struct_na_base_pair.i_auth_asym_id 
_ndb_struct_na_base_pair.i_auth_seq_id 
_ndb_struct_na_base_pair.i_PDB_ins_code 
_ndb_struct_na_base_pair.j_auth_asym_id 
_ndb_struct_na_base_pair.j_auth_seq_id 
_ndb_struct_na_base_pair.j_PDB_ins_code 
_ndb_struct_na_base_pair.hbond_type_28 
_ndb_struct_na_base_pair.hbond_type_12 
1 A DT 3  1_555 B DA 3  1_555 -0.187 -0.066 0.102  2.923  -1.973 -3.272 1  A_DT3:DA15_D  A 3  ? D 15 ? 20 1 
1 A DG 4  1_555 B DC 2  1_555 -0.201 -0.173 0.266  0.415  -6.915 -2.662 2  A_DG4:DC14_D  A 4  ? D 14 ? 19 1 
1 A DT 5  1_555 B DA 1  1_555 -0.106 -0.149 0.178  -2.779 -6.918 0.292  3  A_DT5:DA13_D  A 5  ? D 13 ? 20 1 
1 C DC 1  1_555 B DG 6  1_555 0.178  -0.154 -0.054 1.923  -4.521 -1.926 4  C_DC6:DG18_D  C 6  ? D 18 ? 19 1 
1 C DG 2  1_555 B DC 5  1_555 -0.155 -0.154 0.251  -0.418 -9.677 -0.937 5  C_DG7:DC17_D  C 7  ? D 17 ? 19 1 
1 C DG 3  1_555 B DC 4  1_555 -0.219 -0.151 -0.196 -2.279 -7.710 0.625  6  C_DG8:DC16_D  C 8  ? D 16 ? 19 1 
1 C DA 4  1_555 D DT 15 1_555 0.073  -0.127 -0.206 -1.581 -4.853 0.572  7  C_DA9:DT15_G  C 9  ? G 15 ? 20 1 
1 C DC 5  1_555 D DG 14 1_555 0.205  -0.111 -0.036 -3.234 -4.190 0.896  8  C_DC10:DG14_G C 10 ? G 14 ? 19 1 
1 C DA 6  1_555 D DT 13 1_555 0.103  -0.095 0.061  1.399  -1.219 -1.122 9  C_DA11:DT13_G C 11 ? G 13 ? 20 1 
1 C DG 7  1_555 D DC 12 1_555 -0.182 -0.125 -0.031 -0.391 -4.368 0.581  10 C_DG12:DC12_G C 12 ? G 12 ? 19 1 
1 C DC 8  1_555 D DG 11 1_555 0.199  -0.111 -0.019 -2.550 -2.963 -1.085 11 C_DC13:DG11_G C 13 ? G 11 ? 19 1 
1 C DA 9  1_555 D DT 10 1_555 0.119  -0.120 0.087  -0.900 -3.587 -1.630 12 C_DA14:DT10_G C 14 ? G 10 ? 20 1 
1 C DC 10 1_555 D DG 9  1_555 0.216  -0.149 0.037  -0.093 -1.310 1.085  13 C_DC15:DG9_G  C 15 ? G 9  ? 19 1 
1 C DC 11 1_555 D DG 8  1_555 0.174  -0.116 0.120  -0.170 -2.559 0.102  14 C_DC16:DG8_G  C 16 ? G 8  ? 19 1 
1 C DT 12 1_555 D DA 7  1_555 0.009  -0.204 0.034  -0.037 -4.169 7.747  15 C_DT17:DA7_G  C 17 ? G 7  ? 20 1 
1 C DC 13 1_555 D DG 6  1_555 0.186  -0.114 0.069  1.366  -1.677 -0.922 16 C_DC18:DG6_G  C 18 ? G 6  ? 19 1 
1 C DG 14 1_555 D DC 5  1_555 -0.172 -0.129 0.245  1.551  0.269  -1.374 17 C_DG19:DC5_G  C 19 ? G 5  ? 19 1 
1 C DC 15 1_555 D DG 4  1_555 0.164  -0.127 0.071  3.586  -1.298 -1.167 18 C_DC20:DG4_G  C 20 ? G 4  ? 19 1 
1 C DA 16 1_555 D DT 3  1_555 -0.029 -0.082 0.298  1.947  -5.062 -3.077 19 C_DA21:DT3_G  C 21 ? G 3  ? 20 1 
# 
loop_
_ndb_struct_na_base_pair_step.model_number 
_ndb_struct_na_base_pair_step.i_label_asym_id_1 
_ndb_struct_na_base_pair_step.i_label_comp_id_1 
_ndb_struct_na_base_pair_step.i_label_seq_id_1 
_ndb_struct_na_base_pair_step.i_symmetry_1 
_ndb_struct_na_base_pair_step.j_label_asym_id_1 
_ndb_struct_na_base_pair_step.j_label_comp_id_1 
_ndb_struct_na_base_pair_step.j_label_seq_id_1 
_ndb_struct_na_base_pair_step.j_symmetry_1 
_ndb_struct_na_base_pair_step.i_label_asym_id_2 
_ndb_struct_na_base_pair_step.i_label_comp_id_2 
_ndb_struct_na_base_pair_step.i_label_seq_id_2 
_ndb_struct_na_base_pair_step.i_symmetry_2 
_ndb_struct_na_base_pair_step.j_label_asym_id_2 
_ndb_struct_na_base_pair_step.j_label_comp_id_2 
_ndb_struct_na_base_pair_step.j_label_seq_id_2 
_ndb_struct_na_base_pair_step.j_symmetry_2 
_ndb_struct_na_base_pair_step.shift 
_ndb_struct_na_base_pair_step.slide 
_ndb_struct_na_base_pair_step.rise 
_ndb_struct_na_base_pair_step.tilt 
_ndb_struct_na_base_pair_step.roll 
_ndb_struct_na_base_pair_step.twist 
_ndb_struct_na_base_pair_step.x_displacement 
_ndb_struct_na_base_pair_step.y_displacement 
_ndb_struct_na_base_pair_step.helical_rise 
_ndb_struct_na_base_pair_step.inclination 
_ndb_struct_na_base_pair_step.tip 
_ndb_struct_na_base_pair_step.helical_twist 
_ndb_struct_na_base_pair_step.step_number 
_ndb_struct_na_base_pair_step.step_name 
_ndb_struct_na_base_pair_step.i_auth_asym_id_1 
_ndb_struct_na_base_pair_step.i_auth_seq_id_1 
_ndb_struct_na_base_pair_step.i_PDB_ins_code_1 
_ndb_struct_na_base_pair_step.j_auth_asym_id_1 
_ndb_struct_na_base_pair_step.j_auth_seq_id_1 
_ndb_struct_na_base_pair_step.j_PDB_ins_code_1 
_ndb_struct_na_base_pair_step.i_auth_asym_id_2 
_ndb_struct_na_base_pair_step.i_auth_seq_id_2 
_ndb_struct_na_base_pair_step.i_PDB_ins_code_2 
_ndb_struct_na_base_pair_step.j_auth_asym_id_2 
_ndb_struct_na_base_pair_step.j_auth_seq_id_2 
_ndb_struct_na_base_pair_step.j_PDB_ins_code_2 
1 A DT 3  1_555 B DA 3  1_555 A DG 4  1_555 B DC 2  1_555 -0.049 -0.044 2.985 -4.450 3.573  48.001 -0.308 -0.256 2.967 4.374  
5.448  48.319 1  AA_DT3DG4:DC14DA15_DD   A 3  ? D 15 ? A 4  ? D 14 ? 
1 A DG 4  1_555 B DC 2  1_555 A DT 5  1_555 B DA 1  1_555 0.492  -1.646 3.211 1.012  -2.370 32.137 -2.542 -0.705 3.334 -4.273 
-1.824 32.238 2  AA_DG4DT5:DA13DC14_DD   A 4  ? D 14 ? A 5  ? D 13 ? 
1 C DC 1  1_555 B DG 6  1_555 C DG 2  1_555 B DC 5  1_555 -0.262 3.385  4.186 1.714  -6.246 42.941 5.308  0.556  3.670 -8.474 
-2.326 43.404 3  CC_DC6DG7:DC17DG18_DD   C 6  ? D 18 ? C 7  ? D 17 ? 
1 C DG 2  1_555 B DC 5  1_555 C DG 3  1_555 B DC 4  1_555 0.406  0.106  3.456 -4.024 -1.222 37.728 0.326  -1.164 3.392 -1.883 
6.199  37.953 4  CC_DG7DG8:DC16DC17_DD   C 7  ? D 17 ? C 8  ? D 16 ? 
1 C DG 3  1_555 B DC 4  1_555 C DA 4  1_555 D DT 15 1_555 -0.286 -0.662 3.037 1.467  1.774  38.102 -1.219 0.608  2.992 2.715  
-2.245 38.169 5  CC_DG8DA9:DT15DC16_GD   C 8  ? D 16 ? C 9  ? G 15 ? 
1 C DA 4  1_555 D DT 15 1_555 C DC 5  1_555 D DG 14 1_555 -0.541 -0.887 3.235 -1.845 -2.648 38.983 -1.007 0.587  3.307 -3.960 
2.759  39.111 6  CC_DA9DC10:DG14DT15_GG  C 9  ? G 15 ? C 10 ? G 14 ? 
1 C DC 5  1_555 D DG 14 1_555 C DA 6  1_555 D DT 13 1_555 -0.426 -0.571 3.197 3.122  2.960  31.215 -1.583 1.345  3.075 5.468  
-5.767 31.502 7  CC_DC10DA11:DT13DG14_GG C 10 ? G 14 ? C 11 ? G 13 ? 
1 C DA 6  1_555 D DT 13 1_555 C DG 7  1_555 D DC 12 1_555 -0.428 -0.288 3.595 -0.335 -2.954 34.291 0.022  0.665  3.611 -4.998 
0.567  34.416 8  CC_DA11DG12:DC12DT13_GG C 11 ? G 13 ? C 12 ? G 12 ? 
1 C DG 7  1_555 D DC 12 1_555 C DC 8  1_555 D DG 11 1_555 -0.516 -0.942 3.233 -1.942 -2.526 36.477 -1.153 0.554  3.310 -4.025 
3.096  36.611 9  CC_DG12DC13:DG11DC12_GG C 12 ? G 12 ? C 13 ? G 11 ? 
1 C DC 8  1_555 D DG 11 1_555 C DA 9  1_555 D DT 10 1_555 0.008  -0.927 3.186 -1.052 4.115  35.263 -2.097 -0.161 3.060 6.762  
1.729  35.510 10 CC_DC13DA14:DT10DG11_GG C 13 ? G 11 ? C 14 ? G 10 ? 
1 C DA 9  1_555 D DT 10 1_555 C DC 10 1_555 D DG 9  1_555 0.087  -0.975 3.165 0.445  -1.102 35.289 -1.448 -0.080 3.194 -1.817 
-0.734 35.308 11 CC_DA14DC15:DG9DT10_GG  C 14 ? G 10 ? C 15 ? G 9  ? 
1 C DC 10 1_555 D DG 9  1_555 C DC 11 1_555 D DG 8  1_555 0.481  0.266  3.151 1.092  -0.701 34.965 0.544  -0.642 3.158 -1.166 
-1.817 34.989 12 CC_DC15DC16:DG8DG9_GG   C 15 ? G 9  ? C 16 ? G 8  ? 
1 C DC 11 1_555 D DG 8  1_555 C DT 12 1_555 D DA 7  1_555 -0.018 -0.800 3.151 2.215  1.927  28.852 -2.003 0.502  3.082 3.855  
-4.430 28.998 13 CC_DC16DT17:DA7DG8_GG   C 16 ? G 8  ? C 17 ? G 7  ? 
1 C DT 12 1_555 D DA 7  1_555 C DC 13 1_555 D DG 6  1_555 0.597  2.712  3.701 1.841  0.116  38.999 4.043  -0.641 3.732 0.174  
-2.756 39.041 14 CC_DT17DC18:DG6DA7_GG   C 17 ? G 7  ? C 18 ? G 6  ? 
1 C DC 13 1_555 D DG 6  1_555 C DG 14 1_555 D DC 5  1_555 -0.933 0.016  3.206 -1.360 6.539  28.581 -1.361 1.554  3.171 13.022 
2.708  29.335 15 CC_DC18DG19:DC5DG6_GG   C 18 ? G 6  ? C 19 ? G 5  ? 
1 C DG 14 1_555 D DC 5  1_555 C DC 15 1_555 D DG 4  1_555 0.927  -0.455 3.060 2.784  3.387  37.875 -1.100 -1.089 3.067 5.196  
-4.272 38.119 16 CC_DG19DC20:DG4DC5_GG   C 19 ? G 5  ? C 20 ? G 4  ? 
1 C DC 15 1_555 D DG 4  1_555 C DA 16 1_555 D DT 3  1_555 -0.378 1.340  3.540 2.908  0.546  39.805 1.896  0.916  3.522 0.801  
-4.264 39.910 17 CC_DC20DA21:DT3DG4_GG   C 20 ? G 4  ? C 21 ? G 3  ? 
# 
loop_
_pdbx_audit_support.funding_organization 
_pdbx_audit_support.country 
_pdbx_audit_support.grant_number 
_pdbx_audit_support.ordinal 
'Office of Naval Research (ONR)'                   'United States' N000141912596 1 
'Department of Energy (DOE, United States)'        'United States' DE-SC0007991  2 
'National Science Foundation (NSF, United States)' 'United States' CCF-2106790   3 
'National Science Foundation (NSF, United States)' 'United States' GCR-2317843   4 
# 
_pdbx_initial_refinement_model.id               1 
_pdbx_initial_refinement_model.entity_id_list   ? 
_pdbx_initial_refinement_model.type             'experimental model' 
_pdbx_initial_refinement_model.source_name      PDB 
_pdbx_initial_refinement_model.accession_code   8D93 
_pdbx_initial_refinement_model.details          ? 
# 
_space_group.name_H-M_alt     'P 41' 
_space_group.name_Hall        'P 4w' 
_space_group.IT_number        76 
_space_group.crystal_system   tetragonal 
_space_group.id               1 
# 
_atom_sites.entry_id                    9NOK 
_atom_sites.Cartn_transf_matrix[1][1]   ? 
_atom_sites.Cartn_transf_matrix[1][2]   ? 
_atom_sites.Cartn_transf_matrix[1][3]   ? 
_atom_sites.Cartn_transf_matrix[2][1]   ? 
_atom_sites.Cartn_transf_matrix[2][2]   ? 
_atom_sites.Cartn_transf_matrix[2][3]   ? 
_atom_sites.Cartn_transf_matrix[3][1]   ? 
_atom_sites.Cartn_transf_matrix[3][2]   ? 
_atom_sites.Cartn_transf_matrix[3][3]   ? 
_atom_sites.Cartn_transf_vector[1]      ? 
_atom_sites.Cartn_transf_vector[2]      ? 
_atom_sites.Cartn_transf_vector[3]      ? 
_atom_sites.Cartn_transform_axes        ? 
_atom_sites.fract_transf_matrix[1][1]   0.01190238 
_atom_sites.fract_transf_matrix[1][2]   0.00771916 
_atom_sites.fract_transf_matrix[1][3]   0.00223939 
_atom_sites.fract_transf_matrix[2][1]   0.00476501 
_atom_sites.fract_transf_matrix[2][2]   -0.00355444 
_atom_sites.fract_transf_matrix[2][3]   -0.01307393 
_atom_sites.fract_transf_matrix[3][1]   -0.00547438 
_atom_sites.fract_transf_matrix[3][2]   0.00979227 
_atom_sites.fract_transf_matrix[3][3]   -0.00465748 
_atom_sites.fract_transf_vector[1]      0.114916 
_atom_sites.fract_transf_vector[2]      -0.440425 
_atom_sites.fract_transf_vector[3]      -0.028602 
_atom_sites.solution_primary            ? 
_atom_sites.solution_secondary          ? 
_atom_sites.solution_hydrogens          ? 
_atom_sites.special_details             ? 
# 
loop_
_atom_type.symbol 
_atom_type.scat_dispersion_real 
_atom_type.scat_dispersion_imag 
_atom_type.scat_Cromer_Mann_a1 
_atom_type.scat_Cromer_Mann_a2 
_atom_type.scat_Cromer_Mann_a3 
_atom_type.scat_Cromer_Mann_a4 
_atom_type.scat_Cromer_Mann_b1 
_atom_type.scat_Cromer_Mann_b2 
_atom_type.scat_Cromer_Mann_b3 
_atom_type.scat_Cromer_Mann_b4 
_atom_type.scat_Cromer_Mann_c 
_atom_type.scat_source 
_atom_type.scat_dispersion_source 
C ? ? 5.96793  ? ? ? 14.89577 ? ? ? 0.0 
;1-Gaussian fit: Grosse-Kunstleve RW, Sauter NK, Adams PD: Newsletter of the IUCr Commission on Crystallographic Computing 2004, 3, 22-31.
;
? 
N ? ? 6.96715  ? ? ? 11.43723 ? ? ? 0.0 
;1-Gaussian fit: Grosse-Kunstleve RW, Sauter NK, Adams PD: Newsletter of the IUCr Commission on Crystallographic Computing 2004, 3, 22-31.
;
? 
O ? ? 7.96527  ? ? ? 9.05267  ? ? ? 0.0 
;1-Gaussian fit: Grosse-Kunstleve RW, Sauter NK, Adams PD: Newsletter of the IUCr Commission on Crystallographic Computing 2004, 3, 22-31.
;
? 
P ? ? 14.90797 ? ? ? 11.91318 ? ? ? 0.0 
;1-Gaussian fit: Grosse-Kunstleve RW, Sauter NK, Adams PD: Newsletter of the IUCr Commission on Crystallographic Computing 2004, 3, 22-31.
;
? 
# 
loop_
_atom_site.group_PDB 
_atom_site.id 
_atom_site.type_symbol 
_atom_site.label_atom_id 
_atom_site.label_alt_id 
_atom_site.label_comp_id 
_atom_site.label_asym_id 
_atom_site.label_entity_id 
_atom_site.label_seq_id 
_atom_site.pdbx_PDB_ins_code 
_atom_site.Cartn_x 
_atom_site.Cartn_y 
_atom_site.Cartn_z 
_atom_site.occupancy 
_atom_site.B_iso_or_equiv 
_atom_site.pdbx_formal_charge 
_atom_site.auth_seq_id 
_atom_site.auth_comp_id 
_atom_site.auth_asym_id 
_atom_site.auth_atom_id 
_atom_site.pdbx_PDB_model_num 
ATOM 1   O "O5'" . DT A 1 1  ? 16.43626  33.41329  -9.46366  1.000 338.69308 ? 1  DT A "O5'" 1 
ATOM 2   C "C5'" . DT A 1 1  ? 16.48264  32.02104  -9.20209  1.000 333.18163 ? 1  DT A "C5'" 1 
ATOM 3   C "C4'" . DT A 1 1  ? 15.65941  31.26871  -10.22779 1.000 328.43675 ? 1  DT A "C4'" 1 
ATOM 4   O "O4'" . DT A 1 1  ? 16.18366  29.92043  -10.35981 1.000 325.73112 ? 1  DT A "O4'" 1 
ATOM 5   C "C3'" . DT A 1 1  ? 14.17934  31.11436  -9.85995  1.000 323.08746 ? 1  DT A "C3'" 1 
ATOM 6   O "O3'" . DT A 1 1  ? 13.34549  31.11037  -11.03012 1.000 321.55446 ? 1  DT A "O3'" 1 
ATOM 7   C "C2'" . DT A 1 1  ? 14.17588  29.76206  -9.17238  1.000 318.23660 ? 1  DT A "C2'" 1 
ATOM 8   C "C1'" . DT A 1 1  ? 15.17219  28.99450  -10.04085 1.000 319.52112 ? 1  DT A "C1'" 1 
ATOM 9   N N1    . DT A 1 1  ? 15.80796  27.82473  -9.36875  1.000 317.79032 ? 1  DT A N1    1 
ATOM 10  C C2    . DT A 1 1  ? 15.28375  26.55536  -9.54608  1.000 313.28820 ? 1  DT A C2    1 
ATOM 11  O O2    . DT A 1 1  ? 14.29497  26.32237  -10.22858 1.000 310.46770 ? 1  DT A O2    1 
ATOM 12  N N3    . DT A 1 1  ? 15.95767  25.56489  -8.87689  1.000 312.76722 ? 1  DT A N3    1 
ATOM 13  C C4    . DT A 1 1  ? 17.08031  25.71721  -8.07543  1.000 316.08626 ? 1  DT A C4    1 
ATOM 14  O O4    . DT A 1 1  ? 17.62234  24.77202  -7.51410  1.000 315.69453 ? 1  DT A O4    1 
ATOM 15  C C5    . DT A 1 1  ? 17.56843  27.07105  -7.94548  1.000 320.67856 ? 1  DT A C5    1 
ATOM 16  C C7    . DT A 1 1  ? 18.77355  27.36619  -7.10844  1.000 325.16908 ? 1  DT A C7    1 
ATOM 17  C C6    . DT A 1 1  ? 16.91998  28.03847  -8.58974  1.000 321.39009 ? 1  DT A C6    1 
ATOM 18  P P     . DC A 1 2  ? 11.89227  31.81350  -11.00751 1.000 319.97011 ? 2  DC A P     1 
ATOM 19  O OP1   . DC A 1 2  ? 11.96940  33.01800  -11.86774 1.000 325.36602 ? 2  DC A OP1   1 
ATOM 20  O OP2   . DC A 1 2  ? 11.42672  31.97749  -9.60805  1.000 318.34628 ? 2  DC A OP2   1 
ATOM 21  O "O5'" . DC A 1 2  ? 10.93841  30.74683  -11.73419 1.000 314.59691 ? 2  DC A "O5'" 1 
ATOM 22  C "C5'" . DC A 1 2  ? 11.16106  29.34562  -11.56814 1.000 310.79663 ? 2  DC A "C5'" 1 
ATOM 23  C "C4'" . DC A 1 2  ? 10.01957  28.69166  -10.80567 1.000 305.63261 ? 2  DC A "C4'" 1 
ATOM 24  O "O4'" . DC A 1 2  ? 10.50024  27.46138  -10.19197 1.000 303.21127 ? 2  DC A "O4'" 1 
ATOM 25  C "C3'" . DC A 1 2  ? 9.44249   29.52163  -9.65984  1.000 305.74482 ? 2  DC A "C3'" 1 
ATOM 26  O "O3'" . DC A 1 2  ? 8.06528   29.24916  -9.52062  1.000 302.02140 ? 2  DC A "O3'" 1 
ATOM 27  C "C2'" . DC A 1 2  ? 10.22333  28.99864  -8.46458  1.000 305.35647 ? 2  DC A "C2'" 1 
ATOM 28  C "C1'" . DC A 1 2  ? 10.29243  27.51669  -8.79677  1.000 301.91470 ? 2  DC A "C1'" 1 
ATOM 29  N N1    . DC A 1 2  ? 11.41768  26.78938  -8.11494  1.000 302.52180 ? 2  DC A N1    1 
ATOM 30  C C2    . DC A 1 2  ? 11.36849  25.39776  -7.97192  1.000 299.55756 ? 2  DC A C2    1 
ATOM 31  O O2    . DC A 1 2  ? 10.39208  24.77646  -8.40974  1.000 296.53453 ? 2  DC A O2    1 
ATOM 32  N N3    . DC A 1 2  ? 12.39939  24.76716  -7.35467  1.000 300.65246 ? 2  DC A N3    1 
ATOM 33  C C4    . DC A 1 2  ? 13.43713  25.46861  -6.89877  1.000 304.38777 ? 2  DC A C4    1 
ATOM 34  N N4    . DC A 1 2  ? 14.42919  24.80393  -6.30013  1.000 305.65620 ? 2  DC A N4    1 
ATOM 35  C C5    . DC A 1 2  ? 13.49899  26.88180  -7.02785  1.000 307.58002 ? 2  DC A C5    1 
ATOM 36  C C6    . DC A 1 2  ? 12.48233  27.49069  -7.64090  1.000 306.57001 ? 2  DC A C6    1 
ATOM 37  P P     . DT A 1 3  ? 7.11509   30.23556  -8.68167  1.000 302.56982 ? 3  DT A P     1 
ATOM 38  O OP1   . DT A 1 3  ? 6.41621   31.09199  -9.66538  1.000 304.45158 ? 3  DT A OP1   1 
ATOM 39  O OP2   . DT A 1 3  ? 7.91771   30.86438  -7.60851  1.000 305.67830 ? 3  DT A OP2   1 
ATOM 40  O "O5'" . DT A 1 3  ? 6.05205   29.24247  -8.01768  1.000 297.59407 ? 3  DT A "O5'" 1 
ATOM 41  C "C5'" . DT A 1 3  ? 5.38676   28.29229  -8.83312  1.000 294.46295 ? 3  DT A "C5'" 1 
ATOM 42  C "C4'" . DT A 1 3  ? 5.14282   27.00162  -8.07689  1.000 290.87170 ? 3  DT A "C4'" 1 
ATOM 43  O "O4'" . DT A 1 3  ? 6.41175   26.41689  -7.67780  1.000 291.49970 ? 3  DT A "O4'" 1 
ATOM 44  C "C3'" . DT A 1 3  ? 4.31449   27.15611  -6.79736  1.000 289.63228 ? 3  DT A "C3'" 1 
ATOM 45  O "O3'" . DT A 1 3  ? 3.18046   26.29173  -6.83879  1.000 286.55290 ? 3  DT A "O3'" 1 
ATOM 46  C "C2'" . DT A 1 3  ? 5.28533   26.77010  -5.68008  1.000 290.03063 ? 3  DT A "C2'" 1 
ATOM 47  C "C1'" . DT A 1 3  ? 6.26503   25.85723  -6.39985  1.000 289.84059 ? 3  DT A "C1'" 1 
ATOM 48  N N1    . DT A 1 3  ? 7.60217   25.79497  -5.73089  1.000 291.85957 ? 3  DT A N1    1 
ATOM 49  C C2    . DT A 1 3  ? 8.00374   24.62367  -5.12160  1.000 290.53153 ? 3  DT A C2    1 
ATOM 50  O O2    . DT A 1 3  ? 7.32566   23.61269  -5.10513  1.000 287.94494 ? 3  DT A O2    1 
ATOM 51  N N3    . DT A 1 3  ? 9.23518   24.68598  -4.51933  1.000 292.94161 ? 3  DT A N3    1 
ATOM 52  C C4    . DT A 1 3  ? 10.08501  25.77355  -4.47090  1.000 296.63381 ? 3  DT A C4    1 
ATOM 53  O O4    . DT A 1 3  ? 11.17463  25.73537  -3.91076  1.000 299.02519 ? 3  DT A O4    1 
ATOM 54  C C5    . DT A 1 3  ? 9.60311   26.96368  -5.12364  1.000 298.09815 ? 3  DT A C5    1 
ATOM 55  C C7    . DT A 1 3  ? 10.43981  28.20622  -5.12290  1.000 302.95768 ? 3  DT A C7    1 
ATOM 56  C C6    . DT A 1 3  ? 8.39889   26.91995  -5.71247  1.000 295.60249 ? 3  DT A C6    1 
ATOM 57  P P     . DG A 1 4  ? 2.08004   26.32720  -5.66529  1.000 285.31563 ? 4  DG A P     1 
ATOM 58  O OP1   . DG A 1 4  ? 0.75308   26.17758  -6.30336  1.000 283.96547 ? 4  DG A OP1   1 
ATOM 59  O OP2   . DG A 1 4  ? 2.34582   27.50096  -4.80330  1.000 287.97556 ? 4  DG A OP2   1 
ATOM 60  O "O5'" . DG A 1 4  ? 2.39074   25.00824  -4.81304  1.000 283.43309 ? 4  DG A "O5'" 1 
ATOM 61  C "C5'" . DG A 1 4  ? 1.62090   24.70602  -3.64941  1.000 282.49251 ? 4  DG A "C5'" 1 
ATOM 62  C "C4'" . DG A 1 4  ? 1.84056   23.26446  -3.21791  1.000 281.01821 ? 4  DG A "C4'" 1 
ATOM 63  O "O4'" . DG A 1 4  ? 3.02888   22.74422  -3.86926  1.000 281.42681 ? 4  DG A "O4'" 1 
ATOM 64  C "C3'" . DG A 1 4  ? 2.05039   23.06374  -1.71686  1.000 281.56778 ? 4  DG A "C3'" 1 
ATOM 65  O "O3'" . DG A 1 4  ? 0.84218   22.61106  -1.11496  1.000 280.61010 ? 4  DG A "O3'" 1 
ATOM 66  C "C2'" . DG A 1 4  ? 3.13264   21.98947  -1.65257  1.000 281.59247 ? 4  DG A "C2'" 1 
ATOM 67  C "C1'" . DG A 1 4  ? 3.94195   22.26899  -2.90428  1.000 282.15822 ? 4  DG A "C1'" 1 
ATOM 68  N N9    . DG A 1 4  ? 4.98966   23.27232  -2.73266  1.000 284.43440 ? 4  DG A N9    1 
ATOM 69  C C8    . DG A 1 4  ? 5.00926   24.53063  -3.27515  1.000 285.95201 ? 4  DG A C8    1 
ATOM 70  N N7    . DG A 1 4  ? 6.07186   25.21362  -2.97067  1.000 288.62926 ? 4  DG A N7    1 
ATOM 71  C C5    . DG A 1 4  ? 6.81758   24.35191  -2.18312  1.000 288.67714 ? 4  DG A C5    1 
ATOM 72  C C6    . DG A 1 4  ? 8.07189   24.54973  -1.56997  1.000 297.31013 ? 4  DG A C6    1 
ATOM 73  O O6    . DG A 1 4  ? 8.78449   25.56040  -1.60449  1.000 335.99753 ? 4  DG A O6    1 
ATOM 74  N N1    . DG A 1 4  ? 8.47824   23.43160  -0.85285  1.000 330.92877 ? 4  DG A N1    1 
ATOM 75  C C2    . DG A 1 4  ? 7.76285   22.26210  -0.74553  1.000 307.84213 ? 4  DG A C2    1 
ATOM 76  N N2    . DG A 1 4  ? 8.32286   21.28965  -0.01056  1.000 340.62605 ? 4  DG A N2    1 
ATOM 77  N N3    . DG A 1 4  ? 6.57935   22.05989  -1.32267  1.000 293.86447 ? 4  DG A N3    1 
ATOM 78  C C4    . DG A 1 4  ? 6.17148   23.14658  -2.02729  1.000 286.15271 ? 4  DG A C4    1 
ATOM 79  P P     . DT A 1 5  ? 0.56816   22.86131  0.44933   1.000 281.81809 ? 5  DT A P     1 
ATOM 80  O OP1   . DT A 1 5  ? -0.52097  21.94620  0.85838   1.000 280.90477 ? 5  DT A OP1   1 
ATOM 81  O OP2   . DT A 1 5  ? 0.41282   24.31953  0.64698   1.000 283.62138 ? 5  DT A OP2   1 
ATOM 82  O "O5'" . DT A 1 5  ? 1.93047   22.40887  1.16353   1.000 282.92993 ? 5  DT A "O5'" 1 
ATOM 83  C "C5'" . DT A 1 5  ? 1.97385   21.21386  1.94387   1.000 282.83311 ? 5  DT A "C5'" 1 
ATOM 84  C "C4'" . DT A 1 5  ? 3.32785   20.53230  1.81770   1.000 283.43576 ? 5  DT A "C4'" 1 
ATOM 85  O "O4'" . DT A 1 5  ? 4.23833   21.39467  1.09117   1.000 286.82101 ? 5  DT A "O4'" 1 
ATOM 86  C "C3'" . DT A 1 5  ? 4.02067   20.20984  3.13887   1.000 285.37772 ? 5  DT A "C3'" 1 
ATOM 87  O "O3'" . DT A 1 5  ? 4.69900   18.96331  3.04226   1.000 285.63777 ? 5  DT A "O3'" 1 
ATOM 88  C "C2'" . DT A 1 5  ? 5.00021   21.36714  3.30090   1.000 287.30522 ? 5  DT A "C2'" 1 
ATOM 89  C "C1'" . DT A 1 5  ? 5.38819   21.64784  1.86561   1.000 286.39152 ? 5  DT A "C1'" 1 
ATOM 90  N N1    . DT A 1 5  ? 5.82868   23.05613  1.60145   1.000 288.13956 ? 5  DT A N1    1 
ATOM 91  C C2    . DT A 1 5  ? 7.05252   23.48853  2.06552   1.000 290.95651 ? 5  DT A C2    1 
ATOM 92  O O2    . DT A 1 5  ? 7.81021   22.78785  2.71296   1.000 291.95462 ? 5  DT A O2    1 
ATOM 93  N N3    . DT A 1 5  ? 7.35988   24.78488  1.74082   1.000 293.14203 ? 5  DT A N3    1 
ATOM 94  C C4    . DT A 1 5  ? 6.58620   25.67270  1.01484   1.000 292.82777 ? 5  DT A C4    1 
ATOM 95  O O4    . DT A 1 5  ? 6.95112   26.81984  0.77565   1.000 295.61539 ? 5  DT A O4    1 
ATOM 96  C C5    . DT A 1 5  ? 5.32147   25.15387  0.55401   1.000 289.60004 ? 5  DT A C5    1 
ATOM 97  C C7    . DT A 1 5  ? 4.39626   26.02352  -0.24474  1.000 289.34491 ? 5  DT A C7    1 
ATOM 98  C C6    . DT A 1 5  ? 5.00865   23.88675  0.86499   1.000 287.46086 ? 5  DT A C6    1 
ATOM 99  P P     . DA B 2 1  ? 19.07834  27.43706  6.56897   1.000 335.08538 ? 13 DA D P     1 
ATOM 100 O OP1   . DA B 2 1  ? 19.68305  28.66146  7.14028   1.000 294.55693 ? 13 DA D OP1   1 
ATOM 101 O OP2   . DA B 2 1  ? 19.65822  26.10758  6.86469   1.000 263.78098 ? 13 DA D OP2   1 
ATOM 102 O "O5'" . DA B 2 1  ? 18.98149  27.58627  4.97789   1.000 246.41062 ? 13 DA D "O5'" 1 
ATOM 103 C "C5'" . DA B 2 1  ? 17.72835  27.40607  4.32392   1.000 239.24426 ? 13 DA D "C5'" 1 
ATOM 104 C "C4'" . DA B 2 1  ? 16.76976  26.62652  5.20738   1.000 227.63901 ? 13 DA D "C4'" 1 
ATOM 105 O "O4'" . DA B 2 1  ? 15.43870  27.20235  5.11180   1.000 225.45409 ? 13 DA D "O4'" 1 
ATOM 106 C "C3'" . DA B 2 1  ? 16.62105  25.15377  4.84138   1.000 218.57154 ? 13 DA D "C3'" 1 
ATOM 107 O "O3'" . DA B 2 1  ? 16.51252  24.35736  6.01573   1.000 210.30284 ? 13 DA D "O3'" 1 
ATOM 108 C "C2'" . DA B 2 1  ? 15.33082  25.13262  4.03378   1.000 215.11688 ? 13 DA D "C2'" 1 
ATOM 109 C "C1'" . DA B 2 1  ? 14.51640  26.20677  4.72845   1.000 214.72001 ? 13 DA D "C1'" 1 
ATOM 110 N N9    . DA B 2 1  ? 13.50522  26.81115  3.86724   1.000 213.77816 ? 13 DA D N9    1 
ATOM 111 C C8    . DA B 2 1  ? 13.57610  28.02043  3.23437   1.000 220.87376 ? 13 DA D C8    1 
ATOM 112 N N7    . DA B 2 1  ? 12.51393  28.30688  2.52214   1.000 217.15254 ? 13 DA D N7    1 
ATOM 113 C C5    . DA B 2 1  ? 11.69526  27.20365  2.68957   1.000 218.32641 ? 13 DA D C5    1 
ATOM 114 C C6    . DA B 2 1  ? 10.42120  26.88735  2.18756   1.000 231.17540 ? 13 DA D C6    1 
ATOM 115 N N6    . DA B 2 1  ? 9.73056   27.69652  1.38013   1.000 237.08989 ? 13 DA D N6    1 
ATOM 116 N N1    . DA B 2 1  ? 9.88194   25.70368  2.54767   1.000 252.36630 ? 13 DA D N1    1 
ATOM 117 C C2    . DA B 2 1  ? 10.57741  24.89741  3.35707   1.000 234.48310 ? 13 DA D C2    1 
ATOM 118 N N3    . DA B 2 1  ? 11.78260  25.08673  3.89199   1.000 221.83706 ? 13 DA D N3    1 
ATOM 119 C C4    . DA B 2 1  ? 12.29172  26.27011  3.51236   1.000 222.93514 ? 13 DA D C4    1 
ATOM 120 P P     . DC B 2 2  ? 17.49867  23.10745  6.23499   1.000 209.49610 ? 14 DC D P     1 
ATOM 121 O OP1   . DC B 2 2  ? 17.70257  22.95795  7.69368   1.000 210.25292 ? 14 DC D OP1   1 
ATOM 122 O OP2   . DC B 2 2  ? 18.65947  23.30722  5.33851   1.000 209.87113 ? 14 DC D OP2   1 
ATOM 123 O "O5'" . DC B 2 2  ? 16.66608  21.84455  5.70609   1.000 209.52866 ? 14 DC D "O5'" 1 
ATOM 124 C "C5'" . DC B 2 2  ? 16.31622  21.73071  4.32839   1.000 209.10163 ? 14 DC D "C5'" 1 
ATOM 125 C "C4'" . DC B 2 2  ? 14.90400  21.19277  4.18786   1.000 209.61071 ? 14 DC D "C4'" 1 
ATOM 126 O "O4'" . DC B 2 2  ? 14.01917  22.21826  3.65860   1.000 207.81908 ? 14 DC D "O4'" 1 
ATOM 127 C "C3'" . DC B 2 2  ? 14.74844  19.98604  3.26238   1.000 211.08244 ? 14 DC D "C3'" 1 
ATOM 128 O "O3'" . DC B 2 2  ? 13.88328  19.05884  3.88116   1.000 241.46881 ? 14 DC D "O3'" 1 
ATOM 129 C "C2'" . DC B 2 2  ? 14.11038  20.59800  2.01453   1.000 209.47844 ? 14 DC D "C2'" 1 
ATOM 130 C "C1'" . DC B 2 2  ? 13.22306  21.64493  2.65052   1.000 215.14932 ? 14 DC D "C1'" 1 
ATOM 131 N N1    . DC B 2 2  ? 12.77780  22.71908  1.73043   1.000 220.83527 ? 14 DC D N1    1 
ATOM 132 C C2    . DC B 2 2  ? 11.53063  22.62102  1.10035   1.000 267.18764 ? 14 DC D C2    1 
ATOM 133 O O2    . DC B 2 2  ? 10.82435  21.62381  1.30908   1.000 269.70871 ? 14 DC D O2    1 
ATOM 134 N N3    . DC B 2 2  ? 11.13572  23.62375  0.27697   1.000 267.62786 ? 14 DC D N3    1 
ATOM 135 C C4    . DC B 2 2  ? 11.92986  24.68035  0.08627   1.000 243.97568 ? 14 DC D C4    1 
ATOM 136 N N4    . DC B 2 2  ? 11.50685  25.64424  -0.73347  1.000 247.10935 ? 14 DC D N4    1 
ATOM 137 C C5    . DC B 2 2  ? 13.19825  24.79288  0.72205   1.000 219.46565 ? 14 DC D C5    1 
ATOM 138 C C6    . DC B 2 2  ? 13.57560  23.80128  1.52756   1.000 211.46705 ? 14 DC D C6    1 
ATOM 139 P P     . DA B 2 3  ? 13.75605  17.55438  3.34023   1.000 274.17277 ? 15 DA D P     1 
ATOM 140 O OP1   . DA B 2 3  ? 14.23293  16.66240  4.42033   1.000 255.14031 ? 15 DA D OP1   1 
ATOM 141 O OP2   . DA B 2 3  ? 14.37452  17.47866  1.99872   1.000 251.11311 ? 15 DA D OP2   1 
ATOM 142 O "O5'" . DA B 2 3  ? 12.17681  17.35533  3.17621   1.000 368.32525 ? 15 DA D "O5'" 1 
ATOM 143 C "C5'" . DA B 2 3  ? 11.46102  18.07977  2.17284   1.000 331.92473 ? 15 DA D "C5'" 1 
ATOM 144 C "C4'" . DA B 2 3  ? 10.68239  17.12016  1.29330   1.000 301.76770 ? 15 DA D "C4'" 1 
ATOM 145 O "O4'" . DA B 2 3  ? 10.08458  17.82777  0.18749   1.000 311.01740 ? 15 DA D "O4'" 1 
ATOM 146 C "C3'" . DA B 2 3  ? 11.52022  16.02644  0.66456   1.000 284.32425 ? 15 DA D "C3'" 1 
ATOM 147 O "O3'" . DA B 2 3  ? 10.74910  14.84035  0.52437   1.000 288.65975 ? 15 DA D "O3'" 1 
ATOM 148 C "C2'" . DA B 2 3  ? 11.94534  16.61789  -0.68450  1.000 292.65413 ? 15 DA D "C2'" 1 
ATOM 149 C "C1'" . DA B 2 3  ? 10.89703  17.70467  -0.96387  1.000 295.88249 ? 15 DA D "C1'" 1 
ATOM 150 N N9    . DA B 2 3  ? 11.47841  19.01562  -1.24179  1.000 294.10417 ? 15 DA D N9    1 
ATOM 151 C C8    . DA B 2 3  ? 12.69072  19.48048  -0.81958  1.000 274.88822 ? 15 DA D C8    1 
ATOM 152 N N7    . DA B 2 3  ? 12.95328  20.70590  -1.20458  1.000 262.50736 ? 15 DA D N7    1 
ATOM 153 C C5    . DA B 2 3  ? 11.83306  21.07371  -1.92928  1.000 278.49869 ? 15 DA D C5    1 
ATOM 154 C C6    . DA B 2 3  ? 11.48967  22.26070  -2.60514  1.000 286.25434 ? 15 DA D C6    1 
ATOM 155 N N6    . DA B 2 3  ? 12.28752  23.32955  -2.65762  1.000 271.91277 ? 15 DA D N6    1 
ATOM 156 N N1    . DA B 2 3  ? 10.29350  22.30295  -3.23142  1.000 308.68759 ? 15 DA D N1    1 
ATOM 157 C C2    . DA B 2 3  ? 9.50135   21.22404  -3.17862  1.000 297.34303 ? 15 DA D C2    1 
ATOM 158 N N3    . DA B 2 3  ? 9.71409   20.05500  -2.57104  1.000 292.23359 ? 15 DA D N3    1 
ATOM 159 C C4    . DA B 2 3  ? 10.91029  20.04551  -1.96085  1.000 294.41104 ? 15 DA D C4    1 
ATOM 160 P P     . DC B 2 4  ? 10.79331  13.74620  1.69963   1.000 267.73212 ? 16 DC D P     1 
ATOM 161 O OP1   . DC B 2 4  ? 9.70981   14.05454  2.66082   1.000 256.33401 ? 16 DC D OP1   1 
ATOM 162 O OP2   . DC B 2 4  ? 12.19903  13.70619  2.16015   1.000 332.17056 ? 16 DC D OP2   1 
ATOM 163 O "O5'" . DC B 2 4  ? 10.47719  12.35808  0.97364   1.000 252.40422 ? 16 DC D "O5'" 1 
ATOM 164 C "C5'" . DC B 2 4  ? 11.13329  11.16511  1.40578   1.000 247.06760 ? 16 DC D "C5'" 1 
ATOM 165 C "C4'" . DC B 2 4  ? 10.81206  10.84905  2.86181   1.000 237.01992 ? 16 DC D "C4'" 1 
ATOM 166 O "O4'" . DC B 2 4  ? 10.43989  9.45794   2.97578   1.000 240.56064 ? 16 DC D "O4'" 1 
ATOM 167 C "C3'" . DC B 2 4  ? 11.95510  11.09659  3.85092   1.000 223.01100 ? 16 DC D "C3'" 1 
ATOM 168 O "O3'" . DC B 2 4  ? 11.55013  12.03393  4.85001   1.000 215.25975 ? 16 DC D "O3'" 1 
ATOM 169 C "C2'" . DC B 2 4  ? 12.27810  9.73281   4.46995   1.000 222.68010 ? 16 DC D "C2'" 1 
ATOM 170 C "C1'" . DC B 2 4  ? 11.37169  8.74228   3.75720   1.000 232.11552 ? 16 DC D "C1'" 1 
ATOM 171 N N1    . DC B 2 4  ? 12.09269  7.75072   2.88504   1.000 242.07158 ? 16 DC D N1    1 
ATOM 172 C C2    . DC B 2 4  ? 12.69895  6.63141   3.46640   1.000 248.88048 ? 16 DC D C2    1 
ATOM 173 O O2    . DC B 2 4  ? 12.65047  6.49070   4.69343   1.000 233.64606 ? 16 DC D O2    1 
ATOM 174 N N3    . DC B 2 4  ? 13.32695  5.73477   2.66477   1.000 259.85932 ? 16 DC D N3    1 
ATOM 175 C C4    . DC B 2 4  ? 13.35767  5.92543   1.34403   1.000 258.90177 ? 16 DC D C4    1 
ATOM 176 N N4    . DC B 2 4  ? 13.98767  5.01676   0.59202   1.000 249.71932 ? 16 DC D N4    1 
ATOM 177 C C5    . DC B 2 4  ? 12.74406  7.05740   0.73493   1.000 260.49062 ? 16 DC D C5    1 
ATOM 178 C C6    . DC B 2 4  ? 12.12597  7.93097   1.53462   1.000 259.54018 ? 16 DC D C6    1 
ATOM 179 P P     . DC B 2 5  ? 12.65255  12.87164  5.66841   1.000 213.12457 ? 17 DC D P     1 
ATOM 180 O OP1   . DC B 2 5  ? 11.94217  13.86833  6.50044   1.000 212.41605 ? 17 DC D OP1   1 
ATOM 181 O OP2   . DC B 2 5  ? 13.67875  13.31539  4.69895   1.000 250.96079 ? 17 DC D OP2   1 
ATOM 182 O "O5'" . DC B 2 5  ? 13.33381  11.78758  6.62919   1.000 214.30451 ? 17 DC D "O5'" 1 
ATOM 183 C "C5'" . DC B 2 5  ? 12.58052  11.18302  7.68429   1.000 214.65966 ? 17 DC D "C5'" 1 
ATOM 184 C "C4'" . DC B 2 5  ? 13.45598  10.27545  8.54067   1.000 215.91853 ? 17 DC D "C4'" 1 
ATOM 185 O "O4'" . DC B 2 5  ? 13.95527  9.16754   7.74410   1.000 216.76477 ? 17 DC D "O4'" 1 
ATOM 186 C "C3'" . DC B 2 5  ? 14.69390  10.93354  9.13013   1.000 216.30736 ? 17 DC D "C3'" 1 
ATOM 187 O "O3'" . DC B 2 5  ? 15.03448  10.29380  10.34554  1.000 218.10179 ? 17 DC D "O3'" 1 
ATOM 188 C "C2'" . DC B 2 5  ? 15.74041  10.65680  8.05854   1.000 221.86945 ? 17 DC D "C2'" 1 
ATOM 189 C "C1'" . DC B 2 5  ? 15.36933  9.24194   7.64504   1.000 217.55389 ? 17 DC D "C1'" 1 
ATOM 190 N N1    . DC B 2 5  ? 15.73555  8.91670   6.24831   1.000 217.84573 ? 17 DC D N1    1 
ATOM 191 C C2    . DC B 2 5  ? 16.34433  7.69123   5.94987   1.000 220.81128 ? 17 DC D C2    1 
ATOM 192 O O2    . DC B 2 5  ? 16.59193  6.89810   6.86611   1.000 226.64285 ? 17 DC D O2    1 
ATOM 193 N N3    . DC B 2 5  ? 16.64979  7.41378   4.65672   1.000 219.83734 ? 17 DC D N3    1 
ATOM 194 C C4    . DC B 2 5  ? 16.36418  8.29678   3.69759   1.000 237.91607 ? 17 DC D C4    1 
ATOM 195 N N4    . DC B 2 5  ? 16.68284  7.98300   2.43736   1.000 248.73450 ? 17 DC D N4    1 
ATOM 196 C C5    . DC B 2 5  ? 15.74125  9.54348   3.98696   1.000 222.77629 ? 17 DC D C5    1 
ATOM 197 C C6    . DC B 2 5  ? 15.45174  9.80852   5.26181   1.000 222.92693 ? 17 DC D C6    1 
ATOM 198 P P     . DG B 2 6  ? 14.80010  11.03496  11.74954  1.000 229.13703 ? 18 DG D P     1 
ATOM 199 O OP1   . DG B 2 6  ? 13.35458  11.32180  11.86439  1.000 234.66805 ? 18 DG D OP1   1 
ATOM 200 O OP2   . DG B 2 6  ? 15.77729  12.14072  11.85564  1.000 231.71840 ? 18 DG D OP2   1 
ATOM 201 O "O5'" . DG B 2 6  ? 15.18725  9.92204   12.83003  1.000 246.44426 ? 18 DG D "O5'" 1 
ATOM 202 C "C5'" . DG B 2 6  ? 16.03964  10.25590  13.91850  1.000 294.49969 ? 18 DG D "C5'" 1 
ATOM 203 C "C4'" . DG B 2 6  ? 17.45645  9.75099   13.68132  1.000 245.62915 ? 18 DG D "C4'" 1 
ATOM 204 O "O4'" . DG B 2 6  ? 17.58378  9.25673   12.32819  1.000 243.39428 ? 18 DG D "O4'" 1 
ATOM 205 C "C3'" . DG B 2 6  ? 18.54182  10.80339  13.80889  1.000 248.10185 ? 18 DG D "C3'" 1 
ATOM 206 O "O3'" . DG B 2 6  ? 18.93575  10.93594  15.16949  1.000 244.71648 ? 18 DG D "O3'" 1 
ATOM 207 C "C2'" . DG B 2 6  ? 19.66747  10.21492  12.96329  1.000 235.57466 ? 18 DG D "C2'" 1 
ATOM 208 C "C1'" . DG B 2 6  ? 18.91842  9.43621   11.87668  1.000 239.61812 ? 18 DG D "C1'" 1 
ATOM 209 N N9    . DG B 2 6  ? 18.88264  10.12725  10.59004  1.000 230.90253 ? 18 DG D N9    1 
ATOM 210 C C8    . DG B 2 6  ? 18.40383  11.39194  10.35387  1.000 233.21908 ? 18 DG D C8    1 
ATOM 211 N N7    . DG B 2 6  ? 18.49567  11.75844  9.10888   1.000 222.90503 ? 18 DG D N7    1 
ATOM 212 C C5    . DG B 2 6  ? 19.06672  10.66613  8.47080   1.000 220.08232 ? 18 DG D C5    1 
ATOM 213 C C6    . DG B 2 6  ? 19.39782  10.48712  7.11167   1.000 219.85375 ? 18 DG D C6    1 
ATOM 214 O O6    . DG B 2 6  ? 19.24582  11.28796  6.18043   1.000 218.88113 ? 18 DG D O6    1 
ATOM 215 N N1    . DG B 2 6  ? 19.96022  9.23544   6.87514   1.000 221.51045 ? 18 DG D N1    1 
ATOM 216 C C2    . DG B 2 6  ? 20.16971  8.27253   7.83601   1.000 222.77502 ? 18 DG D C2    1 
ATOM 217 N N2    . DG B 2 6  ? 20.72879  7.12458   7.41847   1.000 224.43495 ? 18 DG D N2    1 
ATOM 218 N N3    . DG B 2 6  ? 19.86265  8.43036   9.12263   1.000 222.61171 ? 18 DG D N3    1 
ATOM 219 C C4    . DG B 2 6  ? 19.30854  9.64746   9.36579   1.000 223.47892 ? 18 DG D C4    1 
ATOM 220 P P     . DC C 3 1  ? 23.37524  3.77194   -2.69947  1.000 247.51054 ? 6  DC C P     1 
ATOM 221 O OP1   . DC C 3 1  ? 24.59315  3.02508   -2.31009  1.000 253.08136 ? 6  DC C OP1   1 
ATOM 222 O OP2   . DC C 3 1  ? 22.91438  3.74431   -4.10675  1.000 262.24251 ? 6  DC C OP2   1 
ATOM 223 O "O5'" . DC C 3 1  ? 22.15323  3.31208   -1.77040  1.000 240.07693 ? 6  DC C "O5'" 1 
ATOM 224 C "C5'" . DC C 3 1  ? 21.54336  4.24368   -0.87446  1.000 233.93956 ? 6  DC C "C5'" 1 
ATOM 225 C "C4'" . DC C 3 1  ? 22.41226  4.45599   0.35314   1.000 234.64381 ? 6  DC C "C4'" 1 
ATOM 226 O "O4'" . DC C 3 1  ? 22.35242  5.84291   0.76645   1.000 231.91047 ? 6  DC C "O4'" 1 
ATOM 227 C "C3'" . DC C 3 1  ? 22.03925  3.62288   1.57960   1.000 231.16573 ? 6  DC C "C3'" 1 
ATOM 228 O "O3'" . DC C 3 1  ? 23.17935  2.91267   2.05240   1.000 236.34182 ? 6  DC C "O3'" 1 
ATOM 229 C "C2'" . DC C 3 1  ? 21.54709  4.65949   2.59883   1.000 225.42890 ? 6  DC C "C2'" 1 
ATOM 230 C "C1'" . DC C 3 1  ? 22.29239  5.91178   2.16942   1.000 231.19479 ? 6  DC C "C1'" 1 
ATOM 231 N N1    . DC C 3 1  ? 21.61481  7.20192   2.52666   1.000 234.48832 ? 6  DC C N1    1 
ATOM 232 C C2    . DC C 3 1  ? 21.30640  7.51509   3.86586   1.000 235.77985 ? 6  DC C C2    1 
ATOM 233 O O2    . DC C 3 1  ? 21.58611  6.71021   4.76544   1.000 231.83741 ? 6  DC C O2    1 
ATOM 234 N N3    . DC C 3 1  ? 20.70143  8.70296   4.13224   1.000 234.60025 ? 6  DC C N3    1 
ATOM 235 C C4    . DC C 3 1  ? 20.41759  9.54873   3.13772   1.000 234.06720 ? 6  DC C C4    1 
ATOM 236 N N4    . DC C 3 1  ? 19.82271  10.70572  3.44200   1.000 228.85839 ? 6  DC C N4    1 
ATOM 237 C C5    . DC C 3 1  ? 20.72990  9.24789   1.78334   1.000 236.43027 ? 6  DC C C5    1 
ATOM 238 C C6    . DC C 3 1  ? 21.32254  8.08210   1.52804   1.000 234.98541 ? 6  DC C C6    1 
ATOM 239 P P     . DG C 3 2  ? 23.59205  1.51283   1.37715   1.000 241.81162 ? 7  DG C P     1 
ATOM 240 O OP1   . DG C 3 2  ? 24.82902  1.73996   0.59720   1.000 249.01803 ? 7  DG C OP1   1 
ATOM 241 O OP2   . DG C 3 2  ? 22.39337  0.97039   0.70022   1.000 238.58402 ? 7  DG C OP2   1 
ATOM 242 O "O5'" . DG C 3 2  ? 23.93013  0.56373   2.62134   1.000 242.36562 ? 7  DG C "O5'" 1 
ATOM 243 C "C5'" . DG C 3 2  ? 23.24178  -0.67527  2.78212   1.000 241.29759 ? 7  DG C "C5'" 1 
ATOM 244 C "C4'" . DG C 3 2  ? 22.36246  -0.64645  4.01917   1.000 234.75855 ? 7  DG C "C4'" 1 
ATOM 245 O "O4'" . DG C 3 2  ? 21.64955  0.61818   4.07348   1.000 228.75700 ? 7  DG C "O4'" 1 
ATOM 246 C "C3'" . DG C 3 2  ? 21.28273  -1.72367  4.06991   1.000 232.68075 ? 7  DG C "C3'" 1 
ATOM 247 O "O3'" . DG C 3 2  ? 20.99844  -2.05798  5.42617   1.000 243.84329 ? 7  DG C "O3'" 1 
ATOM 248 C "C2'" . DG C 3 2  ? 20.10560  -1.01513  3.41767   1.000 227.01232 ? 7  DG C "C2'" 1 
ATOM 249 C "C1'" . DG C 3 2  ? 20.25822  0.37640   4.01161   1.000 224.81175 ? 7  DG C "C1'" 1 
ATOM 250 N N9    . DG C 3 2  ? 19.63682  1.43219   3.21773   1.000 219.93538 ? 7  DG C N9    1 
ATOM 251 C C8    . DG C 3 2  ? 19.54677  1.49636   1.84839   1.000 223.05683 ? 7  DG C C8    1 
ATOM 252 N N7    . DG C 3 2  ? 18.94050  2.56900   1.41788   1.000 229.13171 ? 7  DG C N7    1 
ATOM 253 C C5    . DG C 3 2  ? 18.60272  3.25768   2.57683   1.000 229.13757 ? 7  DG C C5    1 
ATOM 254 C C6    . DG C 3 2  ? 17.93455  4.49400   2.74187   1.000 234.08323 ? 7  DG C C6    1 
ATOM 255 O O6    . DG C 3 2  ? 17.48367  5.24617   1.86765   1.000 236.17664 ? 7  DG C O6    1 
ATOM 256 N N1    . DG C 3 2  ? 17.79800  4.83179   4.08774   1.000 231.19525 ? 7  DG C N1    1 
ATOM 257 C C2    . DG C 3 2  ? 18.25842  4.07561   5.14041   1.000 230.41696 ? 7  DG C C2    1 
ATOM 258 N N2    . DG C 3 2  ? 18.03616  4.56279   6.37223   1.000 233.17931 ? 7  DG C N2    1 
ATOM 259 N N3    . DG C 3 2  ? 18.89125  2.91712   4.99737   1.000 230.01950 ? 7  DG C N3    1 
ATOM 260 C C4    . DG C 3 2  ? 19.03153  2.57365   3.69267   1.000 225.50035 ? 7  DG C C4    1 
ATOM 261 P P     . DG C 3 3  ? 20.06595  -3.31959  5.77810   1.000 296.24255 ? 8  DG C P     1 
ATOM 262 O OP1   . DG C 3 3  ? 20.30434  -3.67050  7.19531   1.000 280.87280 ? 8  DG C OP1   1 
ATOM 263 O OP2   . DG C 3 3  ? 20.28664  -4.33594  4.72565   1.000 280.44172 ? 8  DG C OP2   1 
ATOM 264 O "O5'" . DG C 3 3  ? 18.57376  -2.75517  5.62362   1.000 253.65604 ? 8  DG C "O5'" 1 
ATOM 265 C "C5'" . DG C 3 3  ? 17.55372  -3.14691  6.54648   1.000 250.97340 ? 8  DG C "C5'" 1 
ATOM 266 C "C4'" . DG C 3 3  ? 17.25277  -2.02339  7.52484   1.000 248.81589 ? 8  DG C "C4'" 1 
ATOM 267 O "O4'" . DG C 3 3  ? 17.93063  -0.81824  7.08674   1.000 234.20343 ? 8  DG C "O4'" 1 
ATOM 268 C "C3'" . DG C 3 3  ? 15.77839  -1.64701  7.64356   1.000 242.42592 ? 8  DG C "C3'" 1 
ATOM 269 O "O3'" . DG C 3 3  ? 15.14744  -2.39267  8.71382   1.000 232.21274 ? 8  DG C "O3'" 1 
ATOM 270 C "C2'" . DG C 3 3  ? 15.83384  -0.15051  7.92215   1.000 241.30928 ? 8  DG C "C2'" 1 
ATOM 271 C "C1'" . DG C 3 3  ? 17.03406  0.27682   7.10250   1.000 232.20029 ? 8  DG C "C1'" 1 
ATOM 272 N N9    . DG C 3 3  ? 16.71927  0.63964   5.72260   1.000 228.45777 ? 8  DG C N9    1 
ATOM 273 C C8    . DG C 3 3  ? 17.06965  -0.04859  4.59081   1.000 234.38622 ? 8  DG C C8    1 
ATOM 274 N N7    . DG C 3 3  ? 16.67253  0.52142   3.48897   1.000 234.30788 ? 8  DG C N7    1 
ATOM 275 C C5    . DG C 3 3  ? 16.00915  1.65942   3.91644   1.000 238.00096 ? 8  DG C C5    1 
ATOM 276 C C6    . DG C 3 3  ? 15.36159  2.67006   3.16954   1.000 246.39845 ? 8  DG C C6    1 
ATOM 277 O O6    . DG C 3 3  ? 15.24538  2.75264   1.93832   1.000 246.40036 ? 8  DG C O6    1 
ATOM 278 N N1    . DG C 3 3  ? 14.81807  3.65200   3.99036   1.000 244.81882 ? 8  DG C N1    1 
ATOM 279 C C2    . DG C 3 3  ? 14.88865  3.65880   5.36458   1.000 236.16905 ? 8  DG C C2    1 
ATOM 280 N N2    . DG C 3 3  ? 14.30206  4.69069   5.98912   1.000 237.73036 ? 8  DG C N2    1 
ATOM 281 N N3    . DG C 3 3  ? 15.49458  2.71682   6.07915   1.000 233.71409 ? 8  DG C N3    1 
ATOM 282 C C4    . DG C 3 3  ? 16.02827  1.75367   5.29188   1.000 233.32573 ? 8  DG C C4    1 
ATOM 283 P P     . DA C 3 4  ? 15.00035  -1.79925  10.20732  1.000 277.85135 ? 9  DA C P     1 
ATOM 284 O OP1   . DA C 3 4  ? 16.29923  -1.24737  10.65868  1.000 256.99487 ? 9  DA C OP1   1 
ATOM 285 O OP2   . DA C 3 4  ? 14.38471  -2.88031  11.00594  1.000 237.20196 ? 9  DA C OP2   1 
ATOM 286 O "O5'" . DA C 3 4  ? 13.89731  -0.63831  10.08424  1.000 234.81983 ? 9  DA C "O5'" 1 
ATOM 287 C "C5'" . DA C 3 4  ? 13.83212  0.38524   11.07569  1.000 215.87364 ? 9  DA C "C5'" 1 
ATOM 288 C "C4'" . DA C 3 4  ? 12.97698  1.55780   10.61359  1.000 228.92706 ? 9  DA C "C4'" 1 
ATOM 289 O "O4'" . DA C 3 4  ? 13.26231  1.86931   9.22387   1.000 231.58566 ? 9  DA C "O4'" 1 
ATOM 290 C "C3'" . DA C 3 4  ? 11.46503  1.34373   10.69823  1.000 230.78093 ? 9  DA C "C3'" 1 
ATOM 291 O "O3'" . DA C 3 4  ? 10.85147  2.51868   11.21158  1.000 237.55968 ? 9  DA C "O3'" 1 
ATOM 292 C "C2'" . DA C 3 4  ? 11.06561  1.08929   9.24405   1.000 236.05927 ? 9  DA C "C2'" 1 
ATOM 293 C "C1'" . DA C 3 4  ? 12.05047  1.98047   8.50894   1.000 239.80632 ? 9  DA C "C1'" 1 
ATOM 294 N N9    . DA C 3 4  ? 12.30127  1.57855   7.12783   1.000 248.81280 ? 9  DA C N9    1 
ATOM 295 C C8    . DA C 3 4  ? 12.94765  0.45323   6.70711   1.000 242.64080 ? 9  DA C C8    1 
ATOM 296 N N7    . DA C 3 4  ? 13.05066  0.35321   5.40516   1.000 236.15834 ? 9  DA C N7    1 
ATOM 297 C C5    . DA C 3 4  ? 12.42389  1.49265   4.93528   1.000 247.75333 ? 9  DA C C5    1 
ATOM 298 C C6    . DA C 3 4  ? 12.19098  1.97637   3.63462   1.000 238.65617 ? 9  DA C C6    1 
ATOM 299 N N6    . DA C 3 4  ? 12.58682  1.33490   2.53026   1.000 261.33321 ? 9  DA C N6    1 
ATOM 300 N N1    . DA C 3 4  ? 11.53663  3.14910   3.51175   1.000 261.30402 ? 9  DA C N1    1 
ATOM 301 C C2    . DA C 3 4  ? 11.14297  3.78755   4.62051   1.000 265.34033 ? 9  DA C C2    1 
ATOM 302 N N3    . DA C 3 4  ? 11.30411  3.43200   5.89506   1.000 260.85528 ? 9  DA C N3    1 
ATOM 303 C C4    . DA C 3 4  ? 11.95930  2.26403   5.98408   1.000 253.81861 ? 9  DA C C4    1 
ATOM 304 P P     . DC C 3 5  ? 9.31446   2.49964   11.67690  1.000 241.00072 ? 10 DC C P     1 
ATOM 305 O OP1   . DC C 3 5  ? 9.18532   3.40778   12.83935  1.000 273.17787 ? 10 DC C OP1   1 
ATOM 306 O OP2   . DC C 3 5  ? 8.89722   1.08340   11.78461  1.000 231.82276 ? 10 DC C OP2   1 
ATOM 307 O "O5'" . DC C 3 5  ? 8.53810   3.14142   10.43670  1.000 259.83171 ? 10 DC C "O5'" 1 
ATOM 308 C "C5'" . DC C 3 5  ? 7.18818   3.56810   10.57749  1.000 277.71380 ? 10 DC C "C5'" 1 
ATOM 309 C "C4'" . DC C 3 5  ? 6.78922   4.44816   9.40788   1.000 295.01836 ? 10 DC C "C4'" 1 
ATOM 310 O "O4'" . DC C 3 5  ? 7.82084   4.38405   8.40326   1.000 288.57162 ? 10 DC C "O4'" 1 
ATOM 311 C "C3'" . DC C 3 5  ? 5.50604   4.03335   8.70628   1.000 312.40853 ? 10 DC C "C3'" 1 
ATOM 312 O "O3'" . DC C 3 5  ? 4.40180   4.72388   9.28108   1.000 321.83173 ? 10 DC C "O3'" 1 
ATOM 313 C "C2'" . DC C 3 5  ? 5.73277   4.46672   7.25788   1.000 313.35942 ? 10 DC C "C2'" 1 
ATOM 314 C "C1'" . DC C 3 5  ? 7.25425   4.46212   7.11157   1.000 300.04199 ? 10 DC C "C1'" 1 
ATOM 315 N N1    . DC C 3 5  ? 7.78983   3.33576   6.29548   1.000 297.59869 ? 10 DC C N1    1 
ATOM 316 C C2    . DC C 3 5  ? 7.74914   3.41152   4.89865   1.000 303.04385 ? 10 DC C C2    1 
ATOM 317 O O2    . DC C 3 5  ? 7.24845   4.40964   4.36709   1.000 313.14713 ? 10 DC C O2    1 
ATOM 318 N N3    . DC C 3 5  ? 8.25659   2.38448   4.17100   1.000 299.77305 ? 10 DC C N3    1 
ATOM 319 C C4    . DC C 3 5  ? 8.78900   1.32795   4.79069   1.000 291.09093 ? 10 DC C C4    1 
ATOM 320 N N4    . DC C 3 5  ? 9.27795   0.33779   4.03608   1.000 292.14083 ? 10 DC C N4    1 
ATOM 321 C C5    . DC C 3 5  ? 8.84241   1.23794   6.21314   1.000 287.63813 ? 10 DC C C5    1 
ATOM 322 C C6    . DC C 3 5  ? 8.34090   2.25558   6.91784   1.000 288.05989 ? 10 DC C C6    1 
ATOM 323 P P     . DA C 3 6  ? 2.90347   4.19190   9.05084   1.000 326.32276 ? 11 DA C P     1 
ATOM 324 O OP1   . DA C 3 6  ? 2.01839   4.88663   10.01162  1.000 363.96257 ? 11 DA C OP1   1 
ATOM 325 O OP2   . DA C 3 6  ? 2.96031   2.71432   9.04377   1.000 340.54107 ? 11 DA C OP2   1 
ATOM 326 O "O5'" . DA C 3 6  ? 2.54282   4.66586   7.56478   1.000 326.32600 ? 11 DA C "O5'" 1 
ATOM 327 C "C5'" . DA C 3 6  ? 2.55118   6.05135   7.22495   1.000 325.80126 ? 11 DA C "C5'" 1 
ATOM 328 C "C4'" . DA C 3 6  ? 2.30133   6.23885   5.73717   1.000 326.25531 ? 11 DA C "C4'" 1 
ATOM 329 O "O4'" . DA C 3 6  ? 3.31103   5.51534   4.98293   1.000 325.66056 ? 11 DA C "O4'" 1 
ATOM 330 C "C3'" . DA C 3 6  ? 0.94922   5.72479   5.24325   1.000 328.22482 ? 11 DA C "C3'" 1 
ATOM 331 O "O3'" . DA C 3 6  ? 0.39823   6.61561   4.28034   1.000 329.08119 ? 11 DA C "O3'" 1 
ATOM 332 C "C2'" . DA C 3 6  ? 1.28844   4.37331   4.62553   1.000 328.69702 ? 11 DA C "C2'" 1 
ATOM 333 C "C1'" . DA C 3 6  ? 2.69513   4.60651   4.09425   1.000 327.26460 ? 11 DA C "C1'" 1 
ATOM 334 N N9    . DA C 3 6  ? 3.49144   3.38454   4.05616   1.000 327.33195 ? 11 DA C N9    1 
ATOM 335 C C8    . DA C 3 6  ? 3.88003   2.62592   5.12440   1.000 326.96398 ? 11 DA C C8    1 
ATOM 336 N N7    . DA C 3 6  ? 4.58374   1.56974   4.79661   1.000 339.36447 ? 11 DA C N7    1 
ATOM 337 C C5    . DA C 3 6  ? 4.65728   1.63540   3.41532   1.000 328.46692 ? 11 DA C C5    1 
ATOM 338 C C6    . DA C 3 6  ? 5.26936   0.80315   2.45893   1.000 329.92717 ? 11 DA C C6    1 
ATOM 339 N N6    . DA C 3 6  ? 5.94946   -0.30208  2.77631   1.000 330.64452 ? 11 DA C N6    1 
ATOM 340 N N1    . DA C 3 6  ? 5.15495   1.15198   1.15995   1.000 331.09824 ? 11 DA C N1    1 
ATOM 341 C C2    . DA C 3 6  ? 4.47073   2.26015   0.84759   1.000 330.70516 ? 11 DA C C2    1 
ATOM 342 N N3    . DA C 3 6  ? 3.85443   3.12133   1.65835   1.000 329.37342 ? 11 DA C N3    1 
ATOM 343 C C4    . DA C 3 6  ? 3.98655   2.74677   2.94134   1.000 328.31140 ? 11 DA C C4    1 
ATOM 344 P P     . DG C 3 7  ? -1.17126  6.55443   3.93635   1.000 331.43710 ? 12 DG C P     1 
ATOM 345 O OP1   . DG C 3 7  ? -1.69393  7.93727   3.98207   1.000 332.05898 ? 12 DG C OP1   1 
ATOM 346 O OP2   . DG C 3 7  ? -1.77848  5.50804   4.78904   1.000 332.21910 ? 12 DG C OP2   1 
ATOM 347 O "O5'" . DG C 3 7  ? -1.21889  6.03843   2.42231   1.000 332.63839 ? 12 DG C "O5'" 1 
ATOM 348 C "C5'" . DG C 3 7  ? -0.83547  6.90837   1.36160   1.000 332.78502 ? 12 DG C "C5'" 1 
ATOM 349 C "C4'" . DG C 3 7  ? -0.66677  6.13993   0.06149   1.000 334.22822 ? 12 DG C "C4'" 1 
ATOM 350 O "O4'" . DG C 3 7  ? 0.27584   5.05206   0.25903   1.000 333.33079 ? 12 DG C "O4'" 1 
ATOM 351 C "C3'" . DG C 3 7  ? -1.94485  5.50249   -0.49194  1.000 336.96032 ? 12 DG C "C3'" 1 
ATOM 352 O "O3'" . DG C 3 7  ? -1.99670  5.67281   -1.90785  1.000 338.98328 ? 12 DG C "O3'" 1 
ATOM 353 C "C2'" . DG C 3 7  ? -1.79324  4.03237   -0.10694  1.000 337.12388 ? 12 DG C "C2'" 1 
ATOM 354 C "C1'" . DG C 3 7  ? -0.28770  3.84934   -0.21059  1.000 335.44837 ? 12 DG C "C1'" 1 
ATOM 355 N N9    . DG C 3 7  ? 0.22535   2.74742   0.59973   1.000 334.71682 ? 12 DG C N9    1 
ATOM 356 C C8    . DG C 3 7  ? 0.11411   2.59655   1.96110   1.000 333.44494 ? 12 DG C C8    1 
ATOM 357 N N7    . DG C 3 7  ? 0.67051   1.50544   2.41018   1.000 333.42367 ? 12 DG C N7    1 
ATOM 358 C C5    . DG C 3 7  ? 1.18321   0.89341   1.27371   1.000 334.80445 ? 12 DG C C5    1 
ATOM 359 C C6    . DG C 3 7  ? 1.89480   -0.32136  1.13532   1.000 335.85678 ? 12 DG C C6    1 
ATOM 360 O O6    . DG C 3 7  ? 2.22248   -1.12291  2.02140   1.000 335.64013 ? 12 DG C O6    1 
ATOM 361 N N1    . DG C 3 7  ? 2.23053   -0.57409  -0.19463  1.000 337.78874 ? 12 DG C N1    1 
ATOM 362 C C2    . DG C 3 7  ? 1.91785   0.24693   -1.25464  1.000 338.58607 ? 12 DG C C2    1 
ATOM 363 N N2    . DG C 3 7  ? 2.32289   -0.15548  -2.46894  1.000 341.00486 ? 12 DG C N2    1 
ATOM 364 N N3    . DG C 3 7  ? 1.25161   1.38755   -1.13513  1.000 337.54050 ? 12 DG C N3    1 
ATOM 365 C C4    . DG C 3 7  ? 0.92300   1.64906   0.15273   1.000 335.64859 ? 12 DG C C4    1 
ATOM 366 P P     . DC C 3 8  ? -3.33201  5.31350   -2.72894  1.000 342.42215 ? 13 DC C P     1 
ATOM 367 O OP1   . DC C 3 8  ? -3.22949  5.96687   -4.05290  1.000 344.30877 ? 13 DC C OP1   1 
ATOM 368 O OP2   . DC C 3 8  ? -4.49391  5.59698   -1.85709  1.000 342.67016 ? 13 DC C OP2   1 
ATOM 369 O "O5'" . DC C 3 8  ? -3.23965  3.73054   -2.93513  1.000 343.71939 ? 13 DC C "O5'" 1 
ATOM 370 C "C5'" . DC C 3 8  ? -3.92007  3.11143   -4.01764  1.000 347.26220 ? 13 DC C "C5'" 1 
ATOM 371 C "C4'" . DC C 3 8  ? -2.96726  2.24339   -4.81887  1.000 348.47246 ? 13 DC C "C4'" 1 
ATOM 372 O "O4'" . DC C 3 8  ? -1.75395  2.04089   -4.05815  1.000 345.53498 ? 13 DC C "O4'" 1 
ATOM 373 C "C3'" . DC C 3 8  ? -3.48879  0.85197   -5.13936  1.000 351.54131 ? 13 DC C "C3'" 1 
ATOM 374 O "O3'" . DC C 3 8  ? -4.15772  0.86716   -6.39293  1.000 355.38498 ? 13 DC C "O3'" 1 
ATOM 375 C "C2'" . DC C 3 8  ? -2.21597  0.01580   -5.20663  1.000 351.24005 ? 13 DC C "C2'" 1 
ATOM 376 C "C1'" . DC C 3 8  ? -1.29741  0.70933   -4.20660  1.000 346.95243 ? 13 DC C "C1'" 1 
ATOM 377 N N1    . DC C 3 8  ? -1.24802  0.07172   -2.85220  1.000 345.02509 ? 13 DC C N1    1 
ATOM 378 C C2    . DC C 3 8  ? -0.62152  -1.17433  -2.68036  1.000 345.86370 ? 13 DC C C2    1 
ATOM 379 O O2    . DC C 3 8  ? -0.13265  -1.74795  -3.66374  1.000 348.31803 ? 13 DC C O2    1 
ATOM 380 N N3    . DC C 3 8  ? -0.57290  -1.71520  -1.43476  1.000 344.39665 ? 13 DC C N3    1 
ATOM 381 C C4    . DC C 3 8  ? -1.10989  -1.06012  -0.40099  1.000 342.28189 ? 13 DC C C4    1 
ATOM 382 N N4    . DC C 3 8  ? -1.04252  -1.62705  0.80766   1.000 344.52556 ? 13 DC C N4    1 
ATOM 383 C C5    . DC C 3 8  ? -1.74802  0.20389   -0.56045  1.000 341.52676 ? 13 DC C C5    1 
ATOM 384 C C6    . DC C 3 8  ? -1.78465  0.73030   -1.78612  1.000 342.86451 ? 13 DC C C6    1 
ATOM 385 P P     . DA C 3 9  ? -5.23943  -0.26650  -6.74893  1.000 380.61532 ? 14 DA C P     1 
ATOM 386 O OP1   . DA C 3 9  ? -5.87399  0.11335   -8.02973  1.000 363.12126 ? 14 DA C OP1   1 
ATOM 387 O OP2   . DA C 3 9  ? -6.07371  -0.48655  -5.54689  1.000 357.98045 ? 14 DA C OP2   1 
ATOM 388 O "O5'" . DA C 3 9  ? -4.36203  -1.58372  -6.98334  1.000 360.87666 ? 14 DA C "O5'" 1 
ATOM 389 C "C5'" . DA C 3 9  ? -3.43813  -1.64407  -8.06674  1.000 362.80045 ? 14 DA C "C5'" 1 
ATOM 390 C "C4'" . DA C 3 9  ? -2.51820  -2.84603  -7.92946  1.000 363.59540 ? 14 DA C "C4'" 1 
ATOM 391 O "O4'" . DA C 3 9  ? -2.01987  -2.92827  -6.56567  1.000 359.55791 ? 14 DA C "O4'" 1 
ATOM 392 C "C3'" . DA C 3 9  ? -3.17067  -4.19601  -8.20635  1.000 367.92760 ? 14 DA C "C3'" 1 
ATOM 393 O "O3'" . DA C 3 9  ? -2.20668  -5.08469  -8.75993  1.000 370.59577 ? 14 DA C "O3'" 1 
ATOM 394 C "C2'" . DA C 3 9  ? -3.60045  -4.63700  -6.81207  1.000 365.40554 ? 14 DA C "C2'" 1 
ATOM 395 C "C1'" . DA C 3 9  ? -2.41882  -4.15640  -5.98667  1.000 360.84409 ? 14 DA C "C1'" 1 
ATOM 396 N N9    . DA C 3 9  ? -2.72685  -3.92326  -4.57806  1.000 357.24517 ? 14 DA C N9    1 
ATOM 397 C C8    . DA C 3 9  ? -3.33744  -2.82536  -4.04049  1.000 354.65007 ? 14 DA C C8    1 
ATOM 398 N N7    . DA C 3 9  ? -3.47096  -2.87548  -2.73782  1.000 352.21016 ? 14 DA C N7    1 
ATOM 399 C C5    . DA C 3 9  ? -2.90810  -4.09233  -2.39442  1.000 353.13134 ? 14 DA C C5    1 
ATOM 400 C C6    . DA C 3 9  ? -2.73981  -4.73910  -1.15660  1.000 351.93924 ? 14 DA C C6    1 
ATOM 401 N N6    . DA C 3 9  ? -3.14386  -4.21725  0.00389   1.000 349.50642 ? 14 DA C N6    1 
ATOM 402 N N1    . DA C 3 9  ? -2.13883  -5.94767  -1.15919  1.000 353.83212 ? 14 DA C N1    1 
ATOM 403 C C2    . DA C 3 9  ? -1.73527  -6.46484  -2.32592  1.000 356.82094 ? 14 DA C C2    1 
ATOM 404 N N3    . DA C 3 9  ? -1.84028  -5.95064  -3.55224  1.000 358.33831 ? 14 DA C N3    1 
ATOM 405 C C4    . DA C 3 9  ? -2.43966  -4.74921  -3.51476  1.000 356.23771 ? 14 DA C C4    1 
ATOM 406 P P     . DC C 3 10 ? -2.66892  -6.43906  -9.49074  1.000 376.71642 ? 15 DC C P     1 
ATOM 407 O OP1   . DC C 3 10 ? -2.26617  -6.33564  -10.91077 1.000 380.89303 ? 15 DC C OP1   1 
ATOM 408 O OP2   . DC C 3 10 ? -4.08720  -6.68678  -9.14739  1.000 377.73140 ? 15 DC C OP2   1 
ATOM 409 O "O5'" . DC C 3 10 ? -1.78262  -7.57095  -8.78769  1.000 376.59658 ? 15 DC C "O5'" 1 
ATOM 410 C "C5'" . DC C 3 10 ? -1.62948  -7.57487  -7.37342  1.000 372.11069 ? 15 DC C "C5'" 1 
ATOM 411 C "C4'" . DC C 3 10 ? -1.97374  -8.93433  -6.79710  1.000 374.52129 ? 15 DC C "C4'" 1 
ATOM 412 O "O4'" . DC C 3 10 ? -2.32306  -8.78367  -5.39493  1.000 370.54796 ? 15 DC C "O4'" 1 
ATOM 413 C "C3'" . DC C 3 10 ? -3.17944  -9.60965  -7.43522  1.000 379.52250 ? 15 DC C "C3'" 1 
ATOM 414 O "O3'" . DC C 3 10 ? -3.07392  -11.02026 -7.28961  1.000 383.30702 ? 15 DC C "O3'" 1 
ATOM 415 C "C2'" . DC C 3 10 ? -4.31981  -9.05400  -6.59804  1.000 376.67557 ? 15 DC C "C2'" 1 
ATOM 416 C "C1'" . DC C 3 10 ? -3.69102  -9.09897  -5.21320  1.000 372.36349 ? 15 DC C "C1'" 1 
ATOM 417 N N1    . DC C 3 10 ? -4.28240  -8.13089  -4.24760  1.000 368.01727 ? 15 DC C N1    1 
ATOM 418 C C2    . DC C 3 10 ? -4.26566  -8.42898  -2.88455  1.000 365.69018 ? 15 DC C C2    1 
ATOM 419 O O2    . DC C 3 10 ? -3.75224  -9.49111  -2.51613  1.000 367.16312 ? 15 DC C O2    1 
ATOM 420 N N3    . DC C 3 10 ? -4.80301  -7.54128  -2.01078  1.000 362.32401 ? 15 DC C N3    1 
ATOM 421 C C4    . DC C 3 10 ? -5.34269  -6.40602  -2.46104  1.000 361.25525 ? 15 DC C C4    1 
ATOM 422 N N4    . DC C 3 10 ? -5.86373  -5.55934  -1.56617  1.000 358.44188 ? 15 DC C N4    1 
ATOM 423 C C5    . DC C 3 10 ? -5.37387  -6.08933  -3.85084  1.000 363.50809 ? 15 DC C C5    1 
ATOM 424 C C6    . DC C 3 10 ? -4.83808  -6.97246  -4.69915  1.000 366.85357 ? 15 DC C C6    1 
ATOM 425 P P     . DC C 3 11 ? -3.28847  -11.98257 -8.55795  1.000 325.89717 ? 16 DC C P     1 
ATOM 426 O OP1   . DC C 3 11 ? -1.94907  -12.33907 -9.07603  1.000 318.59978 ? 16 DC C OP1   1 
ATOM 427 O OP2   . DC C 3 11 ? -4.27555  -11.33696 -9.45136  1.000 336.49600 ? 16 DC C OP2   1 
ATOM 428 O "O5'" . DC C 3 11 ? -3.95841  -13.29654 -7.93765  1.000 319.11341 ? 16 DC C "O5'" 1 
ATOM 429 C "C5'" . DC C 3 11 ? -5.00691  -13.18031 -6.98277  1.000 316.22440 ? 16 DC C "C5'" 1 
ATOM 430 C "C4'" . DC C 3 11 ? -4.54091  -13.64470 -5.61465  1.000 311.83985 ? 16 DC C "C4'" 1 
ATOM 431 O "O4'" . DC C 3 11 ? -4.56748  -12.52841 -4.68774  1.000 315.21254 ? 16 DC C "O4'" 1 
ATOM 432 C "C3'" . DC C 3 11 ? -5.40827  -14.71246 -4.97058  1.000 304.85895 ? 16 DC C "C3'" 1 
ATOM 433 O "O3'" . DC C 3 11 ? -4.62836  -15.46945 -4.05650  1.000 300.32678 ? 16 DC C "O3'" 1 
ATOM 434 C "C2'" . DC C 3 11 ? -6.45247  -13.87008 -4.24888  1.000 301.68422 ? 16 DC C "C2'" 1 
ATOM 435 C "C1'" . DC C 3 11 ? -5.59310  -12.72472 -3.72763  1.000 309.10702 ? 16 DC C "C1'" 1 
ATOM 436 N N1    . DC C 3 11 ? -6.32243  -11.42895 -3.55594  1.000 313.10917 ? 16 DC C N1    1 
ATOM 437 C C2    . DC C 3 11 ? -6.63786  -10.97022 -2.26937  1.000 317.07187 ? 16 DC C C2    1 
ATOM 438 O O2    . DC C 3 11 ? -6.32556  -11.66059 -1.29241  1.000 316.51829 ? 16 DC C O2    1 
ATOM 439 N N3    . DC C 3 11 ? -7.28390  -9.78203  -2.13595  1.000 319.48489 ? 16 DC C N3    1 
ATOM 440 C C4    . DC C 3 11 ? -7.60117  -9.06959  -3.21988  1.000 319.28156 ? 16 DC C C4    1 
ATOM 441 N N4    . DC C 3 11 ? -8.23748  -7.90512  -3.04551  1.000 320.47378 ? 16 DC C N4    1 
ATOM 442 C C5    . DC C 3 11 ? -7.28119  -9.51944  -4.53431  1.000 318.33798 ? 16 DC C C5    1 
ATOM 443 C C6    . DC C 3 11 ? -6.64749  -10.68997 -4.65341  1.000 316.29078 ? 16 DC C C6    1 
ATOM 444 P P     . DT C 3 12 ? -5.13441  -16.90888 -3.55610  1.000 300.30624 ? 17 DT C P     1 
ATOM 445 O OP1   . DT C 3 12 ? -3.95416  -17.65003 -3.05885  1.000 286.19928 ? 17 DT C OP1   1 
ATOM 446 O OP2   . DT C 3 12 ? -5.96862  -17.48750 -4.63278  1.000 278.93903 ? 17 DT C OP2   1 
ATOM 447 O "O5'" . DT C 3 12 ? -6.08500  -16.56835 -2.31625  1.000 271.11442 ? 17 DT C "O5'" 1 
ATOM 448 C "C5'" . DT C 3 12 ? -5.61513  -15.71911 -1.27285  1.000 272.65935 ? 17 DT C "C5'" 1 
ATOM 449 C "C4'" . DT C 3 12 ? -6.55360  -15.75913 -0.08093  1.000 280.40157 ? 17 DT C "C4'" 1 
ATOM 450 O "O4'" . DT C 3 12 ? -7.22567  -14.47977 0.06181   1.000 285.22623 ? 17 DT C "O4'" 1 
ATOM 451 C "C3'" . DT C 3 12 ? -7.66498  -16.79468 -0.17144  1.000 279.08027 ? 17 DT C "C3'" 1 
ATOM 452 O "O3'" . DT C 3 12 ? -7.97868  -17.25949 1.13377   1.000 274.85784 ? 17 DT C "O3'" 1 
ATOM 453 C "C2'" . DT C 3 12 ? -8.81116  -15.98257 -0.77071  1.000 278.03887 ? 17 DT C "C2'" 1 
ATOM 454 C "C1'" . DT C 3 12 ? -8.62476  -14.66283 -0.04599  1.000 281.41898 ? 17 DT C "C1'" 1 
ATOM 455 N N1    . DT C 3 12 ? -9.18946  -13.47592 -0.74930  1.000 285.20071 ? 17 DT C N1    1 
ATOM 456 C C2    . DT C 3 12 ? -9.68837  -12.44799 0.00440   1.000 280.27808 ? 17 DT C C2    1 
ATOM 457 O O2    . DT C 3 12 ? -9.71543  -12.46728 1.22192   1.000 310.79448 ? 17 DT C O2    1 
ATOM 458 N N3    . DT C 3 12 ? -10.16460 -11.38908 -0.71033  1.000 270.40200 ? 17 DT C N3    1 
ATOM 459 C C4    . DT C 3 12 ? -10.18999 -11.24787 -2.08180  1.000 287.33257 ? 17 DT C C4    1 
ATOM 460 O O4    . DT C 3 12 ? -10.64519 -10.24511 -2.62505  1.000 274.43119 ? 17 DT C O4    1 
ATOM 461 C C5    . DT C 3 12 ? -9.64440  -12.35988 -2.82549  1.000 288.72695 ? 17 DT C C5    1 
ATOM 462 C C7    . DT C 3 12 ? -9.62199  -12.32339 -4.32474  1.000 285.82391 ? 17 DT C C7    1 
ATOM 463 C C6    . DT C 3 12 ? -9.17057  -13.41127 -2.13018  1.000 286.87719 ? 17 DT C C6    1 
ATOM 464 P P     . DC C 3 13 ? -7.34773  -18.63459 1.67387   1.000 261.77563 ? 18 DC C P     1 
ATOM 465 O OP1   . DC C 3 13 ? -7.26792  -18.54857 3.15062   1.000 260.84007 ? 18 DC C OP1   1 
ATOM 466 O OP2   . DC C 3 13 ? -6.11475  -18.88936 0.89573   1.000 294.15565 ? 18 DC C OP2   1 
ATOM 467 O "O5'" . DC C 3 13 ? -8.42409  -19.73628 1.23778   1.000 273.55885 ? 18 DC C "O5'" 1 
ATOM 468 C "C5'" . DC C 3 13 ? -9.25524  -20.36637 2.21065   1.000 281.01351 ? 18 DC C "C5'" 1 
ATOM 469 C "C4'" . DC C 3 13 ? -10.25679 -19.38961 2.81118   1.000 284.69309 ? 18 DC C "C4'" 1 
ATOM 470 O "O4'" . DC C 3 13 ? -10.40154 -18.22526 1.95456   1.000 280.02071 ? 18 DC C "O4'" 1 
ATOM 471 C "C3'" . DC C 3 13 ? -11.66567 -19.95380 3.00946   1.000 273.17590 ? 18 DC C "C3'" 1 
ATOM 472 O "O3'" . DC C 3 13 ? -12.12551 -19.65825 4.32192   1.000 302.75759 ? 18 DC C "O3'" 1 
ATOM 473 C "C2'" . DC C 3 13 ? -12.49089 -19.23118 1.94336   1.000 275.50951 ? 18 DC C "C2'" 1 
ATOM 474 C "C1'" . DC C 3 13 ? -11.76468 -17.90103 1.84661   1.000 272.14352 ? 18 DC C "C1'" 1 
ATOM 475 N N1    . DC C 3 13 ? -11.98379 -17.18989 0.54941   1.000 270.10289 ? 18 DC C N1    1 
ATOM 476 C C2    . DC C 3 13 ? -12.49751 -15.88366 0.54587   1.000 270.13221 ? 18 DC C C2    1 
ATOM 477 O O2    . DC C 3 13 ? -12.76143 -15.33697 1.62526   1.000 270.54063 ? 18 DC C O2    1 
ATOM 478 N N3    . DC C 3 13 ? -12.68824 -15.25762 -0.64611  1.000 266.81307 ? 18 DC C N3    1 
ATOM 479 C C4    . DC C 3 13 ? -12.38791 -15.88758 -1.78648  1.000 259.54560 ? 18 DC C C4    1 
ATOM 480 N N4    . DC C 3 13 ? -12.59014 -15.23868 -2.93817  1.000 252.11919 ? 18 DC C N4    1 
ATOM 481 C C5    . DC C 3 13 ? -11.86762 -17.21516 -1.79834  1.000 261.51691 ? 18 DC C C5    1 
ATOM 482 C C6    . DC C 3 13 ? -11.68464 -17.82133 -0.62164  1.000 268.81218 ? 18 DC C C6    1 
ATOM 483 P P     . DG C 3 14 ? -12.33125 -20.84144 5.38917   1.000 262.03931 ? 19 DG C P     1 
ATOM 484 O OP1   . DG C 3 14 ? -11.28574 -20.69756 6.42539   1.000 318.02459 ? 19 DG C OP1   1 
ATOM 485 O OP2   . DG C 3 14 ? -12.46774 -22.10886 4.63735   1.000 269.14300 ? 19 DG C OP2   1 
ATOM 486 O "O5'" . DG C 3 14 ? -13.74600 -20.51218 6.04315   1.000 258.03706 ? 19 DG C "O5'" 1 
ATOM 487 C "C5'" . DG C 3 14 ? -14.73694 -19.87732 5.26264   1.000 257.67145 ? 19 DG C "C5'" 1 
ATOM 488 C "C4'" . DG C 3 14 ? -15.19187 -18.59494 5.92503   1.000 264.35197 ? 19 DG C "C4'" 1 
ATOM 489 O "O4'" . DG C 3 14 ? -14.98848 -17.47765 5.02082   1.000 259.91494 ? 19 DG C "O4'" 1 
ATOM 490 C "C3'" . DG C 3 14 ? -16.66403 -18.55133 6.24698   1.000 264.24721 ? 19 DG C "C3'" 1 
ATOM 491 O "O3'" . DG C 3 14 ? -16.89967 -17.55663 7.23056   1.000 272.99019 ? 19 DG C "O3'" 1 
ATOM 492 C "C2'" . DG C 3 14 ? -17.23872 -18.15090 4.89532   1.000 255.94125 ? 19 DG C "C2'" 1 
ATOM 493 C "C1'" . DG C 3 14 ? -16.23087 -17.09777 4.44648   1.000 254.13929 ? 19 DG C "C1'" 1 
ATOM 494 N N9    . DG C 3 14 ? -16.04548 -17.01173 2.99703   1.000 249.74724 ? 19 DG C N9    1 
ATOM 495 C C8    . DG C 3 14 ? -15.44705 -17.94715 2.19284   1.000 250.08636 ? 19 DG C C8    1 
ATOM 496 N N7    . DG C 3 14 ? -15.38652 -17.59902 0.93929   1.000 250.96511 ? 19 DG C N7    1 
ATOM 497 C C5    . DG C 3 14 ? -15.97739 -16.34416 0.90499   1.000 256.93467 ? 19 DG C C5    1 
ATOM 498 C C6    . DG C 3 14 ? -16.20004 -15.47676 -0.18919  1.000 248.67695 ? 19 DG C C6    1 
ATOM 499 O O6    . DG C 3 14 ? -15.90313 -15.65685 -1.37771  1.000 255.51965 ? 19 DG C O6    1 
ATOM 500 N N1    . DG C 3 14 ? -16.83368 -14.29935 0.20338   1.000 261.02000 ? 19 DG C N1    1 
ATOM 501 C C2    . DG C 3 14 ? -17.20597 -13.99869 1.49450   1.000 246.32435 ? 19 DG C C2    1 
ATOM 502 N N2    . DG C 3 14 ? -17.80823 -12.81268 1.68367   1.000 252.79100 ? 19 DG C N2    1 
ATOM 503 N N3    . DG C 3 14 ? -17.00468 -14.80865 2.53247   1.000 250.45981 ? 19 DG C N3    1 
ATOM 504 C C4    . DG C 3 14 ? -16.38762 -15.96113 2.16358   1.000 255.40355 ? 19 DG C C4    1 
ATOM 505 P P     . DC C 3 15 ? -18.09850 -17.72481 8.28716   1.000 290.51815 ? 20 DC C P     1 
ATOM 506 O OP1   . DC C 3 15 ? -17.62074 -17.24082 9.59989   1.000 293.76715 ? 20 DC C OP1   1 
ATOM 507 O OP2   . DC C 3 15 ? -18.63289 -19.09687 8.16213   1.000 273.88910 ? 20 DC C OP2   1 
ATOM 508 O "O5'" . DC C 3 15 ? -19.23349 -16.74542 7.73576   1.000 262.28556 ? 20 DC C "O5'" 1 
ATOM 509 C "C5'" . DC C 3 15 ? -19.97988 -17.11422 6.58342   1.000 247.61267 ? 20 DC C "C5'" 1 
ATOM 510 C "C4'" . DC C 3 15 ? -20.41523 -15.89337 5.80065   1.000 242.85268 ? 20 DC C "C4'" 1 
ATOM 511 O "O4'" . DC C 3 15 ? -19.66847 -15.81111 4.55046   1.000 246.98140 ? 20 DC C "O4'" 1 
ATOM 512 C "C3'" . DC C 3 15 ? -21.87869 -15.91100 5.38982   1.000 233.89518 ? 20 DC C "C3'" 1 
ATOM 513 O "O3'" . DC C 3 15 ? -22.36560 -14.59696 5.33580   1.000 227.06831 ? 20 DC C "O3'" 1 
ATOM 514 C "C2'" . DC C 3 15 ? -21.80206 -16.51979 4.00125   1.000 246.51211 ? 20 DC C "C2'" 1 
ATOM 515 C "C1'" . DC C 3 15 ? -20.58107 -15.80262 3.46955   1.000 250.13030 ? 20 DC C "C1'" 1 
ATOM 516 N N1    . DC C 3 15 ? -19.94081 -16.47202 2.30974   1.000 257.77997 ? 20 DC C N1    1 
ATOM 517 C C2    . DC C 3 15 ? -19.89619 -15.83253 1.06124   1.000 255.83637 ? 20 DC C C2    1 
ATOM 518 O O2    . DC C 3 15 ? -20.41103 -14.71418 0.93389   1.000 257.86622 ? 20 DC C O2    1 
ATOM 519 N N3    . DC C 3 15 ? -19.28725 -16.46773 0.02539   1.000 254.02128 ? 20 DC C N3    1 
ATOM 520 C C4    . DC C 3 15 ? -18.74668 -17.67486 0.20902   1.000 249.40521 ? 20 DC C C4    1 
ATOM 521 N N4    . DC C 3 15 ? -18.15421 -18.26871 -0.83152  1.000 261.60704 ? 20 DC C N4    1 
ATOM 522 C C5    . DC C 3 15 ? -18.78070 -18.32740 1.47191   1.000 272.82275 ? 20 DC C C5    1 
ATOM 523 C C6    . DC C 3 15 ? -19.38437 -17.69772 2.47787   1.000 249.32965 ? 20 DC C C6    1 
ATOM 524 P P     . DA C 3 16 ? -23.26994 -14.02975 6.52926   1.000 220.04859 ? 21 DA C P     1 
ATOM 525 O OP1   . DA C 3 16 ? -22.34996 -13.37680 7.49111   1.000 294.56839 ? 21 DA C OP1   1 
ATOM 526 O OP2   . DA C 3 16 ? -24.13815 -15.13573 6.98868   1.000 222.99379 ? 21 DA C OP2   1 
ATOM 527 O "O5'" . DA C 3 16 ? -24.22022 -12.96984 5.79866   1.000 229.19823 ? 21 DA C "O5'" 1 
ATOM 528 C "C5'" . DA C 3 16 ? -25.35334 -13.43497 5.04825   1.000 239.89871 ? 21 DA C "C5'" 1 
ATOM 529 C "C4'" . DA C 3 16 ? -25.55617 -12.61051 3.78853   1.000 244.41486 ? 21 DA C "C4'" 1 
ATOM 530 O "O4'" . DA C 3 16 ? -24.71319 -13.12702 2.72703   1.000 245.02581 ? 21 DA C "O4'" 1 
ATOM 531 C "C3'" . DA C 3 16 ? -26.95159 -12.68521 3.20682   1.000 250.14181 ? 21 DA C "C3'" 1 
ATOM 532 O "O3'" . DA C 3 16 ? -27.12832 -11.61401 2.27703   1.000 239.04285 ? 21 DA C "O3'" 1 
ATOM 533 C "C2'" . DA C 3 16 ? -26.87483 -14.02475 2.49699   1.000 256.25133 ? 21 DA C "C2'" 1 
ATOM 534 C "C1'" . DA C 3 16 ? -25.51938 -13.86906 1.82266   1.000 252.58751 ? 21 DA C "C1'" 1 
ATOM 535 N N9    . DA C 3 16 ? -24.84171 -15.10790 1.54656   1.000 250.74163 ? 21 DA C N9    1 
ATOM 536 C C8    . DA C 3 16 ? -24.63179 -16.14797 2.40276   1.000 252.34693 ? 21 DA C C8    1 
ATOM 537 N N7    . DA C 3 16 ? -23.95744 -17.13661 1.86971   1.000 260.12533 ? 21 DA C N7    1 
ATOM 538 C C5    . DA C 3 16 ? -23.71055 -16.69966 0.57537   1.000 263.71204 ? 21 DA C C5    1 
ATOM 539 C C6    . DA C 3 16 ? -23.03398 -17.28293 -0.51112  1.000 259.01987 ? 21 DA C C6    1 
ATOM 540 N N6    . DA C 3 16 ? -22.46337 -18.48293 -0.46322  1.000 252.58639 ? 21 DA C N6    1 
ATOM 541 N N1    . DA C 3 16 ? -22.97885 -16.58128 -1.66128  1.000 255.05415 ? 21 DA C N1    1 
ATOM 542 C C2    . DA C 3 16 ? -23.55389 -15.37617 -1.71422  1.000 254.96561 ? 21 DA C C2    1 
ATOM 543 N N3    . DA C 3 16 ? -24.21257 -14.72847 -0.75763  1.000 256.50391 ? 21 DA C N3    1 
ATOM 544 C C4    . DA C 3 16 ? -24.25031 -15.45859 0.36938   1.000 259.71103 ? 21 DA C C4    1 
ATOM 545 O "O5'" . DG D 4 1  ? -21.22896 -31.35794 -7.37673  1.000 245.83303 ? 1  DG G "O5'" 1 
ATOM 546 C "C5'" . DG D 4 1  ? -22.06240 -30.44784 -6.67037  1.000 244.11301 ? 1  DG G "C5'" 1 
ATOM 547 C "C4'" . DG D 4 1  ? -22.30641 -29.19114 -7.48488  1.000 243.09609 ? 1  DG G "C4'" 1 
ATOM 548 O "O4'" . DG D 4 1  ? -23.40297 -28.43687 -6.90102  1.000 250.25197 ? 1  DG G "O4'" 1 
ATOM 549 C "C3'" . DG D 4 1  ? -21.11617 -28.23211 -7.55854  1.000 243.90413 ? 1  DG G "C3'" 1 
ATOM 550 O "O3'" . DG D 4 1  ? -20.94573 -27.76845 -8.88844  1.000 243.61100 ? 1  DG G "O3'" 1 
ATOM 551 C "C2'" . DG D 4 1  ? -21.51326 -27.09927 -6.61608  1.000 243.03607 ? 1  DG G "C2'" 1 
ATOM 552 C "C1'" . DG D 4 1  ? -23.02415 -27.08746 -6.76655  1.000 254.92737 ? 1  DG G "C1'" 1 
ATOM 553 N N9    . DG D 4 1  ? -23.70621 -26.52143 -5.60761  1.000 262.08518 ? 1  DG G N9    1 
ATOM 554 C C8    . DG D 4 1  ? -23.74575 -27.04077 -4.33606  1.000 254.89710 ? 1  DG G C8    1 
ATOM 555 N N7    . DG D 4 1  ? -24.42433 -26.30904 -3.49710  1.000 257.84921 ? 1  DG G N7    1 
ATOM 556 C C5    . DG D 4 1  ? -24.85900 -25.23277 -4.25971  1.000 259.12940 ? 1  DG G C5    1 
ATOM 557 C C6    . DG D 4 1  ? -25.63965 -24.11332 -3.89197  1.000 259.14420 ? 1  DG G C6    1 
ATOM 558 O O6    . DG D 4 1  ? -26.11756 -23.84348 -2.78205  1.000 250.69198 ? 1  DG G O6    1 
ATOM 559 N N1    . DG D 4 1  ? -25.85429 -23.25761 -4.97032  1.000 260.11272 ? 1  DG G N1    1 
ATOM 560 C C2    . DG D 4 1  ? -25.37302 -23.45948 -6.24251  1.000 255.39284 ? 1  DG G C2    1 
ATOM 561 N N2    . DG D 4 1  ? -25.68276 -22.52298 -7.15151  1.000 283.05177 ? 1  DG G N2    1 
ATOM 562 N N3    . DG D 4 1  ? -24.63961 -24.50517 -6.60002  1.000 265.74655 ? 1  DG G N3    1 
ATOM 563 C C4    . DG D 4 1  ? -24.42212 -25.34743 -5.56060  1.000 261.86184 ? 1  DG G C4    1 
ATOM 564 P P     . DA D 4 2  ? -19.80807 -26.68585 -9.22821  1.000 244.05265 ? 2  DA G P     1 
ATOM 565 O OP1   . DA D 4 2  ? -19.43642 -26.86248 -10.64856 1.000 265.54483 ? 2  DA G OP1   1 
ATOM 566 O OP2   . DA D 4 2  ? -18.76631 -26.76758 -8.18008  1.000 245.80372 ? 2  DA G OP2   1 
ATOM 567 O "O5'" . DA D 4 2  ? -20.55811 -25.28498 -9.06967  1.000 242.28705 ? 2  DA G "O5'" 1 
ATOM 568 C "C5'" . DA D 4 2  ? -19.91439 -24.08709 -9.46554  1.000 241.99749 ? 2  DA G "C5'" 1 
ATOM 569 C "C4'" . DA D 4 2  ? -20.93699 -23.05153 -9.88433  1.000 240.21101 ? 2  DA G "C4'" 1 
ATOM 570 O "O4'" . DA D 4 2  ? -21.99985 -23.01017 -8.90406  1.000 239.76656 ? 2  DA G "O4'" 1 
ATOM 571 C "C3'" . DA D 4 2  ? -20.41702 -21.63105 -9.94047  1.000 239.73960 ? 2  DA G "C3'" 1 
ATOM 572 O "O3'" . DA D 4 2  ? -21.27373 -20.84560 -10.75417 1.000 238.23442 ? 2  DA G "O3'" 1 
ATOM 573 C "C2'" . DA D 4 2  ? -20.51232 -21.22085 -8.47657  1.000 240.38901 ? 2  DA G "C2'" 1 
ATOM 574 C "C1'" . DA D 4 2  ? -21.82999 -21.87981 -8.06601  1.000 239.83143 ? 2  DA G "C1'" 1 
ATOM 575 N N9    . DA D 4 2  ? -21.86302 -22.33373 -6.67977  1.000 240.83298 ? 2  DA G N9    1 
ATOM 576 C C8    . DA D 4 2  ? -21.31113 -23.47876 -6.17427  1.000 243.17170 ? 2  DA G C8    1 
ATOM 577 N N7    . DA D 4 2  ? -21.50904 -23.64015 -4.88683  1.000 242.77987 ? 2  DA G N7    1 
ATOM 578 C C5    . DA D 4 2  ? -22.24968 -22.52585 -4.52353  1.000 248.08087 ? 2  DA G C5    1 
ATOM 579 C C6    . DA D 4 2  ? -22.77944 -22.10085 -3.28788  1.000 251.60521 ? 2  DA G C6    1 
ATOM 580 N N6    . DA D 4 2  ? -22.63732 -22.78354 -2.14788  1.000 246.74749 ? 2  DA G N6    1 
ATOM 581 N N1    . DA D 4 2  ? -23.46670 -20.93916 -3.27327  1.000 260.01673 ? 2  DA G N1    1 
ATOM 582 C C2    . DA D 4 2  ? -23.60673 -20.25732 -4.41568  1.000 258.08652 ? 2  DA G C2    1 
ATOM 583 N N3    . DA D 4 2  ? -23.15536 -20.55581 -5.63235  1.000 254.68793 ? 2  DA G N3    1 
ATOM 584 C C4    . DA D 4 2  ? -22.47956 -21.71549 -5.61672  1.000 246.05268 ? 2  DA G C4    1 
ATOM 585 P P     . DT D 4 3  ? -20.67443 -19.66037 -11.65645 1.000 237.35324 ? 3  DT G P     1 
ATOM 586 O OP1   . DT D 4 3  ? -20.77348 -20.08308 -13.07007 1.000 236.90984 ? 3  DT G OP1   1 
ATOM 587 O OP2   . DT D 4 3  ? -19.35540 -19.28909 -11.09919 1.000 238.32446 ? 3  DT G OP2   1 
ATOM 588 O "O5'" . DT D 4 3  ? -21.70559 -18.45898 -11.43174 1.000 236.29328 ? 3  DT G "O5'" 1 
ATOM 589 C "C5'" . DT D 4 3  ? -22.32825 -18.29037 -10.16375 1.000 236.79282 ? 3  DT G "C5'" 1 
ATOM 590 C "C4'" . DT D 4 3  ? -21.93670 -16.96342 -9.54554  1.000 236.95885 ? 3  DT G "C4'" 1 
ATOM 591 O "O4'" . DT D 4 3  ? -22.15873 -17.01754 -8.10905  1.000 238.19177 ? 3  DT G "O4'" 1 
ATOM 592 C "C3'" . DT D 4 3  ? -20.46424 -16.58822 -9.71235  1.000 237.41087 ? 3  DT G "C3'" 1 
ATOM 593 O "O3'" . DT D 4 3  ? -20.32866 -15.17297 -9.76407  1.000 236.91417 ? 3  DT G "O3'" 1 
ATOM 594 C "C2'" . DT D 4 3  ? -19.86095 -17.13968 -8.43203  1.000 239.37333 ? 3  DT G "C2'" 1 
ATOM 595 C "C1'" . DT D 4 3  ? -20.94416 -16.73085 -7.45256  1.000 239.57142 ? 3  DT G "C1'" 1 
ATOM 596 N N1    . DT D 4 3  ? -20.90111 -17.45531 -6.15630  1.000 241.22225 ? 3  DT G N1    1 
ATOM 597 C C2    . DT D 4 3  ? -21.52514 -16.90009 -5.06449  1.000 242.03481 ? 3  DT G C2    1 
ATOM 598 O O2    . DT D 4 3  ? -22.12619 -15.84268 -5.10945  1.000 241.59259 ? 3  DT G O2    1 
ATOM 599 N N3    . DT D 4 3  ? -21.42849 -17.63246 -3.91249  1.000 243.57080 ? 3  DT G N3    1 
ATOM 600 C C4    . DT D 4 3  ? -20.76909 -18.84263 -3.75020  1.000 244.38227 ? 3  DT G C4    1 
ATOM 601 O O4    . DT D 4 3  ? -20.73653 -19.43088 -2.67604  1.000 245.78537 ? 3  DT G O4    1 
ATOM 602 C C5    . DT D 4 3  ? -20.13125 -19.36730 -4.93834  1.000 243.63836 ? 3  DT G C5    1 
ATOM 603 C C7    . DT D 4 3  ? -19.38644 -20.67005 -4.88602  1.000 244.79037 ? 3  DT G C7    1 
ATOM 604 C C6    . DT D 4 3  ? -20.22433 -18.65331 -6.06902  1.000 242.11017 ? 3  DT G C6    1 
ATOM 605 P P     . DG D 4 4  ? -21.04546 -14.32566 -10.92555 1.000 235.05753 ? 4  DG G P     1 
ATOM 606 O OP1   . DG D 4 4  ? -22.39397 -13.94196 -10.45044 1.000 235.10506 ? 4  DG G OP1   1 
ATOM 607 O OP2   . DG D 4 4  ? -20.88859 -15.08686 -12.18436 1.000 234.21147 ? 4  DG G OP2   1 
ATOM 608 O "O5'" . DG D 4 4  ? -20.15323 -13.00256 -11.04300 1.000 234.70880 ? 4  DG G "O5'" 1 
ATOM 609 C "C5'" . DG D 4 4  ? -19.38087 -12.55640 -9.92921  1.000 236.34552 ? 4  DG G "C5'" 1 
ATOM 610 C "C4'" . DG D 4 4  ? -20.22511 -11.73604 -8.96869  1.000 237.14977 ? 4  DG G "C4'" 1 
ATOM 611 O "O4'" . DG D 4 4  ? -20.61359 -12.56545 -7.84417  1.000 238.72848 ? 4  DG G "O4'" 1 
ATOM 612 C "C3'" . DG D 4 4  ? -19.50480 -10.55749 -8.33944  1.000 238.35096 ? 4  DG G "C3'" 1 
ATOM 613 O "O3'" . DG D 4 4  ? -20.45401 -9.60335  -7.87205  1.000 238.68877 ? 4  DG G "O3'" 1 
ATOM 614 C "C2'" . DG D 4 4  ? -18.77872 -11.23159 -7.18515  1.000 240.86551 ? 4  DG G "C2'" 1 
ATOM 615 C "C1'" . DG D 4 4  ? -19.83685 -12.22208 -6.70526  1.000 240.97402 ? 4  DG G "C1'" 1 
ATOM 616 N N9    . DG D 4 4  ? -19.28270 -13.45172 -6.14494  1.000 242.34949 ? 4  DG G N9    1 
ATOM 617 C C8    . DG D 4 4  ? -18.60019 -14.42982 -6.82414  1.000 241.95435 ? 4  DG G C8    1 
ATOM 618 N N7    . DG D 4 4  ? -18.23243 -15.42766 -6.07032  1.000 243.66039 ? 4  DG G N7    1 
ATOM 619 C C5    . DG D 4 4  ? -18.70118 -15.09144 -4.80765  1.000 245.17309 ? 4  DG G C5    1 
ATOM 620 C C6    . DG D 4 4  ? -18.59689 -15.79166 -3.58396  1.000 247.35492 ? 4  DG G C6    1 
ATOM 621 O O6    . DG D 4 4  ? -18.05143 -16.88288 -3.37293  1.000 248.39158 ? 4  DG G O6    1 
ATOM 622 N N1    . DG D 4 4  ? -19.20601 -15.09962 -2.53806  1.000 248.54870 ? 4  DG G N1    1 
ATOM 623 C C2    . DG D 4 4  ? -19.83940 -13.88355 -2.66229  1.000 247.87984 ? 4  DG G C2    1 
ATOM 624 N N2    . DG D 4 4  ? -20.37007 -13.36591 -1.54244  1.000 249.62155 ? 4  DG G N2    1 
ATOM 625 N N3    . DG D 4 4  ? -19.94276 -13.21599 -3.80751  1.000 245.82878 ? 4  DG G N3    1 
ATOM 626 C C4    . DG D 4 4  ? -19.35522 -13.87980 -4.83524  1.000 244.48398 ? 4  DG G C4    1 
ATOM 627 P P     . DC D 4 5  ? -19.96394 -8.26849  -7.12274  1.000 240.37316 ? 5  DC G P     1 
ATOM 628 O OP1   . DC D 4 5  ? -21.06611 -7.28549  -7.19864  1.000 247.54094 ? 5  DC G OP1   1 
ATOM 629 O OP2   . DC D 4 5  ? -18.62372 -7.91852  -7.64215  1.000 278.88744 ? 5  DC G OP2   1 
ATOM 630 O "O5'" . DC D 4 5  ? -19.79711 -8.71988  -5.59842  1.000 243.43381 ? 5  DC G "O5'" 1 
ATOM 631 C "C5'" . DC D 4 5  ? -20.94027 -8.83012  -4.75694  1.000 244.45797 ? 5  DC G "C5'" 1 
ATOM 632 C "C4'" . DC D 4 5  ? -20.69382 -8.15133  -3.41980  1.000 247.70330 ? 5  DC G "C4'" 1 
ATOM 633 O "O4'" . DC D 4 5  ? -20.21858 -9.12093  -2.45628  1.000 249.73801 ? 5  DC G "O4'" 1 
ATOM 634 C "C3'" . DC D 4 5  ? -19.65361 -7.04456  -3.44159  1.000 255.99599 ? 5  DC G "C3'" 1 
ATOM 635 O "O3'" . DC D 4 5  ? -19.99472 -6.03567  -2.50161  1.000 261.61823 ? 5  DC G "O3'" 1 
ATOM 636 C "C2'" . DC D 4 5  ? -18.35708 -7.76451  -3.06137  1.000 254.75763 ? 5  DC G "C2'" 1 
ATOM 637 C "C1'" . DC D 4 5  ? -18.83438 -8.94272  -2.20903  1.000 251.65903 ? 5  DC G "C1'" 1 
ATOM 638 N N1    . DC D 4 5  ? -18.14077 -10.21548 -2.54498  1.000 251.11052 ? 5  DC G N1    1 
ATOM 639 C C2    . DC D 4 5  ? -17.83527 -11.14256 -1.53664  1.000 253.49298 ? 5  DC G C2    1 
ATOM 640 O O2    . DC D 4 5  ? -18.14554 -10.88829 -0.36546  1.000 256.66054 ? 5  DC G O2    1 
ATOM 641 N N3    . DC D 4 5  ? -17.20421 -12.29666 -1.88034  1.000 253.17547 ? 5  DC G N3    1 
ATOM 642 C C4    . DC D 4 5  ? -16.88733 -12.52869 -3.15692  1.000 250.73401 ? 5  DC G C4    1 
ATOM 643 N N4    . DC D 4 5  ? -16.26688 -13.67411 -3.45596  1.000 250.85693 ? 5  DC G N4    1 
ATOM 644 C C5    . DC D 4 5  ? -17.18801 -11.59376 -4.18711  1.000 248.25677 ? 5  DC G C5    1 
ATOM 645 C C6    . DC D 4 5  ? -17.81057 -10.46740 -3.84097  1.000 248.48006 ? 5  DC G C6    1 
ATOM 646 P P     . DG D 4 6  ? -18.99967 -4.80100  -2.24340  1.000 290.83277 ? 6  DG G P     1 
ATOM 647 O OP1   . DG D 4 6  ? -19.81147 -3.65327  -1.78408  1.000 261.95290 ? 6  DG G OP1   1 
ATOM 648 O OP2   . DG D 4 6  ? -18.13434 -4.65235  -3.43536  1.000 268.70377 ? 6  DG G OP2   1 
ATOM 649 O "O5'" . DG D 4 6  ? -18.08644 -5.30599  -1.03413  1.000 257.93290 ? 6  DG G "O5'" 1 
ATOM 650 C "C5'" . DG D 4 6  ? -18.66757 -6.05763  0.03027   1.000 259.36655 ? 6  DG G "C5'" 1 
ATOM 651 C "C4'" . DG D 4 6  ? -17.58822 -6.63451  0.92494   1.000 262.79478 ? 6  DG G "C4'" 1 
ATOM 652 O "O4'" . DG D 4 6  ? -17.14728 -7.92414  0.40986   1.000 261.02638 ? 6  DG G "O4'" 1 
ATOM 653 C "C3'" . DG D 4 6  ? -16.33011 -5.77209  1.03269   1.000 265.45203 ? 6  DG G "C3'" 1 
ATOM 654 O "O3'" . DG D 4 6  ? -15.88944 -5.72733  2.37894   1.000 270.43943 ? 6  DG G "O3'" 1 
ATOM 655 C "C2'" . DG D 4 6  ? -15.33657 -6.51252  0.14362   1.000 263.68673 ? 6  DG G "C2'" 1 
ATOM 656 C "C1'" . DG D 4 6  ? -15.74030 -7.94851  0.40627   1.000 263.05231 ? 6  DG G "C1'" 1 
ATOM 657 N N9    . DG D 4 6  ? -15.27693 -8.88073  -0.61751  1.000 260.38927 ? 6  DG G N9    1 
ATOM 658 C C8    . DG D 4 6  ? -15.25830 -8.67240  -1.97487  1.000 256.75182 ? 6  DG G C8    1 
ATOM 659 N N7    . DG D 4 6  ? -14.78232 -9.68099  -2.64946  1.000 255.41255 ? 6  DG G N7    1 
ATOM 660 C C5    . DG D 4 6  ? -14.45595 -10.61829 -1.67714  1.000 258.28585 ? 6  DG G C5    1 
ATOM 661 C C6    . DG D 4 6  ? -13.89807 -11.91171 -1.81178  1.000 262.77495 ? 6  DG G C6    1 
ATOM 662 O O6    . DG D 4 6  ? -13.57282 -12.49889 -2.85341  1.000 257.50843 ? 6  DG G O6    1 
ATOM 663 N N1    . DG D 4 6  ? -13.72514 -12.53232 -0.57476  1.000 264.48978 ? 6  DG G N1    1 
ATOM 664 C C2    . DG D 4 6  ? -14.05213 -11.97145 0.64005   1.000 264.87143 ? 6  DG G C2    1 
ATOM 665 N N2    . DG D 4 6  ? -13.81455 -12.71952 1.72983   1.000 268.09765 ? 6  DG G N2    1 
ATOM 666 N N3    . DG D 4 6  ? -14.57675 -10.75688 0.77810   1.000 264.72172 ? 6  DG G N3    1 
ATOM 667 C C4    . DG D 4 6  ? -14.75027 -10.14075 -0.41926  1.000 261.31753 ? 6  DG G C4    1 
ATOM 668 P P     . DA D 4 7  ? -16.06332 -4.38345  3.24107   1.000 274.22670 ? 7  DA G P     1 
ATOM 669 O OP1   . DA D 4 7  ? -17.51274 -4.12568  3.38719   1.000 272.84780 ? 7  DA G OP1   1 
ATOM 670 O OP2   . DA D 4 7  ? -15.18895 -3.34970  2.64408   1.000 274.45602 ? 7  DA G OP2   1 
ATOM 671 O "O5'" . DA D 4 7  ? -15.45597 -4.76859  4.66735   1.000 279.85186 ? 7  DA G "O5'" 1 
ATOM 672 C "C5'" . DA D 4 7  ? -15.85403 -5.97462  5.30676   1.000 280.15702 ? 7  DA G "C5'" 1 
ATOM 673 C "C4'" . DA D 4 7  ? -14.71914 -6.55679  6.13676   1.000 284.69266 ? 7  DA G "C4'" 1 
ATOM 674 O "O4'" . DA D 4 7  ? -13.91848 -7.44708  5.32412   1.000 282.61746 ? 7  DA G "O4'" 1 
ATOM 675 C "C3'" . DA D 4 7  ? -13.74541 -5.54564  6.72029   1.000 289.97409 ? 7  DA G "C3'" 1 
ATOM 676 O "O3'" . DA D 4 7  ? -13.25328 -6.02814  7.96866   1.000 302.32908 ? 7  DA G "O3'" 1 
ATOM 677 C "C2'" . DA D 4 7  ? -12.64887 -5.46287  5.65389   1.000 288.40311 ? 7  DA G "C2'" 1 
ATOM 678 C "C1'" . DA D 4 7  ? -12.66551 -6.85541  5.02513   1.000 284.79179 ? 7  DA G "C1'" 1 
ATOM 679 N N9    . DA D 4 7  ? -12.51537 -6.83828  3.57455   1.000 279.92838 ? 7  DA G N9    1 
ATOM 680 C C8    . DA D 4 7  ? -12.86444 -5.83089  2.71992   1.000 276.89768 ? 7  DA G C8    1 
ATOM 681 N N7    . DA D 4 7  ? -12.61879 -6.09708  1.45891   1.000 273.30207 ? 7  DA G N7    1 
ATOM 682 C C5    . DA D 4 7  ? -12.08652 -7.37401  1.48751   1.000 280.40034 ? 7  DA G C5    1 
ATOM 683 C C6    . DA D 4 7  ? -11.62149 -8.23415  0.47111   1.000 283.95921 ? 7  DA G C6    1 
ATOM 684 N N6    . DA D 4 7  ? -11.62588 -7.91915  -0.82963  1.000 278.64065 ? 7  DA G N6    1 
ATOM 685 N N1    . DA D 4 7  ? -11.14625 -9.43700  0.84854   1.000 289.86986 ? 7  DA G N1    1 
ATOM 686 C C2    . DA D 4 7  ? -11.14098 -9.75333  2.14642   1.000 294.16753 ? 7  DA G C2    1 
ATOM 687 N N3    . DA D 4 7  ? -11.54804 -9.03345  3.18616   1.000 293.22377 ? 7  DA G N3    1 
ATOM 688 C C4    . DA D 4 7  ? -12.01550 -7.84421  2.78328   1.000 283.48839 ? 7  DA G C4    1 
ATOM 689 P P     . DG D 4 8  ? -11.90001 -5.44952  8.61620   1.000 390.27564 ? 8  DG G P     1 
ATOM 690 O OP1   . DG D 4 8  ? -11.99231 -5.67935  10.07260  1.000 333.70858 ? 8  DG G OP1   1 
ATOM 691 O OP2   . DG D 4 8  ? -11.65244 -4.07458  8.12985   1.000 339.79514 ? 8  DG G OP2   1 
ATOM 692 O "O5'" . DG D 4 8  ? -10.76970 -6.41574  8.03466   1.000 325.19104 ? 8  DG G "O5'" 1 
ATOM 693 C "C5'" . DG D 4 8  ? -10.95087 -7.82854  8.09318   1.000 316.27173 ? 8  DG G "C5'" 1 
ATOM 694 C "C4'" . DG D 4 8  ? -9.74505  -8.55213  7.52345   1.000 335.05951 ? 8  DG G "C4'" 1 
ATOM 695 O "O4'" . DG D 4 8  ? -9.81760  -8.57022  6.06887   1.000 310.42525 ? 8  DG G "O4'" 1 
ATOM 696 C "C3'" . DG D 4 8  ? -8.39369  -7.91737  7.86602   1.000 382.08243 ? 8  DG G "C3'" 1 
ATOM 697 O "O3'" . DG D 4 8  ? -7.44761  -8.93087  8.17642   1.000 423.71309 ? 8  DG G "O3'" 1 
ATOM 698 C "C2'" . DG D 4 8  ? -8.02609  -7.19784  6.57290   1.000 362.04243 ? 8  DG G "C2'" 1 
ATOM 699 C "C1'" . DG D 4 8  ? -8.56439  -8.18395  5.55707   1.000 331.90299 ? 8  DG G "C1'" 1 
ATOM 700 N N9    . DG D 4 8  ? -8.73444  -7.62436  4.21866   1.000 316.40793 ? 8  DG G N9    1 
ATOM 701 C C8    . DG D 4 8  ? -9.29113  -6.41266  3.88956   1.000 310.10316 ? 8  DG G C8    1 
ATOM 702 N N7    . DG D 4 8  ? -9.30182  -6.17760  2.60606   1.000 306.64139 ? 8  DG G N7    1 
ATOM 703 C C5    . DG D 4 8  ? -8.71101  -7.30486  2.04826   1.000 317.09552 ? 8  DG G C5    1 
ATOM 704 C C6    . DG D 4 8  ? -8.44830  -7.62205  0.69316   1.000 321.99027 ? 8  DG G C6    1 
ATOM 705 O O6    . DG D 4 8  ? -8.69648  -6.94594  -0.31444  1.000 319.92047 ? 8  DG G O6    1 
ATOM 706 N N1    . DG D 4 8  ? -7.83506  -8.86704  0.56374   1.000 328.72241 ? 8  DG G N1    1 
ATOM 707 C C2    . DG D 4 8  ? -7.51631  -9.69839  1.61261   1.000 336.72230 ? 8  DG G C2    1 
ATOM 708 N N2    . DG D 4 8  ? -6.92726  -10.86152 1.30021   1.000 341.06239 ? 8  DG G N2    1 
ATOM 709 N N3    . DG D 4 8  ? -7.75769  -9.41102  2.88584   1.000 334.27902 ? 8  DG G N3    1 
ATOM 710 C C4    . DG D 4 8  ? -8.35353  -8.20264  3.02789   1.000 324.37463 ? 8  DG G C4    1 
ATOM 711 P P     . DG D 4 9  ? -6.11024  -8.56408  8.98777   1.000 547.70299 ? 9  DG G P     1 
ATOM 712 O OP1   . DG D 4 9  ? -6.50646  -8.26280  10.37979  1.000 468.70993 ? 9  DG G OP1   1 
ATOM 713 O OP2   . DG D 4 9  ? -5.35855  -7.55769  8.20673   1.000 488.95013 ? 9  DG G OP2   1 
ATOM 714 O "O5'" . DG D 4 9  ? -5.26135  -9.91903  8.96739   1.000 415.52740 ? 9  DG G "O5'" 1 
ATOM 715 C "C5'" . DG D 4 9  ? -5.77249  -11.07400 8.30556   1.000 432.82310 ? 9  DG G "C5'" 1 
ATOM 716 C "C4'" . DG D 4 9  ? -4.80560  -11.55887 7.23697   1.000 439.88703 ? 9  DG G "C4'" 1 
ATOM 717 O "O4'" . DG D 4 9  ? -5.18785  -11.00804 5.94718   1.000 411.87728 ? 9  DG G "O4'" 1 
ATOM 718 C "C3'" . DG D 4 9  ? -3.34568  -11.15564 7.45249   1.000 448.93540 ? 9  DG G "C3'" 1 
ATOM 719 O "O3'" . DG D 4 9  ? -2.48085  -12.22019 7.07233   1.000 472.22550 ? 9  DG G "O3'" 1 
ATOM 720 C "C2'" . DG D 4 9  ? -3.18592  -9.95409  6.52941   1.000 433.58757 ? 9  DG G "C2'" 1 
ATOM 721 C "C1'" . DG D 4 9  ? -4.08302  -10.34788 5.36848   1.000 422.84601 ? 9  DG G "C1'" 1 
ATOM 722 N N9    . DG D 4 9  ? -4.57280  -9.20444  4.60688   1.000 403.25620 ? 9  DG G N9    1 
ATOM 723 C C8    . DG D 4 9  ? -5.16738  -8.07432  5.10824   1.000 394.07465 ? 9  DG G C8    1 
ATOM 724 N N7    . DG D 4 9  ? -5.50275  -7.21119  4.19068   1.000 378.07113 ? 9  DG G N7    1 
ATOM 725 C C5    . DG D 4 9  ? -5.10265  -7.80701  3.00272   1.000 376.41367 ? 9  DG G C5    1 
ATOM 726 C C6    . DG D 4 9  ? -5.20789  -7.34318  1.67102   1.000 365.48691 ? 9  DG G C6    1 
ATOM 727 O O6    . DG D 4 9  ? -5.69038  -6.27611  1.26621   1.000 353.62604 ? 9  DG G O6    1 
ATOM 728 N N1    . DG D 4 9  ? -4.67969  -8.25935  0.76494   1.000 366.05941 ? 9  DG G N1    1 
ATOM 729 C C2    . DG D 4 9  ? -4.12222  -9.47072  1.10550   1.000 376.84129 ? 9  DG G C2    1 
ATOM 730 N N2    . DG D 4 9  ? -3.66209  -10.22544 0.09958   1.000 378.02846 ? 9  DG G N2    1 
ATOM 731 N N3    . DG D 4 9  ? -4.01943  -9.91479  2.34992   1.000 387.76381 ? 9  DG G N3    1 
ATOM 732 C C4    . DG D 4 9  ? -4.52995  -9.03588  3.24228   1.000 386.40924 ? 9  DG G C4    1 
ATOM 733 P P     . DT D 4 10 ? -0.89091  -12.08262 7.27094   1.000 537.14265 ? 10 DT G P     1 
ATOM 734 O OP1   . DT D 4 10 ? -0.31219  -13.44296 7.23426   1.000 477.60912 ? 10 DT G OP1   1 
ATOM 735 O OP2   . DT D 4 10 ? -0.66584  -11.21211 8.44617   1.000 529.17408 ? 10 DT G OP2   1 
ATOM 736 O "O5'" . DT D 4 10 ? -0.40530  -11.28694 5.97013   1.000 456.78408 ? 10 DT G "O5'" 1 
ATOM 737 C "C5'" . DT D 4 10 ? 0.93117   -11.43037 5.49610   1.000 427.42627 ? 10 DT G "C5'" 1 
ATOM 738 C "C4'" . DT D 4 10 ? 0.93744   -11.69722 4.00115   1.000 409.05813 ? 10 DT G "C4'" 1 
ATOM 739 O "O4'" . DT D 4 10 ? -0.34408  -11.31896 3.44907   1.000 396.68569 ? 10 DT G "O4'" 1 
ATOM 740 C "C3'" . DT D 4 10 ? 1.97571   -10.91345 3.21189   1.000 388.44710 ? 10 DT G "C3'" 1 
ATOM 741 O "O3'" . DT D 4 10 ? 3.17761   -11.67597 3.10562   1.000 393.27876 ? 10 DT G "O3'" 1 
ATOM 742 C "C2'" . DT D 4 10 ? 1.31269   -10.74076 1.84810   1.000 374.22066 ? 10 DT G "C2'" 1 
ATOM 743 C "C1'" . DT D 4 10 ? -0.17543  -10.71354 2.18266   1.000 377.47401 ? 10 DT G "C1'" 1 
ATOM 744 N N1    . DT D 4 10 ? -0.77309  -9.34486  2.22693   1.000 379.99997 ? 10 DT G N1    1 
ATOM 745 C C2    . DT D 4 10 ? -1.00682  -8.66948  1.04965   1.000 364.61900 ? 10 DT G C2    1 
ATOM 746 O O2    . DT D 4 10 ? -0.73492  -9.12367  -0.04790  1.000 354.47365 ? 10 DT G O2    1 
ATOM 747 N N3    . DT D 4 10 ? -1.57413  -7.43044  1.20628   1.000 364.64133 ? 10 DT G N3    1 
ATOM 748 C C4    . DT D 4 10 ? -1.92570  -6.81587  2.39517   1.000 410.76216 ? 10 DT G C4    1 
ATOM 749 O O4    . DT D 4 10 ? -2.42962  -5.69835  2.43561   1.000 454.72428 ? 10 DT G O4    1 
ATOM 750 C C5    . DT D 4 10 ? -1.65742  -7.58003  3.58771   1.000 439.09943 ? 10 DT G C5    1 
ATOM 751 C C7    . DT D 4 10 ? -1.99399  -7.01339  4.93449   1.000 488.91850 ? 10 DT G C7    1 
ATOM 752 C C6    . DT D 4 10 ? -1.10493  -8.79411  3.44810   1.000 408.18202 ? 10 DT G C6    1 
ATOM 753 P P     . DG D 4 11 ? 4.57730   -10.95492 2.77778   1.000 437.27896 ? 11 DG G P     1 
ATOM 754 O OP1   . DG D 4 11 ? 5.65255   -11.95821 2.93937   1.000 405.06394 ? 11 DG G OP1   1 
ATOM 755 O OP2   . DG D 4 11 ? 4.62538   -9.69589  3.55202   1.000 440.15609 ? 11 DG G OP2   1 
ATOM 756 O "O5'" . DG D 4 11 ? 4.46512   -10.56307 1.23034   1.000 409.39956 ? 11 DG G "O5'" 1 
ATOM 757 C "C5'" . DG D 4 11 ? 4.27470   -11.57351 0.24271   1.000 393.79853 ? 11 DG G "C5'" 1 
ATOM 758 C "C4'" . DG D 4 11 ? 4.04533   -10.94752 -1.12171  1.000 384.74839 ? 11 DG G "C4'" 1 
ATOM 759 O "O4'" . DG D 4 11 ? 2.89706   -10.05777 -1.06019  1.000 385.95718 ? 11 DG G "O4'" 1 
ATOM 760 C "C3'" . DG D 4 11 ? 5.21315   -10.11432 -1.64177  1.000 368.27622 ? 11 DG G "C3'" 1 
ATOM 761 O "O3'" . DG D 4 11 ? 5.43855   -10.37562 -3.01919  1.000 350.89410 ? 11 DG G "O3'" 1 
ATOM 762 C "C2'" . DG D 4 11 ? 4.77057   -8.67338  -1.40390  1.000 369.66312 ? 11 DG G "C2'" 1 
ATOM 763 C "C1'" . DG D 4 11 ? 3.25165   -8.76050  -1.49349  1.000 375.23571 ? 11 DG G "C1'" 1 
ATOM 764 N N9    . DG D 4 11 ? 2.58519   -7.78946  -0.62659  1.000 375.21154 ? 11 DG G N9    1 
ATOM 765 C C8    . DG D 4 11 ? 2.47114   -7.85787  0.73919   1.000 382.93643 ? 11 DG G C8    1 
ATOM 766 N N7    . DG D 4 11 ? 1.83798   -6.84823  1.26248   1.000 364.39803 ? 11 DG G N7    1 
ATOM 767 C C5    . DG D 4 11 ? 1.51605   -6.04673  0.17666   1.000 374.13182 ? 11 DG G C5    1 
ATOM 768 C C6    . DG D 4 11 ? 0.82584   -4.81296  0.13441   1.000 357.82316 ? 11 DG G C6    1 
ATOM 769 O O6    . DG D 4 11 ? 0.35111   -4.17135  1.08213   1.000 399.54480 ? 11 DG G O6    1 
ATOM 770 N N1    . DG D 4 11 ? 0.70895   -4.32951  -1.16633  1.000 358.36399 ? 11 DG G N1    1 
ATOM 771 C C2    . DG D 4 11 ? 1.19920   -4.96115  -2.28761  1.000 363.87507 ? 11 DG G C2    1 
ATOM 772 N N2    . DG D 4 11 ? 0.99040   -4.34213  -3.46010  1.000 362.66855 ? 11 DG G N2    1 
ATOM 773 N N3    . DG D 4 11 ? 1.85086   -6.12321  -2.26111  1.000 368.09866 ? 11 DG G N3    1 
ATOM 774 C C4    . DG D 4 11 ? 1.97152   -6.60649  -0.99794  1.000 372.35360 ? 11 DG G C4    1 
ATOM 775 P P     . DC D 4 12 ? 6.78761   -9.85705  -3.72242  1.000 327.75135 ? 12 DC G P     1 
ATOM 776 O OP1   . DC D 4 12 ? 7.01436   -10.68414 -4.92825  1.000 365.30807 ? 12 DC G OP1   1 
ATOM 777 O OP2   . DC D 4 12 ? 7.83406   -9.77573  -2.67885  1.000 325.58553 ? 12 DC G OP2   1 
ATOM 778 O "O5'" . DC D 4 12 ? 6.43221   -8.36436  -4.17412  1.000 331.86742 ? 12 DC G "O5'" 1 
ATOM 779 C "C5'" . DC D 4 12 ? 5.26860   -8.12044  -4.95556  1.000 338.24640 ? 12 DC G "C5'" 1 
ATOM 780 C "C4'" . DC D 4 12 ? 5.08034   -6.63393  -5.19939  1.000 329.04691 ? 12 DC G "C4'" 1 
ATOM 781 O "O4'" . DC D 4 12 ? 4.35538   -6.03633  -4.09141  1.000 338.58017 ? 12 DC G "O4'" 1 
ATOM 782 C "C3'" . DC D 4 12 ? 6.37714   -5.83000  -5.34704  1.000 321.16924 ? 12 DC G "C3'" 1 
ATOM 783 O "O3'" . DC D 4 12 ? 6.30111   -5.01083  -6.50191  1.000 317.02457 ? 12 DC G "O3'" 1 
ATOM 784 C "C2'" . DC D 4 12 ? 6.42334   -4.99104  -4.06831  1.000 325.73587 ? 12 DC G "C2'" 1 
ATOM 785 C "C1'" . DC D 4 12 ? 4.94690   -4.79954  -3.77963  1.000 335.79888 ? 12 DC G "C1'" 1 
ATOM 786 N N1    . DC D 4 12 ? 4.64945   -4.46845  -2.35222  1.000 346.08631 ? 12 DC G N1    1 
ATOM 787 C C2    . DC D 4 12 ? 3.92373   -3.31064  -2.04496  1.000 343.08058 ? 12 DC G C2    1 
ATOM 788 O O2    . DC D 4 12 ? 3.53567   -2.58422  -2.96701  1.000 339.52452 ? 12 DC G O2    1 
ATOM 789 N N3    . DC D 4 12 ? 3.66016   -3.02706  -0.74229  1.000 366.83716 ? 12 DC G N3    1 
ATOM 790 C C4    . DC D 4 12 ? 4.09687   -3.84350  0.22025   1.000 358.19914 ? 12 DC G C4    1 
ATOM 791 N N4    . DC D 4 12 ? 3.81850   -3.52702  1.49096   1.000 356.09400 ? 12 DC G N4    1 
ATOM 792 C C5    . DC D 4 12 ? 4.84052   -5.02333  -0.07659  1.000 362.10154 ? 12 DC G C5    1 
ATOM 793 C C6    . DC D 4 12 ? 5.09267   -5.29164  -1.36150  1.000 342.90071 ? 12 DC G C6    1 
ATOM 794 P P     . DT D 4 13 ? 7.63474   -4.43426  -7.18817  1.000 310.72865 ? 13 DT G P     1 
ATOM 795 O OP1   . DT D 4 13 ? 8.00388   -5.35604  -8.28444  1.000 343.63052 ? 13 DT G OP1   1 
ATOM 796 O OP2   . DT D 4 13 ? 8.62202   -4.12497  -6.13017  1.000 308.19592 ? 13 DT G OP2   1 
ATOM 797 O "O5'" . DT D 4 13 ? 7.15033   -3.05139  -7.82317  1.000 307.13021 ? 13 DT G "O5'" 1 
ATOM 798 C "C5'" . DT D 4 13 ? 5.87766   -2.51970  -7.46827  1.000 310.34463 ? 13 DT G "C5'" 1 
ATOM 799 C "C4'" . DT D 4 13 ? 6.02844   -1.17578  -6.78017  1.000 307.22567 ? 13 DT G "C4'" 1 
ATOM 800 O "O4'" . DT D 4 13 ? 5.75368   -1.31341  -5.37351  1.000 309.02072 ? 13 DT G "O4'" 1 
ATOM 801 C "C3'" . DT D 4 13 ? 7.42618   -0.56463  -6.86720  1.000 298.87326 ? 13 DT G "C3'" 1 
ATOM 802 O "O3'" . DT D 4 13 ? 7.43777   0.48151   -7.83524  1.000 315.07286 ? 13 DT G "O3'" 1 
ATOM 803 C "C2'" . DT D 4 13 ? 7.71148   -0.03670  -5.44803  1.000 299.76176 ? 13 DT G "C2'" 1 
ATOM 804 C "C1'" . DT D 4 13 ? 6.40322   -0.27051  -4.69813  1.000 309.34751 ? 13 DT G "C1'" 1 
ATOM 805 N N1    . DT D 4 13 ? 6.59713   -0.67324  -3.26842  1.000 318.95143 ? 13 DT G N1    1 
ATOM 806 C C2    . DT D 4 13 ? 6.05494   0.10274   -2.26738  1.000 325.98232 ? 13 DT G C2    1 
ATOM 807 O O2    . DT D 4 13 ? 5.41382   1.11626   -2.48131  1.000 320.57531 ? 13 DT G O2    1 
ATOM 808 N N3    . DT D 4 13 ? 6.29232   -0.35590  -0.99531  1.000 329.62052 ? 13 DT G N3    1 
ATOM 809 C C4    . DT D 4 13 ? 7.00277   -1.48750  -0.63350  1.000 325.10236 ? 13 DT G C4    1 
ATOM 810 O O4    . DT D 4 13 ? 7.16262   -1.81887  0.53770   1.000 328.99120 ? 13 DT G O4    1 
ATOM 811 C C5    . DT D 4 13 ? 7.54426   -2.25305  -1.73088  1.000 335.75725 ? 13 DT G C5    1 
ATOM 812 C C7    . DT D 4 13 ? 8.33436   -3.49971  -1.46115  1.000 332.39822 ? 13 DT G C7    1 
ATOM 813 C C6    . DT D 4 13 ? 7.31941   -1.81310  -2.97947  1.000 322.73006 ? 13 DT G C6    1 
ATOM 814 P P     . DG D 4 14 ? 8.71120   1.45332   -7.97979  1.000 289.57107 ? 14 DG G P     1 
ATOM 815 O OP1   . DG D 4 14 ? 8.71382   1.96981   -9.36569  1.000 291.05628 ? 14 DG G OP1   1 
ATOM 816 O OP2   . DG D 4 14 ? 9.90859   0.74977   -7.46753  1.000 297.07326 ? 14 DG G OP2   1 
ATOM 817 O "O5'" . DG D 4 14 ? 8.37522   2.66376   -6.99093  1.000 293.87276 ? 14 DG G "O5'" 1 
ATOM 818 C "C5'" . DG D 4 14 ? 7.10244   3.29815   -7.06146  1.000 296.20245 ? 14 DG G "C5'" 1 
ATOM 819 C "C4'" . DG D 4 14 ? 6.85131   4.14976   -5.83103  1.000 294.80877 ? 14 DG G "C4'" 1 
ATOM 820 O "O4'" . DG D 4 14 ? 6.84840   3.30855   -4.65008  1.000 299.28331 ? 14 DG G "O4'" 1 
ATOM 821 C "C3'" . DG D 4 14 ? 7.89465   5.24350   -5.58191  1.000 296.26825 ? 14 DG G "C3'" 1 
ATOM 822 O "O3'" . DG D 4 14 ? 7.26164   6.51115   -5.47698  1.000 294.08112 ? 14 DG G "O3'" 1 
ATOM 823 C "C2'" . DG D 4 14 ? 8.56370   4.83559   -4.26577  1.000 305.96545 ? 14 DG G "C2'" 1 
ATOM 824 C "C1'" . DG D 4 14 ? 7.49356   3.98506   -3.60132  1.000 306.17289 ? 14 DG G "C1'" 1 
ATOM 825 N N9    . DG D 4 14 ? 8.03366   2.99594   -2.66552  1.000 313.62087 ? 14 DG G N9    1 
ATOM 826 C C8    . DG D 4 14 ? 8.73691   1.85832   -2.97857  1.000 315.11587 ? 14 DG G C8    1 
ATOM 827 N N7    . DG D 4 14 ? 9.09795   1.16362   -1.93553  1.000 322.50697 ? 14 DG G N7    1 
ATOM 828 C C5    . DG D 4 14 ? 8.60551   1.88713   -0.85777  1.000 326.16166 ? 14 DG G C5    1 
ATOM 829 C C6    . DG D 4 14 ? 8.68908   1.62384   0.53108   1.000 334.33841 ? 14 DG G C6    1 
ATOM 830 O O6    . DG D 4 14 ? 9.23336   0.66653   1.09974   1.000 340.06057 ? 14 DG G O6    1 
ATOM 831 N N1    . DG D 4 14 ? 8.05564   2.61167   1.28170   1.000 335.85557 ? 14 DG G N1    1 
ATOM 832 C C2    . DG D 4 14 ? 7.42191   3.71379   0.75471   1.000 330.22352 ? 14 DG G C2    1 
ATOM 833 N N2    . DG D 4 14 ? 6.86568   4.56129   1.63136   1.000 333.13799 ? 14 DG G N2    1 
ATOM 834 N N3    . DG D 4 14 ? 7.33795   3.97091   -0.54509  1.000 322.48047 ? 14 DG G N3    1 
ATOM 835 C C4    . DG D 4 14 ? 7.94893   3.01882   -1.28929  1.000 320.85233 ? 14 DG G C4    1 
ATOM 836 P P     . DT D 4 15 ? 8.14675   7.83982   -5.29390  1.000 297.37442 ? 15 DT G P     1 
ATOM 837 O OP1   . DT D 4 15 ? 7.38132   8.97347   -5.85802  1.000 291.24840 ? 15 DT G OP1   1 
ATOM 838 O OP2   . DT D 4 15 ? 9.50855   7.54791   -5.79569  1.000 299.28675 ? 15 DT G OP2   1 
ATOM 839 O "O5'" . DT D 4 15 ? 8.24336   8.01832   -3.70884  1.000 306.67767 ? 15 DT G "O5'" 1 
ATOM 840 C "C5'" . DT D 4 15 ? 7.05800   8.12907   -2.93346  1.000 307.11178 ? 15 DT G "C5'" 1 
ATOM 841 C "C4'" . DT D 4 15 ? 7.39473   8.34630   -1.47147  1.000 316.78085 ? 15 DT G "C4'" 1 
ATOM 842 O "O4'" . DT D 4 15 ? 7.82795   7.09177   -0.88154  1.000 321.93352 ? 15 DT G "O4'" 1 
ATOM 843 C "C3'" . DT D 4 15 ? 8.52257   9.35156   -1.21537  1.000 322.24027 ? 15 DT G "C3'" 1 
ATOM 844 O "O3'" . DT D 4 15 ? 8.16911   10.22239  -0.14651  1.000 327.57750 ? 15 DT G "O3'" 1 
ATOM 845 C "C2'" . DT D 4 15 ? 9.70728   8.46129   -0.84590  1.000 328.99872 ? 15 DT G "C2'" 1 
ATOM 846 C "C1'" . DT D 4 15 ? 9.00386   7.31392   -0.14292  1.000 330.74095 ? 15 DT G "C1'" 1 
ATOM 847 N N1    . DT D 4 15 ? 9.79800   6.04951   -0.10616  1.000 334.23745 ? 15 DT G N1    1 
ATOM 848 C C2    . DT D 4 15 ? 10.03871  5.44533   1.10655   1.000 342.66805 ? 15 DT G C2    1 
ATOM 849 O O2    . DT D 4 15 ? 9.63674   5.89141   2.16593   1.000 347.50094 ? 15 DT G O2    1 
ATOM 850 N N3    . DT D 4 15 ? 10.77884  4.29517   1.03577   1.000 345.52763 ? 15 DT G N3    1 
ATOM 851 C C4    . DT D 4 15 ? 11.28991  3.69875   -0.10228  1.000 341.02967 ? 15 DT G C4    1 
ATOM 852 O O4    . DT D 4 15 ? 11.94482  2.66194   -0.06354  1.000 344.48935 ? 15 DT G O4    1 
ATOM 853 C C5    . DT D 4 15 ? 11.00218  4.38139   -1.33989  1.000 332.23545 ? 15 DT G C5    1 
ATOM 854 C C7    . DT D 4 15 ? 11.50906  3.82606   -2.63783  1.000 327.00793 ? 15 DT G C7    1 
ATOM 855 C C6    . DT D 4 15 ? 10.27859  5.51220   -1.28375  1.000 329.23371 ? 15 DT G C6    1 
# 
loop_
_atom_site_anisotrop.id 
_atom_site_anisotrop.type_symbol 
_atom_site_anisotrop.pdbx_label_atom_id 
_atom_site_anisotrop.pdbx_label_alt_id 
_atom_site_anisotrop.pdbx_label_comp_id 
_atom_site_anisotrop.pdbx_label_asym_id 
_atom_site_anisotrop.pdbx_label_seq_id 
_atom_site_anisotrop.pdbx_PDB_ins_code 
_atom_site_anisotrop.U[1][1] 
_atom_site_anisotrop.U[2][2] 
_atom_site_anisotrop.U[3][3] 
_atom_site_anisotrop.U[1][2] 
_atom_site_anisotrop.U[1][3] 
_atom_site_anisotrop.U[2][3] 
_atom_site_anisotrop.pdbx_auth_seq_id 
_atom_site_anisotrop.pdbx_auth_comp_id 
_atom_site_anisotrop.pdbx_auth_asym_id 
_atom_site_anisotrop.pdbx_auth_atom_id 
1   O "O5'" . DT A 1  ? 4.62127 5.07873 3.16879 0.57507  -2.15729 -0.28706 1  DT A "O5'" 
2   C "C5'" . DT A 1  ? 4.53372 5.03303 3.09264 0.65156  -2.08685 -0.34786 1  DT A "C5'" 
3   C "C4'" . DT A 1  ? 4.42503 5.02332 3.03075 0.67598  -2.02705 -0.38345 1  DT A "C4'" 
4   O "O4'" . DT A 1  ? 4.33339 5.06428 2.97862 0.71719  -1.96722 -0.42212 1  DT A "O4'" 
5   C "C3'" . DT A 1  ? 4.43312 4.85067 2.99205 0.77560  -1.99337 -0.45924 1  DT A "C3'" 
6   O "O3'" . DT A 1  ? 4.36870 4.87867 2.97023 0.75367  -1.97159 -0.46035 1  DT A "O3'" 
7   C "C2'" . DT A 1  ? 4.38186 4.77935 2.93033 0.88337  -1.92732 -0.53875 1  DT A "C2'" 
8   C "C1'" . DT A 1  ? 4.29096 4.93324 2.91615 0.83460  -1.90226 -0.51712 1  DT A "C1'" 
9   N N1    . DT A 1  ? 4.26050 4.93068 2.88340 0.91276  -1.85778 -0.56488 1  DT A N1    
10  C C2    . DT A 1  ? 4.18148 4.89713 2.82492 1.00665  -1.78345 -0.64861 1  DT A C2    
11  O O2    . DT A 1  ? 4.13129 4.86841 2.79666 1.02553  -1.75084 -0.68940 1  DT A O2    
12  N N3    . DT A 1  ? 4.16874 4.90946 2.80554 1.08073  -1.74940 -0.68438 1  DT A N3    
13  C C4    . DT A 1  ? 4.22173 4.95296 2.83515 1.06774  -1.78039 -0.64296 1  DT A C4    
14  O O4    . DT A 1  ? 4.20816 4.97081 2.81598 1.14368  -1.74500 -0.67651 1  DT A O4    
15  C C5    . DT A 1  ? 4.29965 4.98911 2.89557 0.96063  -1.85844 -0.55793 1  DT A C5    
16  C C7    . DT A 1  ? 4.36420 5.05369 2.93706 0.93170  -1.89975 -0.50996 1  DT A C7    
17  C C6    . DT A 1  ? 4.31671 4.97673 2.91793 0.89120  -1.89298 -0.52486 1  DT A C6    
18  P P     . DC A 2  ? 4.41779 4.76465 2.97498 0.79231  -1.98125 -0.48239 2  DC A P     
19  O OP1   . DC A 2  ? 4.45810 4.86783 3.03649 0.69068  -2.04087 -0.39847 2  DC A OP1   
20  O OP2   . DC A 2  ? 4.50854 4.60706 2.98011 0.88340  -1.98883 -0.52961 2  DC A OP2   
21  O "O5'" . DC A 2  ? 4.30462 4.74617 2.90245 0.84797  -1.90484 -0.55106 2  DC A "O5'" 
22  C "C5'" . DC A 2  ? 4.22380 4.73862 2.84643 0.91470  -1.83861 -0.61973 2  DC A "C5'" 
23  C "C4'" . DC A 2  ? 4.22248 4.59027 2.79990 1.03846  -1.78979 -0.70977 2  DC A "C4'" 
24  O "O4'" . DC A 2  ? 4.18448 4.57250 2.76367 1.11436  -1.74158 -0.76765 2  DC A "O4'" 
25  C "C3'" . DC A 2  ? 4.33618 4.45519 2.82553 1.08660  -1.82672 -0.70937 2  DC A "C3'" 
26  O "O3'" . DC A 2  ? 4.32642 4.35877 2.79025 1.16865  -1.78930 -0.76995 2  DC A "O3'" 
27  C "C2'" . DC A 2  ? 4.36976 4.41088 2.82152 1.14241  -1.82078 -0.73026 2  DC A "C2'" 
28  C "C1'" . DC A 2  ? 4.26293 4.44453 2.76390 1.19628  -1.74828 -0.79252 2  DC A "C1'" 
29  N N1    . DC A 2  ? 4.26134 4.47389 2.75922 1.22667  -1.73631 -0.79936 2  DC A N1    
30  C C2    . DC A 2  ? 4.19837 4.47078 2.71268 1.31605  -1.67099 -0.87088 2  DC A C2    
31  O O2    . DC A 2  ? 4.14436 4.44463 2.67795 1.36365  -1.62453 -0.93117 2  DC A O2    
32  N N3    . DC A 2  ? 4.20383 4.50753 2.71207 1.34933  -1.66171 -0.87260 2  DC A N3    
33  C C4    . DC A 2  ? 4.26312 4.54863 2.75359 1.29115  -1.71337 -0.80722 2  DC A C4    
34  N N4    . DC A 2  ? 4.26605 4.59553 2.75197 1.32844  -1.70082 -0.80934 2  DC A N4    
35  C C5    . DC A 2  ? 4.32853 4.55406 2.80404 1.19474  -1.78160 -0.73778 2  DC A C5    
36  C C6    . DC A 2  ? 4.32713 4.51531 2.80582 1.16867  -1.79075 -0.73636 2  DC A C6    
37  P P     . DT A 3  ? 4.44024 4.23726 2.81877 1.21692  -1.82476 -0.76992 3  DT A P     
38  O OP1   . DT A 3  ? 4.44484 4.28124 2.84168 1.16071  -1.85022 -0.73312 3  DT A OP1   
39  O OP2   . DT A 3  ? 4.54647 4.20088 2.86703 1.21362  -1.87591 -0.74064 3  DT A OP2   
40  O "O5'" . DT A 3  ? 4.41285 4.13320 2.76117 1.34418  -1.75976 -0.85656 3  DT A "O5'" 
41  C "C5'" . DT A 3  ? 4.30640 4.17018 2.71168 1.36534  -1.69919 -0.90656 3  DT A "C5'" 
42  C "C4'" . DT A 3  ? 4.27442 4.11180 2.66558 1.47249  -1.63900 -0.98206 3  DT A "C4'" 
43  O "O4'" . DT A 3  ? 4.26491 4.14469 2.66604 1.47078  -1.63629 -0.97766 3  DT A "O4'" 
44  C "C3'" . DT A 3  ? 4.35799 3.98500 2.66172 1.57512  -1.63667 -1.00870 3  DT A "C3'" 
45  O "O3'" . DT A 3  ? 4.30919 3.95889 2.61963 1.65187  -1.57829 -1.07363 3  DT A "O3'" 
46  C "C2'" . DT A 3  ? 4.40109 3.95302 2.66574 1.61779  -1.64022 -1.00967 3  DT A "C2'" 
47  C "C1'" . DT A 3  ? 4.30966 4.05403 2.64893 1.57678  -1.61421 -1.01684 3  DT A "C1'" 
48  N N1    . DT A 3  ? 4.34449 4.07682 2.66802 1.56695  -1.63651 -0.98763 3  DT A N1    
49  C C2    . DT A 3  ? 4.32389 4.07511 2.63987 1.64699  -1.59390 -1.02976 3  DT A C2    
50  O O2    . DT A 3  ? 4.28255 4.05500 2.60304 1.72440  -1.53967 -1.09171 3  DT A O2    
51  N N3    . DT A 3  ? 4.36090 4.10800 2.66155 1.63302  -1.61851 -0.99553 3  DT A N3    
52  C C4    . DT A 3  ? 4.41524 4.14511 2.71038 1.54256  -1.68125 -0.92740 3  DT A C4    
53  O O4    . DT A 3  ? 4.44542 4.18654 2.72963 1.53283  -1.69934 -0.90127 3  DT A O4    
54  C C5    . DT A 3  ? 4.44057 4.14351 2.74229 1.46100  -1.72588 -0.88771 3  DT A C5    
55  C C7    . DT A 3  ? 4.51273 4.19230 2.80598 1.36033  -1.79988 -0.81361 3  DT A C7    
56  C C6    . DT A 3  ? 4.40456 4.10845 2.71854 1.47992  -1.70103 -0.91818 3  DT A C6    
57  P P     . DG A 4  ? 4.38168 3.84954 2.60946 1.76538  -1.56416 -1.10323 4  DG A P     
58  O OP1   . DG A 4  ? 4.33727 3.86352 2.58860 1.78236  -1.53171 -1.13494 4  DG A OP1   
59  O OP2   . DG A 4  ? 4.49973 3.78933 2.65270 1.76545  -1.62229 -1.05907 4  DG A OP2   
60  O "O5'" . DG A 4  ? 4.36543 3.82498 2.57876 1.85457  -1.51522 -1.15062 4  DG A "O5'" 
61  C "C5'" . DG A 4  ? 4.42147 3.74635 2.56561 1.96724  -1.49113 -1.17579 4  DG A "C5'" 
62  C "C4'" . DG A 4  ? 4.38462 3.75453 2.53825 2.03516  -1.43149 -1.21986 4  DG A "C4'" 
63  O "O4'" . DG A 4  ? 4.32722 3.82866 2.53707 1.97608  -1.42889 -1.22442 4  DG A "O4'" 
64  C "C3'" . DG A 4  ? 4.46456 3.69438 2.53934 2.13314  -1.43088 -1.20895 4  DG A "C3'" 
65  O "O3'" . DG A 4  ? 4.46874 3.66444 2.52872 2.19629  -1.38514 -1.20776 4  DG A "O3'" 
66  C "C2'" . DG A 4  ? 4.43053 3.73880 2.52990 2.14024  -1.39854 -1.22684 4  DG A "C2'" 
67  C "C1'" . DG A 4  ? 4.36820 3.81621 2.53632 2.03002  -1.42741 -1.21913 4  DG A "C1'" 
68  N N9    . DG A 4  ? 4.41336 3.82595 2.56790 1.96623  -1.49177 -1.16015 4  DG A N9    
69  C C8    . DG A 4  ? 4.43288 3.83209 2.59990 1.87412  -1.54416 -1.11440 4  DG A C8    
70  N N7    . DG A 4  ? 4.48157 3.85006 2.63497 1.82027  -1.59170 -1.06675 4  DG A N7    
71  C C5    . DG A 4  ? 4.48842 3.85842 2.62158 1.88195  -1.56829 -1.08159 4  DG A C5    
72  C C6    . DG A 4  ? 4.60760 3.96581 2.72302 1.86036  -1.59781 -1.04681 4  DG A C6    
73  O O6    . DG A 4  ? 5.10329 4.44464 3.21846 1.77549  -1.65436 -0.99617 4  DG A O6    
74  N N1    . DG A 4  ? 5.03589 4.40769 3.13021 1.94978  -1.55652 -1.07443 4  DG A N1    
75  C C2    . DG A 4  ? 4.74118 4.12746 2.82796 2.04819  -1.49668 -1.12843 4  DG A C2    
76  N N2    . DG A 4  ? 5.16351 4.55757 3.22116 2.13136  -1.46493 -1.14302 4  DG A N2    
77  N N3    . DG A 4  ? 4.55449 3.95159 2.65944 2.06236  -1.46946 -1.16393 4  DG A N3    
78  C C4    . DG A 4  ? 4.44970 3.84281 2.57999 1.97617  -1.50736 -1.13767 4  DG A C4    
79  P P     . DT A 5  ? 4.56211 3.63378 2.51193 2.26029  -1.40813 -1.16049 5  DT A P     
80  O OP1   . DT A 5  ? 4.52548 3.63564 2.51199 2.24149  -1.29824 -1.14725 5  DT A OP1   
81  O OP2   . DT A 5  ? 4.64337 3.58103 2.55193 2.25564  -1.45824 -1.14998 5  DT A OP2   
82  O "O5'" . DT A 5  ? 4.59321 3.64893 2.50792 2.28092  -1.41653 -1.15314 5  DT A "O5'" 
83  C "C5'" . DT A 5  ? 4.57573 3.66030 2.51034 2.27553  -1.31511 -1.13521 5  DT A "C5'" 
84  C "C4'" . DT A 5  ? 4.55368 3.69178 2.52380 2.28023  -1.30252 -1.14782 5  DT A "C4'" 
85  O "O4'" . DT A 5  ? 4.60164 3.73946 2.55679 2.29103  -1.40599 -1.17582 5  DT A "O4'" 
86  C "C3'" . DT A 5  ? 4.61886 3.70645 2.51774 2.31479  -1.28883 -1.11577 5  DT A "C3'" 
87  O "O3'" . DT A 5  ? 4.56530 3.73237 2.55526 2.30916  -1.20339 -1.11220 5  DT A "O3'" 
88  C "C2'" . DT A 5  ? 4.70119 3.71478 2.50032 2.33179  -1.40225 -1.13446 5  DT A "C2'" 
89  C "C1'" . DT A 5  ? 4.63427 3.70638 2.54093 2.31147  -1.42713 -1.16975 5  DT A "C1'" 
90  N N1    . DT A 5  ? 4.67351 3.69401 2.58048 2.22042  -1.49115 -1.14692 5  DT A N1    
91  C C2    . DT A 5  ? 4.71678 3.72758 2.61066 2.17733  -1.52676 -1.11440 5  DT A C2    
92  O O2    . DT A 5  ? 4.72924 3.76184 2.60186 2.22472  -1.50550 -1.11544 5  DT A O2    
93  N N3    . DT A 5  ? 4.75112 3.73038 2.65657 2.07647  -1.58988 -1.07706 5  DT A N3    
94  C C4    . DT A 5  ? 4.75063 3.70264 2.67284 2.02015  -1.61784 -1.06844 5  DT A C4    
95  O O4    . DT A 5  ? 4.79664 3.71474 2.72066 1.93411  -1.67733 -1.03099 5  DT A O4    
96  C C5    . DT A 5  ? 4.69863 3.67015 2.63470 2.07064  -1.57388 -1.10414 5  DT A C5    
97  C C7    . DT A 5  ? 4.69444 3.65129 2.64806 2.02024  -1.59650 -1.09611 5  DT A C7    
98  C C6    . DT A 5  ? 4.66119 3.66851 2.59250 2.16442  -1.51471 -1.14119 5  DT A C6    
99  P P     . DA B 1  ? 3.41833 5.14479 4.16859 -1.02728 -0.78601 1.65485  13 DA D P     
100 O OP1   . DA B 1  ? 2.91210 4.62256 3.65717 -1.02607 -0.79341 1.65073  13 DA D OP1   
101 O OP2   . DA B 1  ? 2.50271 4.24602 3.27375 -1.02853 -0.78641 1.67081  13 DA D OP2   
102 O "O5'" . DA B 1  ? 2.29020 4.02484 3.04744 -1.01592 -0.77750 1.65268  13 DA D "O5'" 
103 C "C5'" . DA B 1  ? 2.20470 3.93925 2.94624 -1.02088 -0.77243 1.64414  13 DA D "C5'" 
104 C "C4'" . DA B 1  ? 2.06195 3.79675 2.79055 -1.03502 -0.77375 1.64343  13 DA D "C4'" 
105 O "O4'" . DA B 1  ? 2.04475 3.76890 2.75258 -1.04217 -0.77321 1.63230  13 DA D "O4'" 
106 C "C3'" . DA B 1  ? 1.93748 3.69118 2.67606 -1.03823 -0.76938 1.65307  13 DA D "C3'" 
107 O "O3'" . DA B 1  ? 1.83605 3.58294 2.57158 -1.04776 -0.76552 1.65191  13 DA D "O3'" 
108 C "C2'" . DA B 1  ? 1.90160 3.64759 2.62427 -1.04269 -0.76015 1.63994  13 DA D "C2'" 
109 C "C1'" . DA B 1  ? 1.90690 3.64038 2.61110 -1.04948 -0.76886 1.63365  13 DA D "C1'" 
110 N N9    . DA B 1  ? 1.90076 3.62695 2.59488 -1.04994 -0.76621 1.62518  13 DA D N9    
111 C C8    . DA B 1  ? 1.99452 3.71149 2.68619 -1.04237 -0.76821 1.61970  13 DA D C8    
112 N N7    . DA B 1  ? 1.95116 3.66442 2.63523 -1.04598 -0.76778 1.61589  13 DA D N7    
113 C C5    . DA B 1  ? 1.96895 3.67571 2.65074 -1.05446 -0.75285 1.60758  13 DA D C5    
114 C C6    . DA B 1  ? 2.13955 3.82745 2.81661 -1.06039 -0.73495 1.59157  13 DA D C6    
115 N N6    . DA B 1  ? 2.21551 3.90288 2.88995 -1.06094 -0.74349 1.59426  13 DA D N6    
116 N N1    . DA B 1  ? 2.41449 4.08363 3.09065 -1.06637 -0.70869 1.57419  13 DA D N1    
117 C C2    . DA B 1  ? 2.18747 3.85582 2.86598 -1.06629 -0.70066 1.57281  13 DA D C2    
118 N N3    . DA B 1  ? 2.01967 3.70499 2.70414 -1.06132 -0.71667 1.58794  13 DA D N3    
119 C C4    . DA B 1  ? 2.02638 3.73123 2.71291 -1.05549 -0.74298 1.60514  13 DA D C4    
120 P P     . DC B 2  ? 1.81556 3.56946 2.57487 -1.04415 -0.75662 1.66167  14 DC D P     
121 O OP1   . DC B 2  ? 1.83027 3.57446 2.58393 -1.05425 -0.76305 1.66364  14 DC D OP1   
122 O OP2   . DC B 2  ? 1.80088 3.58452 2.58874 -1.03150 -0.76991 1.68512  14 DC D OP2   
123 O "O5'" . DC B 2  ? 1.82575 3.55697 2.57842 -1.04614 -0.72047 1.63831  14 DC D "O5'" 
124 C "C5'" . DC B 2  ? 1.81951 3.55257 2.57283 -1.04139 -0.70911 1.63151  14 DC D "C5'" 
125 C "C4'" . DC B 2  ? 1.84318 3.54714 2.57394 -1.05014 -0.68393 1.60434  14 DC D "C4'" 
126 O "O4'" . DC B 2  ? 1.82604 3.52804 2.54210 -1.05229 -0.69309 1.59844  14 DC D "O4'" 
127 C "C3'" . DC B 2  ? 1.86391 3.55803 2.59823 -1.04997 -0.65683 1.59324  14 DC D "C3'" 
128 O "O3'" . DC B 2  ? 2.26309 3.92876 2.98287 -1.05867 -0.63237 1.57317  14 DC D "O3'" 
129 C "C2'" . DC B 2  ? 1.84597 3.54238 2.57087 -1.05091 -0.66073 1.58810  14 DC D "C2'" 
130 C "C1'" . DC B 2  ? 1.92540 3.61496 2.63435 -1.05554 -0.67414 1.58348  14 DC D "C1'" 
131 N N1    . DC B 2  ? 1.99687 3.69447 2.69939 -1.05489 -0.68996 1.58692  14 DC D N1    
132 C C2    . DC B 2  ? 2.59396 4.27441 3.28354 -1.06238 -0.67846 1.57143  14 DC D C2    
133 O O2    . DC B 2  ? 2.63497 4.29404 3.31870 -1.06921 -0.65441 1.55447  14 DC D O2    
134 N N3    . DC B 2  ? 2.59890 4.28630 3.28344 -1.06250 -0.69485 1.57691  14 DC D N3    
135 C C4    . DC B 2  ? 2.29045 3.99949 2.98002 -1.05524 -0.71993 1.59540  14 DC D C4    
136 N N4    . DC B 2  ? 2.33090 4.04437 3.01377 -1.05607 -0.73528 1.60082  14 DC D N4    
137 C C5    . DC B 2  ? 1.96978 3.69657 2.67236 -1.04743 -0.73124 1.61073  14 DC D C5    
138 C C6    . DC B 2  ? 1.86805 3.58894 2.57780 -1.04772 -0.71646 1.60652  14 DC D C6    
139 P P     . DA B 3  ? 2.68278 4.33114 3.40339 -1.06087 -0.60021 1.56040  15 DA D P     
140 O OP1   . DA B 3  ? 2.44312 4.08173 3.16931 -1.06168 -0.58899 1.56201  15 DA D OP1   
141 O OP2   . DA B 3  ? 2.38147 4.04440 3.11528 -1.05511 -0.59894 1.56812  15 DA D OP2   
142 O "O5'" . DA B 3  ? 3.89224 5.51366 4.58878 -1.07176 -0.58334 1.53607  15 DA D "O5'" 
143 C "C5'" . DA B 3  ? 3.43255 5.05752 4.12156 -1.07410 -0.59187 1.53255  15 DA D "C5'" 
144 C "C4'" . DA B 3  ? 3.06067 4.66595 3.73918 -1.08227 -0.56823 1.51588  15 DA D "C4'" 
145 O "O4'" . DA B 3  ? 3.17824 4.78870 3.85029 -1.08602 -0.58005 1.51561  15 DA D "O4'" 
146 C "C3'" . DA B 3  ? 2.83736 4.44169 3.52398 -1.08015 -0.55031 1.51722  15 DA D "C3'" 
147 O "O3'" . DA B 3  ? 2.90618 4.48239 3.57919 -1.08965 -0.52190 1.49848  15 DA D "O3'" 
148 C "C2'" . DA B 3  ? 2.93561 4.55720 3.62670 -1.07836 -0.56277 1.52620  15 DA D "C2'" 
149 C "C1'" . DA B 3  ? 2.98032 4.60350 3.65836 -1.08361 -0.58203 1.52352  15 DA D "C1'" 
150 N N9    . DA B 3  ? 2.94661 4.59545 3.63256 -1.07619 -0.61095 1.54111  15 DA D N9    
151 C C8    . DA B 3  ? 2.69006 4.36092 3.39351 -1.06506 -0.62533 1.55908  15 DA D C8    
152 N N7    . DA B 3  ? 2.52620 4.21615 3.23174 -1.06082 -0.65089 1.57254  15 DA D N7    
153 C C5    . DA B 3  ? 2.73787 4.41745 3.42637 -1.06964 -0.65366 1.56312  15 DA D C5    
154 C C6    . DA B 3  ? 2.83535 4.52413 3.51688 -1.07075 -0.67615 1.57066  15 DA D C6    
155 N N6    . DA B 3  ? 2.64387 4.35461 3.33298 -1.06236 -0.69972 1.58865  15 DA D N6    
156 N N1    . DA B 3  ? 3.12922 4.80314 3.79634 -1.08134 -0.67407 1.56044  15 DA D N1    
157 C C2    . DA B 3  ? 2.99524 4.64708 3.65537 -1.09034 -0.65090 1.54338  15 DA D C2    
158 N N3    . DA B 3  ? 2.93334 4.57358 3.59663 -1.09025 -0.62731 1.53357  15 DA D N3    
159 C C4    . DA B 3  ? 2.95120 4.60624 3.62883 -1.07940 -0.63000 1.54437  15 DA D C4    
160 P P     . DC B 4  ? 2.64841 4.20438 3.31982 -1.09056 -0.49959 1.49089  16 DC D P     
161 O OP1   . DC B 4  ? 2.51323 4.05419 3.17211 -1.09702 -0.49939 1.47965  16 DC D OP1   
162 O OP2   . DC B 4  ? 3.45153 5.02539 4.14405 -1.07963 -0.50656 1.50931  16 DC D OP2   
163 O "O5'" . DC B 4  ? 2.46620 3.99691 3.12711 -1.09831 -0.46769 1.47613  16 DC D "O5'" 
164 C "C5'" . DC B 4  ? 2.40143 3.91862 3.06739 -1.09568 -0.44412 1.47580  16 DC D "C5'" 
165 C "C4'" . DC B 4  ? 2.28100 3.78367 2.94101 -1.09741 -0.43847 1.47063  16 DC D "C4'" 
166 O "O4'" . DC B 4  ? 2.34060 3.81188 2.98773 -1.10405 -0.40602 1.45612  16 DC D "O4'" 
167 C "C3'" . DC B 4  ? 2.09189 3.61131 2.77020 -1.08800 -0.45240 1.48917  16 DC D "C3'" 
168 O "O3'" . DC B 4  ? 1.99437 3.51789 2.66663 -1.09035 -0.47161 1.48989  16 DC D "O3'" 
169 C "C2'" . DC B 4  ? 2.09567 3.59231 2.77286 -1.08907 -0.42600 1.48587  16 DC D "C2'" 
170 C "C1'" . DC B 4  ? 2.23140 3.69890 2.88903 -1.09810 -0.39627 1.46513  16 DC D "C1'" 
171 N N1    . DC B 4  ? 2.35722 3.81734 3.02306 -1.09475 -0.37313 1.46788  16 DC D N1    
172 C C2    . DC B 4  ? 2.44726 3.89073 3.11833 -1.09181 -0.35122 1.47128  16 DC D C2    
173 O O2    . DC B 4  ? 2.25785 3.69429 2.92535 -1.09294 -0.35418 1.47239  16 DC D O2    
174 N N3    . DC B 4  ? 2.58738 4.01994 3.26615 -1.08875 -0.32568 1.47348  16 DC D N3    
175 C C4    . DC B 4  ? 2.57420 4.01022 3.25268 -1.09030 -0.32105 1.47094  16 DC D C4    
176 N N4    . DC B 4  ? 2.46166 3.88103 3.14550 -1.08857 -0.29074 1.47202  16 DC D N4    
177 C C5    . DC B 4  ? 2.59090 4.04444 3.26212 -1.09471 -0.34566 1.46743  16 DC D C5    
178 C C6    . DC B 4  ? 2.57641 4.04215 3.24278 -1.09594 -0.37124 1.46667  16 DC D C6    
179 P P     . DC B 5  ? 1.95304 3.50211 2.64261 -1.08282 -0.49997 1.51240  17 DC D P     
180 O OP1   . DC B 5  ? 1.94995 3.49527 2.62561 -1.08906 -0.51431 1.50724  17 DC D OP1   
181 O OP2   . DC B 5  ? 2.41434 3.99352 3.12750 -1.07190 -0.51520 1.53111  17 DC D OP2   
182 O "O5'" . DC B 5  ? 1.97071 3.50662 2.66527 -1.08314 -0.48619 1.51746  17 DC D "O5'" 
183 C "C5'" . DC B 5  ? 1.99345 3.49719 2.66543 -1.09407 -0.46860 1.50155  17 DC D "C5'" 
184 C "C4'" . DC B 5  ? 2.00952 3.50530 2.68909 -1.09360 -0.46177 1.51230  17 DC D "C4'" 
185 O "O4'" . DC B 5  ? 2.01684 3.50932 2.70991 -1.08700 -0.44000 1.51488  17 DC D "O4'" 
186 C "C3'" . DC B 5  ? 1.99759 3.52131 2.69979 -1.08808 -0.49247 1.53916  17 DC D "C3'" 
187 O "O3'" . DC B 5  ? 2.02802 3.53427 2.72458 -1.09511 -0.48892 1.54369  17 DC D "O3'" 
188 C "C2'" . DC B 5  ? 2.04867 3.59714 2.78422 -1.07403 -0.49251 1.55682  17 DC D "C2'" 
189 C "C1'" . DC B 5  ? 2.00650 3.52619 2.73337 -1.07575 -0.45459 1.54162  17 DC D "C1'" 
190 N N1    . DC B 5  ? 2.00178 3.53007 2.74528 -1.06714 -0.44037 1.54378  17 DC D N1    
191 C C2    . DC B 5  ? 2.03904 3.55446 2.79632 -1.06251 -0.41274 1.54800  17 DC D C2    
192 O O2    . DC B 5  ? 2.11819 3.61785 2.87535 -1.06459 -0.40339 1.55175  17 DC D O2    
193 N N3    . DC B 5  ? 2.02209 3.53973 2.79100 -1.05691 -0.39538 1.54784  17 DC D N3    
194 C C4    . DC B 5  ? 2.24704 3.77978 3.01290 -1.05677 -0.40715 1.54396  17 DC D C4    
195 N N4    . DC B 5  ? 2.38232 3.91239 3.15607 -1.05399 -0.38753 1.54280  17 DC D N4    
196 C C5    . DC B 5  ? 2.05444 3.60251 2.80752 -1.06054 -0.43779 1.54112  17 DC D C5    
197 C C6    . DC B 5  ? 2.06080 3.60562 2.80378 -1.06515 -0.45211 1.54102  17 DC D C6    
198 P P     . DG B 6  ? 2.17868 3.67374 2.85374 -1.10876 -0.50673 1.54274  18 DG D P     
199 O OP1   . DG B 6  ? 2.26824 3.73634 2.91174 -1.11863 -0.48990 1.51516  18 DG D OP1   
200 O OP2   . DG B 6  ? 2.19206 3.72298 2.88920 -1.10375 -0.54468 1.56770  18 DG D OP2   
201 O "O5'" . DG B 6  ? 2.40909 3.87827 3.07638 -1.11717 -0.49477 1.54646  18 DG D "O5'" 
202 C "C5'" . DG B 6  ? 3.01424 4.48957 3.68585 -1.12434 -0.52098 1.56647  18 DG D "C5'" 
203 C "C4'" . DG B 6  ? 2.37199 3.87486 3.08594 -1.11263 -0.53362 1.59688  18 DG D "C4'" 
204 O "O4'" . DG B 6  ? 2.33112 3.84784 3.06892 -1.09631 -0.51506 1.59642  18 DG D "O4'" 
205 C "C3'" . DG B 6  ? 2.38019 3.92278 3.12377 -1.10843 -0.57511 1.62615  18 DG D "C3'" 
206 O "O3'" . DG B 6  ? 2.34492 3.87648 3.07671 -1.12457 -0.59587 1.63736  18 DG D "O3'" 
207 C "C2'" . DG B 6  ? 2.19566 3.76646 2.98866 -1.09027 -0.57340 1.65037  18 DG D "C2'" 
208 C "C1'" . DG B 6  ? 2.25521 3.80944 3.03975 -1.08255 -0.53441 1.62736  18 DG D "C1'" 
209 N N9    . DG B 6  ? 2.13188 3.71078 2.93058 -1.07045 -0.53707 1.62636  18 DG D N9    
210 C C8    . DG B 6  ? 2.16098 3.75336 2.94692 -1.07199 -0.55694 1.62027  18 DG D C8    
211 N N7    . DG B 6  ? 2.01904 3.63042 2.81992 -1.06079 -0.55522 1.62145  18 DG D N7    
212 C C5    . DG B 6  ? 1.97627 3.58510 2.80076 -1.05183 -0.53030 1.62734  18 DG D C5    
213 C C6    . DG B 6  ? 1.96321 3.58237 2.80786 -1.04059 -0.51441 1.62934  18 DG D C6    
214 O O6    . DG B 6  ? 1.94583 3.58005 2.79060 -1.03663 -0.52207 1.62681  18 DG D O6    
215 N N1    . DG B 6  ? 1.98168 3.58867 2.84604 -1.03506 -0.48542 1.63473  18 DG D N1    
216 C C2    . DG B 6  ? 2.00348 3.59225 2.86871 -1.03900 -0.47538 1.63905  18 DG D C2    
217 N N2    . DG B 6  ? 2.02129 3.59850 2.90771 -1.03185 -0.44498 1.64498  18 DG D N2    
218 N N3    . DG B 6  ? 2.01121 3.59069 2.85632 -1.05035 -0.49254 1.63767  18 DG D N3    
219 C C4    . DG B 6  ? 2.02567 3.61509 2.85041 -1.05670 -0.51852 1.63087  18 DG D C4    
220 P P     . DC C 1  ? 2.73633 3.82009 2.84786 0.83959  -1.37230 0.47743  6  DC C P     
221 O OP1   . DC C 1  ? 2.79978 3.85886 2.95730 0.84494  -1.42736 0.49003  6  DC C OP1   
222 O OP2   . DC C 1  ? 2.95549 3.89012 3.11842 0.81689  -1.45154 0.42885  6  DC C OP2   
223 O "O5'" . DC C 1  ? 2.58833 3.81731 2.71618 0.81826  -1.25096 0.54437  6  DC C "O5'" 
224 C "C5'" . DC C 1  ? 2.54776 3.67649 2.66439 0.73193  -1.26719 0.58630  6  DC C "C5'" 
225 C "C4'" . DC C 1  ? 2.57748 3.64715 2.69076 0.69021  -1.30874 0.62567  6  DC C "C4'" 
226 O "O4'" . DC C 1  ? 2.57274 3.56667 2.67213 0.59132  -1.31824 0.66695  6  DC C "O4'" 
227 C "C3'" . DC C 1  ? 2.54296 3.55408 2.68620 0.65998  -1.29960 0.64783  6  DC C "C3'" 
228 O "O3'" . DC C 1  ? 2.59131 3.64363 2.74498 0.69950  -1.31925 0.65765  6  DC C "O3'" 
229 C "C2'" . DC C 1  ? 2.52367 3.38162 2.66000 0.53272  -1.30017 0.67562  6  DC C "C2'" 
230 C "C1'" . DC C 1  ? 2.59056 3.48637 2.70742 0.50172  -1.31271 0.70299  6  DC C "C1'" 
231 N N1    . DC C 1  ? 2.66748 3.46412 2.77789 0.39421  -1.30272 0.72885  6  DC C N1    
232 C C2    . DC C 1  ? 2.72077 3.39390 2.84390 0.29198  -1.30168 0.75386  6  DC C C2    
233 O O2    . DC C 1  ? 2.67489 3.32041 2.81347 0.28949  -1.30841 0.75707  6  DC C O2    
234 N N3    . DC C 1  ? 2.73663 3.32222 2.85489 0.19986  -1.29571 0.77223  6  DC C N3    
235 C C4    . DC C 1  ? 2.72382 3.34275 2.82692 0.20687  -1.28860 0.77282  6  DC C C4    
236 N N4    . DC C 1  ? 2.68812 3.21779 2.78966 0.11685  -1.28343 0.79300  6  DC C N4    
237 C C5    . DC C 1  ? 2.71691 3.46049 2.80586 0.30806  -1.28932 0.75093  6  DC C C5    
238 C C6    . DC C 1  ? 2.66989 3.49623 2.76226 0.39830  -1.29814 0.72626  6  DC C C6    
239 P P     . DG C 2  ? 2.61549 3.77034 2.80191 0.79135  -1.28928 0.62838  7  DG C P     
240 O OP1   . DG C 2  ? 2.71100 3.87871 2.87186 0.84229  -1.33493 0.58291  7  DG C OP1   
241 O OP2   . DG C 2  ? 2.54009 3.74511 2.77990 0.78623  -1.24169 0.64141  7  DG C OP2   
242 O "O5'" . DG C 2  ? 2.62361 3.74474 2.84044 0.78809  -1.29951 0.66087  7  DG C "O5'" 
243 C "C5'" . DG C 2  ? 2.58794 3.70849 2.87179 0.79902  -1.27885 0.68166  7  DG C "C5'" 
244 C "C4'" . DG C 2  ? 2.56755 3.50386 2.84835 0.72385  -1.29888 0.68412  7  DG C "C4'" 
245 O "O4'" . DG C 2  ? 2.53636 3.38035 2.77502 0.64588  -1.29672 0.66869  7  DG C "O4'" 
246 C "C3'" . DG C 2  ? 2.56247 3.37905 2.89928 0.71733  -1.30504 0.66292  7  DG C "C3'" 
247 O "O3'" . DG C 2  ? 2.76120 3.41088 3.09285 0.66520  -1.32220 0.65757  7  DG C "O3'" 
248 C "C2'" . DG C 2  ? 2.51881 3.27011 2.83651 0.67797  -1.29717 0.62613  7  DG C "C2'" 
249 C "C1'" . DG C 2  ? 2.52330 3.24083 2.77769 0.61065  -1.29176 0.63642  7  DG C "C1'" 
250 N N9    . DG C 2  ? 2.46798 3.19476 2.69380 0.58730  -1.28040 0.62080  7  DG C N9    
251 C C8    . DG C 2  ? 2.45807 3.32255 2.69452 0.64212  -1.26442 0.61726  7  DG C C8    
252 N N7    . DG C 2  ? 2.55571 3.39138 2.75887 0.60647  -1.25939 0.60468  7  DG C N7    
253 C C5    . DG C 2  ? 2.62130 3.28724 2.79765 0.51694  -1.27215 0.60332  7  DG C C5    
254 C C6    . DG C 2  ? 2.72738 3.29285 2.87386 0.44067  -1.27251 0.60006  7  DG C C6    
255 O O6    . DG C 2  ? 2.74839 3.34765 2.87759 0.44469  -1.26281 0.59230  7  DG C O6    
256 N N1    . DG C 2  ? 2.74140 3.15924 2.88373 0.35086  -1.28500 0.61151  7  DG C N1    
257 C C2    . DG C 2  ? 2.73973 3.11565 2.89942 0.33905  -1.29656 0.62351  7  DG C C2    
258 N N2    . DG C 2  ? 2.81991 3.06435 2.97549 0.24414  -1.30680 0.63651  7  DG C N2    
259 N N3    . DG C 2  ? 2.69796 3.16082 2.88092 0.41512  -1.29752 0.62554  7  DG C N3    
260 C C4    . DG C 2  ? 2.59069 3.19501 2.78228 0.50091  -1.28473 0.61519  7  DG C C4    
261 P P     . DG C 3  ? 3.46628 3.94892 3.84067 0.67047  -1.34274 0.61677  8  DG C P     
262 O OP1   . DG C 3  ? 3.30512 3.69084 3.67593 0.63312  -1.35712 0.63640  8  DG C OP1   
263 O OP2   . DG C 3  ? 3.21599 3.78708 3.65245 0.75760  -1.34484 0.60801  8  DG C OP2   
264 O "O5'" . DG C 3  ? 2.98916 3.31518 3.33345 0.61027  -1.34560 0.55750  8  DG C "O5'" 
265 C "C5'" . DG C 3  ? 3.02777 3.14316 3.36490 0.55924  -1.36611 0.51450  8  DG C "C5'" 
266 C "C4'" . DG C 3  ? 3.04326 3.07559 3.33503 0.45890  -1.36297 0.52907  8  DG C "C4'" 
267 O "O4'" . DG C 3  ? 2.82118 2.99072 3.08677 0.44667  -1.34089 0.56848  8  DG C "O4'" 
268 C "C3'" . DG C 3  ? 3.02920 2.88782 3.29406 0.39946  -1.37113 0.46909  8  DG C "C3'" 
269 O "O3'" . DG C 3  ? 2.95379 2.64370 3.22553 0.36426  -1.39561 0.44133  8  DG C "O3'" 
270 C "C2'" . DG C 3  ? 3.02215 2.89720 3.24930 0.32410  -1.35501 0.49853  8  DG C "C2'" 
271 C "C1'" . DG C 3  ? 2.83669 2.91901 3.06686 0.37610  -1.33482 0.54635  8  DG C "C1'" 
272 N N9    . DG C 3  ? 2.76317 2.92995 2.98723 0.41942  -1.31982 0.52630  8  DG C N9    
273 C C8    . DG C 3  ? 2.78528 3.08137 3.03895 0.50706  -1.31483 0.52277  8  DG C C8    
274 N N7    . DG C 3  ? 2.76585 3.12763 3.00916 0.52322  -1.30071 0.50914  8  DG C N7    
275 C C5    . DG C 3  ? 2.85938 3.12237 3.06119 0.44622  -1.29577 0.50149  8  DG C C5    
276 C C6    . DG C 3  ? 2.97099 3.24492 3.14611 0.42801  -1.28136 0.48898  8  DG C C6    
277 O O6    . DG C 3  ? 2.93204 3.31694 3.11311 0.47695  -1.26919 0.48328  8  DG C O6    
278 N N1    . DG C 3  ? 3.00608 3.14409 3.15182 0.33944  -1.28698 0.48792  8  DG C N1    
279 C C2    . DG C 3  ? 2.93663 2.95596 3.08076 0.27216  -1.30095 0.49888  8  DG C C2    
280 N N2    . DG C 3  ? 3.00260 2.90490 3.12517 0.18499  -1.30482 0.49930  8  DG C N2    
281 N N3    . DG C 3  ? 2.89776 2.91869 3.06361 0.28863  -1.31029 0.51177  8  DG C N3    
282 C C4    . DG C 3  ? 2.84396 2.98471 3.03664 0.37871  -1.30789 0.51184  8  DG C C4    
283 P P     . DA C 4  ? 3.57266 3.16068 3.82375 0.26106  -1.40261 0.46604  9  DA C P     
284 O OP1   . DA C 4  ? 3.26469 2.98278 3.51716 0.24666  -1.38939 0.53937  9  DA C OP1   
285 O OP2   . DA C 4  ? 3.10025 2.54456 3.36778 0.25272  -1.42939 0.43301  9  DA C OP2   
286 O "O5'" . DA C 4  ? 3.07207 2.56659 3.28343 0.19122  -1.39661 0.43038  9  DA C "O5'" 
287 C "C5'" . DA C 4  ? 2.85650 2.29848 3.04724 0.09527  -1.39406 0.45729  9  DA C "C5'" 
288 C "C4'" . DA C 4  ? 3.04887 2.44183 3.20748 0.05183  -1.38242 0.43114  9  DA C "C4'" 
289 O "O4'" . DA C 4  ? 3.04026 2.56286 3.19608 0.11672  -1.36283 0.43277  9  DA C "O4'" 
290 C "C3'" . DA C 4  ? 3.13683 2.35469 3.27711 0.02664  -1.39825 0.35837  9  DA C "C3'" 
291 O "O3'" . DA C 4  ? 3.25983 2.39253 3.37383 -0.05829 -1.39347 0.35842  9  DA C "O3'" 
292 C "C2'" . DA C 4  ? 3.18870 2.45457 3.32590 0.10478  -1.39055 0.31570  9  DA C "C2'" 
293 C "C1'" . DA C 4  ? 3.17767 2.61910 3.31478 0.12536  -1.36351 0.37182  9  DA C "C1'" 
294 N N9    . DA C 4  ? 3.24606 2.81297 3.39472 0.21609  -1.35302 0.36084  9  DA C N9    
295 C C8    . DA C 4  ? 3.12916 2.77976 3.31031 0.29449  -1.35866 0.36347  9  DA C C8    
296 N N7    . DA C 4  ? 3.00602 2.77107 3.19585 0.36319  -1.34715 0.35292  9  DA C N7    
297 C C5    . DA C 4  ? 3.16558 2.92428 3.32364 0.32896  -1.33216 0.34467  9  DA C C5    
298 C C6    . DA C 4  ? 3.01982 2.87752 3.17050 0.36738  -1.31519 0.33572  9  DA C C6    
299 N N6    . DA C 4  ? 3.25394 3.24340 3.43213 0.44798  -1.31123 0.33202  9  DA C N6    
300 N N1    . DA C 4  ? 3.33031 3.14929 3.44876 0.31836  -1.30329 0.33315  9  DA C N1    
301 C C2    . DA C 4  ? 3.43290 3.11768 3.53113 0.23484  -1.30911 0.33669  9  DA C C2    
302 N N3    . DA C 4  ? 3.40694 2.99325 3.51113 0.18773  -1.32509 0.34435  9  DA C N3    
303 C C4    . DA C 4  ? 3.29265 2.92542 3.42588 0.23969  -1.33566 0.34903  9  DA C C4    
304 P P     . DC C 5  ? 3.37736 2.31248 3.46710 -0.10707 -1.41061 0.29235  10 DC C P     
305 O OP1   . DC C 5  ? 3.81461 2.67203 3.89287 -0.20419 -1.41092 0.32106  10 DC C OP1   
306 O OP2   . DC C 5  ? 3.27945 2.14627 3.38250 -0.06635 -1.43609 0.24383  10 DC C OP2   
307 O "O5'" . DC C 5  ? 3.62325 2.56037 3.68880 -0.07719 -1.39509 0.25404  10 DC C "O5'" 
308 C "C5'" . DC C 5  ? 3.91070 2.69465 3.94650 -0.11643 -1.39981 0.20331  10 DC C "C5'" 
309 C "C4'" . DC C 5  ? 4.11990 2.95249 4.13697 -0.09091 -1.37834 0.19288  10 DC C "C4'" 
310 O "O4'" . DC C 5  ? 3.96971 2.98937 4.00533 -0.02611 -1.36284 0.22760  10 DC C "O4'" 
311 C "C3'" . DC C 5  ? 4.37765 3.11823 4.37422 -0.05136 -1.38457 0.11494  10 DC C "C3'" 
312 O "O3'" . DC C 5  ? 4.54860 3.16362 4.51592 -0.10137 -1.37059 0.09786  10 DC C "O3'" 
313 C "C2'" . DC C 5  ? 4.34147 3.22744 4.33732 0.00910  -1.36285 0.12116  10 DC C "C2'" 
314 C "C1'" . DC C 5  ? 4.10491 3.16642 4.12891 0.03107  -1.35227 0.19083  10 DC C "C1'" 
315 N N1    . DC C 5  ? 4.03048 3.19871 4.07821 0.11950  -1.35562 0.17843  10 DC C N1    
316 C C2    . DC C 5  ? 4.06107 3.34450 4.10873 0.18628  -1.34068 0.16636  10 DC C C2    
317 O O2    . DC C 5  ? 4.19208 3.48769 4.21840 0.17105  -1.32490 0.16725  10 DC C O2    
318 N N3    . DC C 5  ? 3.97870 3.35864 4.05267 0.26587  -1.34483 0.15514  10 DC C N3    
319 C C4    . DC C 5  ? 3.86699 3.22639 3.96675 0.28213  -1.36301 0.15671  10 DC C C4    
320 N N4    . DC C 5  ? 3.83974 3.29031 3.96998 0.36345  -1.36769 0.14401  10 DC C N4    
321 C C5    . DC C 5  ? 3.86097 3.10812 3.95985 0.21572  -1.37784 0.17244  10 DC C C5    
322 C C6    . DC C 5  ? 3.90472 3.06297 3.97728 0.13481  -1.37347 0.18252  10 DC C C6    
323 P P     . DA C 6  ? 3.26060 3.23955 5.89862 -1.34757 0.89979  0.82252  11 DA C P     
324 O OP1   . DA C 6  ? 3.81110 3.63339 6.38443 -1.32369 0.93445  0.83990  11 DA C OP1   
325 O OP2   . DA C 6  ? 3.35466 3.40992 6.17443 -1.28651 0.92957  0.80031  11 DA C OP2   
326 O "O5'" . DA C 6  ? 3.21599 3.25763 5.92528 -1.37823 0.83620  0.78674  11 DA C "O5'" 
327 C "C5'" . DA C 6  ? 3.27310 3.27043 5.83543 -1.44330 0.79251  0.80261  11 DA C "C5'" 
328 C "C4'" . DA C 6  ? 3.21552 3.30709 5.87362 -1.46938 0.72985  0.76737  11 DA C "C4'" 
329 O "O4'" . DA C 6  ? 3.13660 3.39916 5.83786 -1.49636 0.70444  0.75057  11 DA C "O4'" 
330 C "C3'" . DA C 6  ? 3.17645 3.24515 6.04944 -1.40121 0.73393  0.72426  11 DA C "C3'" 
331 O "O3'" . DA C 6  ? 3.18568 3.25476 6.06315 -1.43540 0.67705  0.71259  11 DA C "O3'" 
332 C "C2'" . DA C 6  ? 3.08061 3.28803 6.12035 -1.37283 0.73328  0.68483  11 DA C "C2'" 
333 C "C1'" . DA C 6  ? 3.05762 3.39975 5.97720 -1.45214 0.69200  0.69775  11 DA C "C1'" 
334 N N9    . DA C 6  ? 2.99102 3.45224 5.99387 -1.43263 0.71037  0.68061  11 DA C N9    
335 C C8    . DA C 6  ? 2.99780 3.42808 5.99726 -1.39253 0.76765  0.70159  11 DA C C8    
336 N N7    . DA C 6  ? 3.08012 3.63871 6.17547 -1.38009 0.77077  0.67872  11 DA C N7    
337 C C5    . DA C 6  ? 2.87627 3.56352 6.04045 -1.41476 0.71245  0.63529  11 DA C C5    
338 C C6    . DA C 6  ? 2.79845 3.66147 6.07582 -1.42075 0.68652  0.58862  11 DA C C6    
339 N N6    . DA C 6  ? 2.76034 3.69267 6.10998 -1.38778 0.71915  0.58019  11 DA C N6    
340 N N1    . DA C 6  ? 2.76543 3.73513 6.07966 -1.46155 0.62419  0.54917  11 DA C N1    
341 C C2    . DA C 6  ? 2.80686 3.70554 6.05289 -1.49377 0.58937  0.56153  11 DA C C2    
342 N N3    . DA C 6  ? 2.88037 3.60919 6.02514 -1.48951 0.60974  0.60496  11 DA C N3    
343 C C4    . DA C 6  ? 2.91217 3.54314 6.01902 -1.44877 0.67309  0.63805  11 DA C C4    
344 P P     . DG C 7  ? 3.18134 3.18074 6.23104 -1.37326 0.67849  0.68144  12 DG C P     
345 O OP1   . DG C 7  ? 3.25956 3.15488 6.20231 -1.40382 0.65514  0.70569  12 DG C OP1   
346 O OP2   . DG C 7  ? 3.16759 3.10937 6.34586 -1.28483 0.74791  0.66897  12 DG C OP2   
347 O "O5'" . DG C 7  ? 3.09772 3.24806 6.29297 -1.38792 0.61886  0.63428  12 DG C "O5'" 
348 C "C5'" . DG C 7  ? 3.09724 3.32992 6.21716 -1.46594 0.54471  0.63688  12 DG C "C5'" 
349 C "C4'" . DG C 7  ? 3.01273 3.41715 6.26927 -1.47720 0.49712  0.58622  12 DG C "C4'" 
350 O "O4'" . DG C 7  ? 2.95810 3.46118 6.24576 -1.46637 0.52501  0.57042  12 DG C "O4'" 
351 C "C3'" . DG C 7  ? 2.98158 3.37444 6.44694 -1.41469 0.49317  0.53933  12 DG C "C3'" 
352 O "O3'" . DG C 7  ? 2.94765 3.47025 6.46192 -1.46025 0.41714  0.50735  12 DG C "O3'" 
353 C "C2'" . DG C 7  ? 2.92784 3.35451 6.52682 -1.35090 0.54482  0.50580  12 DG C "C2'" 
354 C "C1'" . DG C 7  ? 2.89766 3.45421 6.39364 -1.40692 0.53346  0.51344  12 DG C "C1'" 
355 N N9    . DG C 7  ? 2.87134 3.43222 6.41415 -1.35931 0.59414  0.50992  12 DG C N9    
356 C C8    . DG C 7  ? 2.91166 3.34374 6.41398 -1.31337 0.66249  0.54651  12 DG C C8    
357 N N7    . DG C 7  ? 2.87629 3.35168 6.44061 -1.27791 0.70258  0.53734  12 DG C N7    
358 C C5    . DG C 7  ? 2.80856 3.44952 6.46296 -1.29950 0.66028  0.48735  12 DG C C5    
359 C C6    . DG C 7  ? 2.75114 3.50421 6.50567 -1.27622 0.67572  0.45361  12 DG C C6    
360 O O6    . DG C 7  ? 2.74763 3.47138 6.53377 -1.23136 0.72991  0.46750  12 DG C O6    
361 N N1    . DG C 7  ? 2.69795 3.61644 6.52003 -1.31010 0.61879  0.39759  12 DG C N1    
362 C C2    . DG C 7  ? 2.69987 3.67293 6.49192 -1.36298 0.55248  0.38116  12 DG C C2    
363 N N2    . DG C 7  ? 2.64886 3.79883 6.50895 -1.39097 0.50193  0.32250  12 DG C N2    
364 N N3    . DG C 7  ? 2.75269 3.61824 6.45405 -1.38611 0.53556  0.41856  12 DG C N3    
365 C C4    . DG C 7  ? 2.80508 3.50523 6.44281 -1.35108 0.59300  0.46890  12 DG C C4    
366 P P     . DC C 8  ? 2.92915 3.44969 6.63164 -1.41673 0.39069  0.46263  13 DC C P     
367 O OP1   . DC C 8  ? 2.92243 3.56327 6.59646 -1.48750 0.30436  0.45156  13 DC C OP1   
368 O OP2   . DC C 8  ? 2.97954 3.31969 6.72069 -1.35291 0.43803  0.48611  13 DC C OP2   
369 O "O5'" . DC C 8  ? 2.85968 3.46659 6.73350 -1.36394 0.41540  0.40131  13 DC C "O5'" 
370 C "C5'" . DC C 8  ? 2.82384 3.50996 6.86059 -1.34625 0.37536  0.34132  13 DC C "C5'" 
371 C "C4'" . DC C 8  ? 2.76309 3.63708 6.84020 -1.37266 0.34802  0.28627  13 DC C "C4'" 
372 O "O4'" . DC C 8  ? 2.75075 3.65003 6.72798 -1.38589 0.38785  0.31153  13 DC C "O4'" 
373 C "C3'" . DC C 8  ? 2.72272 3.62833 7.00593 -1.30523 0.36450  0.21504  13 DC C "C3'" 
374 O "O3'" . DC C 8  ? 2.71749 3.70150 7.08402 -1.32239 0.29859  0.16845  13 DC C "O3'" 
375 C "C2'" . DC C 8  ? 2.67529 3.71751 6.95272 -1.31744 0.37575  0.18304  13 DC C "C2'" 
376 C "C1'" . DC C 8  ? 2.69714 3.69138 6.79408 -1.35000 0.40900  0.25567  13 DC C "C1'" 
377 N N1    . DC C 8  ? 2.70405 3.57907 6.82626 -1.28415 0.49248  0.28156  13 DC C N1    
378 C C2    . DC C 8  ? 2.66073 3.60522 6.87530 -1.24716 0.52609  0.24482  13 DC C C2    
379 O O2    . DC C 8  ? 2.61779 3.72097 6.89575 -1.26621 0.48827  0.18463  13 DC C O2    
380 N N3    . DC C 8  ? 2.67167 3.51075 6.90307 -1.19050 0.59847  0.27565  13 DC C N3    
381 C C4    . DC C 8  ? 2.72370 3.40342 6.87805 -1.17137 0.63716  0.33539  13 DC C C4    
382 N N4    . DC C 8  ? 2.77671 3.36854 6.94515 -1.11729 0.70576  0.36435  13 DC C N4    
383 C C5    . DC C 8  ? 2.76947 3.37682 6.83017 -1.20585 0.60626  0.36675  13 DC C C5    
384 C C6    . DC C 8  ? 2.75749 3.46268 6.80711 -1.26161 0.53414  0.34106  13 DC C C6    
385 P P     . DA C 9  ? 2.97162 3.93140 7.55864 -1.24802 0.30721  0.10295  14 DA C P     
386 O OP1   . DA C 9  ? 2.71352 3.75052 7.33290 -1.28562 0.22932  0.07312  14 DA C OP1   
387 O OP2   . DA C 9  ? 2.72376 3.49757 7.38028 -1.16811 0.37978  0.13688  14 DA C OP2   
388 O "O5'" . DA C 9  ? 2.65269 3.73902 7.31995 -1.23043 0.32169  0.03464  14 DA C "O5'" 
389 C "C5'" . DA C 9  ? 2.62595 3.91377 7.24504 -1.29416 0.26326  -0.01125 14 DA C "C5'" 
390 C "C4'" . DA C 9  ? 2.58489 3.96166 7.26842 -1.26546 0.29725  -0.06277 14 DA C "C4'" 
391 O "O4'" . DA C 9  ? 2.58570 3.85758 7.21829 -1.23530 0.37045  -0.00493 14 DA C "O4'" 
392 C "C3'" . DA C 9  ? 2.57332 3.94112 7.46513 -1.19308 0.31283  -0.14332 14 DA C "C3'" 
393 O "O3'" . DA C 9  ? 2.54053 4.06964 7.47078 -1.19824 0.30401  -0.21415 14 DA C "O3'" 
394 C "C2'" . DA C 9  ? 2.58092 3.76507 7.53775 -1.11623 0.39551  -0.10025 14 DA C "C2'" 
395 C "C1'" . DA C 9  ? 2.57344 3.76769 7.36930 -1.14974 0.42747  -0.03700 14 DA C "C1'" 
396 N N9    . DA C 9  ? 2.59805 3.61616 7.35947 -1.10797 0.49495  0.03718  14 DA C N9    
397 C C8    . DA C 9  ? 2.63896 3.53179 7.30434 -1.11903 0.50116  0.10493  14 DA C C8    
398 N N7    . DA C 9  ? 2.65962 3.41701 7.30574 -1.07317 0.56888  0.15754  14 DA C N7    
399 C C5    . DA C 9  ? 2.62828 3.42264 7.36646 -1.03067 0.60813  0.12812  14 DA C C5    
400 C C6    . DA C 9  ? 2.63270 3.34017 7.39922 -0.97383 0.68011  0.16084  14 DA C C6    
401 N N6    . DA C 9  ? 2.67264 3.23931 7.36770 -0.94984 0.72794  0.22834  14 DA C N6    
402 N N1    . DA C 9  ? 2.59917 3.37494 7.46990 -0.94230 0.69985  0.12022  14 DA C N1    
403 C C2    . DA C 9  ? 2.56534 3.48761 7.50462 -0.96440 0.65295  0.04503  14 DA C C2    
404 N N3    . DA C 9  ? 2.55882 3.58208 7.47432 -1.01745 0.58469  0.00377  14 DA C N3    
405 C C4    . DA C 9  ? 2.59063 3.54149 7.40329 -1.05008 0.56430  0.05271  14 DA C C4    
406 P P     . DC C 10 ? 2.53506 4.11418 7.66426 -1.14521 0.29513  -0.32199 15 DC C P     
407 O OP1   . DC C 10 ? 2.53267 4.31257 7.62696 -1.20484 0.21957  -0.38879 15 DC C OP1   
408 O OP2   . DC C 10 ? 2.56016 3.97122 7.82069 -1.08384 0.31557  -0.31586 15 DC C OP2   
409 O "O5'" . DC C 10 ? 2.50760 4.09776 7.70359 -1.09521 0.35745  -0.34525 15 DC C "O5'" 
410 C "C5'" . DC C 10 ? 2.50581 3.95584 7.67687 -1.05807 0.42871  -0.26893 15 DC C "C5'" 
411 C "C4'" . DC C 10 ? 2.50372 3.86662 7.85976 -0.96981 0.48334  -0.30442 15 DC C "C4'" 
412 O "O4'" . DC C 10 ? 2.51632 3.70424 7.85857 -0.92746 0.54817  -0.21893 15 DC C "O4'" 
413 C "C3'" . DC C 10 ? 2.52181 3.84206 8.05625 -0.92502 0.46218  -0.37389 15 DC C "C3'" 
414 O "O3'" . DC C 10 ? 2.51643 3.82911 8.21837 -0.86056 0.49491  -0.43523 15 DC C "O3'" 
415 C "C2'" . DC C 10 ? 2.54563 3.67909 8.08723 -0.89312 0.49144  -0.29850 15 DC C "C2'" 
416 C "C1'" . DC C 10 ? 2.53840 3.59043 8.01929 -0.86857 0.56146  -0.22429 15 DC C "C1'" 
417 N N1    . DC C 10 ? 2.56256 3.46886 7.95156 -0.86442 0.59213  -0.13003 15 DC C N1    
418 C C2    . DC C 10 ? 2.57023 3.35663 7.96770 -0.81275 0.66362  -0.07008 15 DC C C2    
419 O O2    . DC C 10 ? 2.55507 3.35616 8.03930 -0.77352 0.69749  -0.09105 15 DC C O2    
420 N N3    . DC C 10 ? 2.59873 3.26094 7.90699 -0.80746 0.69252  0.00840  15 DC C N3    
421 C C4    . DC C 10 ? 2.61901 3.26650 7.84056 -0.84976 0.65273  0.02825  15 DC C C4    
422 N N4    . DC C 10 ? 2.65275 3.17608 7.79032 -0.83986 0.68456  0.10026  15 DC C N4    
423 C C5    . DC C 10 ? 2.61042 3.37435 7.82689 -0.90399 0.57733  -0.02566 15 DC C C5    
424 C C6    . DC C 10 ? 2.58224 3.47642 7.88010 -0.91001 0.54956  -0.10402 15 DC C C6    
425 P P     . DC C 11 ? 2.73494 3.95346 5.69420 -0.51728 0.02946  0.18484  16 DC C P     
426 O OP1   . DC C 11 ? 2.59886 3.86317 5.64331 -0.49163 0.05838  0.21981  16 DC C OP1   
427 O OP2   . DC C 11 ? 2.86417 4.16058 5.76057 -0.48333 0.06519  0.20858  16 DC C OP2   
428 O "O5'" . DC C 11 ? 2.70553 3.86187 5.55746 -0.54152 -0.01266 0.08662  16 DC C "O5'" 
429 C "C5'" . DC C 11 ? 2.71780 3.79154 5.50575 -0.58156 -0.05644 0.04230  16 DC C "C5'" 
430 C "C4'" . DC C 11 ? 2.68784 3.65274 5.50791 -0.62789 -0.10969 0.01057  16 DC C "C4'" 
431 O "O4'" . DC C 11 ? 2.73259 3.63491 5.60914 -0.66472 -0.13968 0.03961  16 DC C "O4'" 
432 C "C3'" . DC C 11 ? 2.65476 3.55543 5.37307 -0.64880 -0.14265 -0.07161 16 DC C "C3'" 
433 O "O3'" . DC C 11 ? 2.60685 3.44038 5.36382 -0.67126 -0.17497 -0.09181 16 DC C "O3'" 
434 C "C2'" . DC C 11 ? 2.64687 3.49038 5.32538 -0.67996 -0.17098 -0.07755 16 DC C "C2'" 
435 C "C1'" . DC C 11 ? 2.70971 3.53051 5.50445 -0.69931 -0.18237 -0.01562 16 DC C "C1'" 
436 N N1    . DC C 11 ? 2.76255 3.57150 5.56268 -0.71370 -0.18325 0.01298  16 DC C N1    
437 C C2    . DC C 11 ? 2.84193 3.55794 5.64741 -0.75933 -0.23084 -0.00589 16 DC C C2    
438 O O2    . DC C 11 ? 2.85929 3.50881 5.65814 -0.78430 -0.27253 -0.04415 16 DC C O2    
439 N N3    . DC C 11 ? 2.87195 3.57701 5.69001 -0.77224 -0.22775 0.01936  16 DC C N3    
440 C C4    . DC C 11 ? 2.84028 3.62345 5.66752 -0.73974 -0.17866 0.06735  16 DC C C4    
441 N N4    . DC C 11 ? 2.85388 3.62219 5.70047 -0.75254 -0.17347 0.09448  16 DC C N4    
442 C C5    . DC C 11 ? 2.79800 3.68200 5.61539 -0.68981 -0.13063 0.09084  16 DC C C5    
443 C C6    . DC C 11 ? 2.77383 3.66648 5.57731 -0.67960 -0.13543 0.05975  16 DC C C6    
444 P P     . DT C 12 ? 2.65093 3.42989 5.32945 -0.68096 -0.19408 -0.16935 17 DT C P     
445 O OP1   . DT C 12 ? 2.45921 3.20959 5.20547 -0.68471 -0.20657 -0.16509 17 DT C OP1   
446 O OP2   . DT C 12 ? 2.38526 3.23053 4.98262 -0.65065 -0.15796 -0.21067 17 DT C OP2   
447 O "O5'" . DT C 12 ? 2.33020 3.01396 4.95695 -0.72228 -0.24115 -0.19649 17 DT C "O5'" 
448 C "C5'" . DT C 12 ? 2.34785 2.97534 5.03662 -0.75367 -0.27950 -0.16378 17 DT C "C5'" 
449 C "C4'" . DT C 12 ? 2.49877 3.03507 5.12014 -0.78799 -0.32245 -0.20442 17 DT C "C4'" 
450 O "O4'" . DT C 12 ? 2.56454 3.09251 5.18025 -0.80445 -0.32968 -0.18362 17 DT C "O4'" 
451 C "C3'" . DT C 12 ? 2.52406 3.03937 5.04035 -0.78326 -0.31538 -0.26786 17 DT C "C3'" 
452 O "O3'" . DT C 12 ? 2.51281 2.93499 4.99553 -0.81073 -0.35586 -0.29983 17 DT C "O3'" 
453 C "C2'" . DT C 12 ? 2.51865 3.06648 4.97907 -0.77961 -0.29867 -0.26804 17 DT C "C2'" 
454 C "C1'" . DT C 12 ? 2.55605 3.06879 5.06782 -0.80619 -0.32553 -0.22512 17 DT C "C1'" 
455 N N1    . DT C 12 ? 2.58688 3.14946 5.09998 -0.79768 -0.30117 -0.18997 17 DT C N1    
456 C C2    . DT C 12 ? 2.53998 3.05139 5.05790 -0.82692 -0.32535 -0.17858 17 DT C C2    
457 O O2    . DT C 12 ? 2.95496 3.38510 5.46872 -0.85909 -0.36792 -0.19997 17 DT C O2    
458 N N3    . DT C 12 ? 2.39467 2.95654 4.92284 -0.81484 -0.29627 -0.14042 17 DT C N3    
459 C C4    . DT C 12 ? 2.57516 3.23806 5.10411 -0.77372 -0.24698 -0.10966 17 DT C C4    
460 O O4    . DT C 12 ? 2.39380 3.09958 4.93376 -0.76168 -0.22120 -0.06947 17 DT C O4    
461 C C5    . DT C 12 ? 2.57841 3.29618 5.09572 -0.74338 -0.22587 -0.12694 17 DT C C5    
462 C C7    . DT C 12 ? 2.50421 3.34112 5.01468 -0.69390 -0.17298 -0.09949 17 DT C C7    
463 C C6    . DT C 12 ? 2.57472 3.23728 5.08803 -0.75826 -0.25314 -0.16708 17 DT C C6    
464 P P     . DC C 13 ? 2.35545 2.74065 4.85019 -0.80628 -0.36375 -0.32406 18 DC C P     
465 O OP1   . DC C 13 ? 2.37123 2.67451 4.86499 -0.83360 -0.41268 -0.32420 18 DC C OP1   
466 O OP2   . DC C 13 ? 2.71740 3.16820 5.29097 -0.78144 -0.33780 -0.29319 18 DC C OP2   
467 O "O5'" . DC C 13 ? 2.53370 2.91376 4.94653 -0.79474 -0.33715 -0.38683 18 DC C "O5'" 
468 C "C5'" . DC C 13 ? 2.67545 2.97290 5.02889 -0.81220 -0.35710 -0.42832 18 DC C "C5'" 
469 C "C4'" . DC C 13 ? 2.75394 3.00902 5.05408 -0.83745 -0.38369 -0.42917 18 DC C "C4'" 
470 O "O4'" . DC C 13 ? 2.66980 2.98964 4.98006 -0.83265 -0.36997 -0.39968 18 DC C "O4'" 
471 C "C3'" . DC C 13 ? 2.65109 2.86206 4.86629 -0.84455 -0.37805 -0.48509 18 DC C "C3'" 
472 O "O3'" . DC C 13 ? 3.06528 3.19104 5.24708 -0.87045 -0.41584 -0.48572 18 DC C "O3'" 
473 C "C2'" . DC C 13 ? 2.67041 2.94674 4.85096 -0.83675 -0.35527 -0.49082 18 DC C "C2'" 
474 C "C1'" . DC C 13 ? 2.59861 2.90761 4.83400 -0.84067 -0.36672 -0.42811 18 DC C "C1'" 
475 N N1    . DC C 13 ? 2.54096 2.94370 4.77802 -0.81923 -0.33392 -0.40806 18 DC C N1    
476 C C2    . DC C 13 ? 2.54104 2.95046 4.77229 -0.82988 -0.33987 -0.37688 18 DC C C2    
477 O O2    . DC C 13 ? 2.57305 2.90823 4.79803 -0.85969 -0.37374 -0.37237 18 DC C O2    
478 N N3    . DC C 13 ? 2.46759 2.96840 4.70169 -0.80455 -0.30604 -0.35140 18 DC C N3    
479 C C4    . DC C 13 ? 2.34651 2.93254 4.58250 -0.76979 -0.27048 -0.36022 18 DC C C4    
480 N N4    . DC C 13 ? 2.22085 2.90408 4.45446 -0.74022 -0.23706 -0.33105 18 DC C N4    
481 C C5    . DC C 13 ? 2.37194 2.95056 4.61396 -0.76126 -0.26521 -0.39854 18 DC C C5    
482 C C6    . DC C 13 ? 2.49453 2.97910 4.74000 -0.78674 -0.29611 -0.41931 18 DC C C6    
483 P P     . DG C 14 ? 2.58534 2.62936 4.74160 -0.87411 -0.42576 -0.51495 19 DG C P     
484 O OP1   . DG C 14 ? 3.29033 3.30316 5.49000 -0.88020 -0.46185 -0.47710 19 DG C OP1   
485 O OP2   . DG C 14 ? 2.66643 2.73374 4.82605 -0.85327 -0.38443 -0.55525 19 DG C OP2   
486 O "O5'" . DG C 14 ? 2.58199 2.56349 4.65875 -0.89466 -0.43955 -0.54248 19 DG C "O5'" 
487 C "C5'" . DG C 14 ? 2.57897 2.59532 4.61604 -0.89796 -0.42434 -0.55940 19 DG C "C5'" 
488 C "C4'" . DG C 14 ? 2.68308 2.66635 4.69474 -0.92184 -0.45571 -0.53696 19 DG C "C4'" 
489 O "O4'" . DG C 14 ? 2.59303 2.64823 4.63432 -0.91828 -0.44650 -0.50501 19 DG C "O4'" 
490 C "C3'" . DG C 14 ? 2.72279 2.65844 4.65895 -0.93522 -0.45526 -0.57295 19 DG C "C3'" 
491 O "O3'" . DG C 14 ? 2.85720 2.74058 4.77460 -0.95869 -0.48977 -0.55264 19 DG C "O3'" 
492 C "C2'" . DG C 14 ? 2.59407 2.61080 4.51973 -0.92317 -0.42505 -0.58248 19 DG C "C2'" 
493 C "C1'" . DG C 14 ? 2.53151 2.60620 4.51842 -0.91900 -0.42957 -0.52672 19 DG C "C1'" 
494 N N9    . DG C 14 ? 2.43460 2.61197 4.44269 -0.89260 -0.39421 -0.51905 19 DG C N9    
495 C C8    . DG C 14 ? 2.41184 2.64443 4.44586 -0.86750 -0.36760 -0.53374 19 DG C C8    
496 N N7    . DG C 14 ? 2.38713 2.71673 4.43167 -0.84335 -0.33854 -0.52118 19 DG C N7    
497 C C5    . DG C 14 ? 2.46502 2.80376 4.49357 -0.85229 -0.34470 -0.49163 19 DG C C5    
498 C C6    . DG C 14 ? 2.32884 2.75955 4.36020 -0.83095 -0.31917 -0.46103 19 DG C C6    
499 O O6    . DG C 14 ? 2.37899 2.90772 4.42187 -0.79774 -0.28694 -0.45540 19 DG C O6    
500 N N1    . DG C 14 ? 2.49795 2.90192 4.51770 -0.84870 -0.33174 -0.43345 19 DG C N1    
501 C C2    . DG C 14 ? 2.35126 2.65284 4.35510 -0.88392 -0.36638 -0.44030 19 DG C C2    
502 N N2    . DG C 14 ? 2.43865 2.72846 4.43780 -0.89706 -0.37121 -0.41320 19 DG C N2    
503 N N3    . DG C 14 ? 2.43441 2.65364 4.42828 -0.90227 -0.39222 -0.47006 19 DG C N3    
504 C C4    . DG C 14 ? 2.48412 2.72745 4.49260 -0.88434 -0.37879 -0.49204 19 DG C C4    
505 P P     . DC C 15 ? 3.14983 2.94822 4.94031 -0.95743 -0.49108 -0.56776 20 DC C P     
506 O OP1   . DC C 15 ? 3.21915 2.96679 4.97588 -0.95992 -0.52139 -0.53615 20 DC C OP1   
507 O OP2   . DC C 15 ? 2.95181 2.72917 4.72556 -0.94737 -0.46680 -0.61127 20 DC C OP2   
508 O "O5'" . DC C 15 ? 2.80021 2.61851 4.54693 -0.96539 -0.48038 -0.57196 20 DC C "O5'" 
509 C "C5'" . DC C 15 ? 2.59129 2.46221 4.35465 -0.96345 -0.45434 -0.61135 20 DC C "C5'" 
510 C "C4'" . DC C 15 ? 2.50413 2.43275 4.29041 -0.97237 -0.45123 -0.59686 20 DC C "C4'" 
511 O "O4'" . DC C 15 ? 2.50738 2.53585 4.34093 -0.94809 -0.42728 -0.57585 20 DC C "O4'" 
512 C "C3'" . DC C 15 ? 2.40783 2.34392 4.13521 -0.97277 -0.43426 -0.63364 20 DC C "C3'" 
513 O "O3'" . DC C 15 ? 2.32091 2.26668 4.03996 -0.98288 -0.43960 -0.60390 20 DC C "O3'" 
514 C "C2'" . DC C 15 ? 2.53041 2.56557 4.27035 -0.94425 -0.40094 -0.65480 20 DC C "C2'" 
515 C "C1'" . DC C 15 ? 2.53528 2.63239 4.33615 -0.93222 -0.39928 -0.59876 20 DC C "C1'" 
516 N N1    . DC C 15 ? 2.59203 2.77978 4.42267 -0.90199 -0.37104 -0.60670 20 DC C N1    
517 C C2    . DC C 15 ? 2.52749 2.82304 4.37010 -0.87700 -0.34649 -0.58142 20 DC C C2    
518 O O2    . DC C 15 ? 2.55098 2.86335 4.38341 -0.88044 -0.34688 -0.54990 20 DC C O2    
519 N N3    . DC C 15 ? 2.46817 2.84902 4.33446 -0.84711 -0.32033 -0.59062 20 DC C N3    
520 C C4    . DC C 15 ? 2.41201 2.76868 4.29557 -0.84460 -0.31762 -0.62477 20 DC C C4    
521 N N4    . DC C 15 ? 2.52964 2.97205 4.43819 -0.81496 -0.29002 -0.63595 20 DC C N4    
522 C C5    . DC C 15 ? 2.74750 2.99334 4.62518 -0.86957 -0.34039 -0.64637 20 DC C C5    
523 C C6    . DC C 15 ? 2.48593 2.65337 4.33409 -0.89619 -0.36672 -0.63578 20 DC C C6    
524 P P     . DA C 16 ? 2.30164 2.15529 3.90391 -0.98682 -0.44799 -0.58680 21 DA C P     
525 O OP1   . DA C 16 ? 3.25943 3.07076 4.86207 -0.99119 -0.46840 -0.54382 21 DA C OP1   
526 O OP2   . DA C 16 ? 2.38493 2.18509 3.90273 -0.97801 -0.43777 -0.62509 21 DA C OP2   
527 O "O5'" . DA C 16 ? 2.39759 2.29870 4.01220 -0.99496 -0.43841 -0.58200 21 DA C "O5'" 
528 C "C5'" . DA C 16 ? 2.52560 2.46720 4.12225 -0.99140 -0.42141 -0.62886 21 DA C "C5'" 
529 C "C4'" . DA C 16 ? 2.53675 2.58608 4.16382 -0.97565 -0.40070 -0.60559 21 DA C "C4'" 
530 O "O4'" . DA C 16 ? 2.50250 2.64461 4.16277 -0.94636 -0.38117 -0.60183 21 DA C "O4'" 
531 C "C3'" . DA C 16 ? 2.61321 2.70192 4.18911 -0.96728 -0.38473 -0.63991 21 DA C "C3'" 
532 O "O3'" . DA C 16 ? 2.43816 2.61664 4.02774 -0.94817 -0.36634 -0.59529 21 DA C "O3'" 
533 C "C2'" . DA C 16 ? 2.67487 2.81701 4.24451 -0.94680 -0.36945 -0.69343 21 DA C "C2'" 
534 C "C1'" . DA C 16 ? 2.58748 2.79853 4.21117 -0.92578 -0.36029 -0.65149 21 DA C "C1'" 
535 N N9    . DA C 16 ? 2.55240 2.78117 4.19347 -0.91329 -0.35264 -0.68716 21 DA C N9    
536 C C8    . DA C 16 ? 2.60055 2.74508 4.24241 -0.92845 -0.36359 -0.72271 21 DA C C8    
537 N N7    . DA C 16 ? 2.67643 2.86181 4.34533 -0.91059 -0.34860 -0.74742 21 DA C N7    
538 C C5    . DA C 16 ? 2.67729 2.98406 4.35852 -0.88151 -0.32817 -0.72848 21 DA C C5    
539 C C6    . DA C 16 ? 2.57689 2.98032 4.28437 -0.85089 -0.30465 -0.74071 21 DA C C6    
540 N N6    . DA C 16 ? 2.49221 2.87997 4.22495 -0.84718 -0.29708 -0.77854 21 DA C N6    
541 N N1    . DA C 16 ? 2.48767 3.00758 4.19565 -0.82146 -0.28611 -0.71078 21 DA C N1    
542 C C2    . DA C 16 ? 2.48726 3.02315 4.17713 -0.82296 -0.28920 -0.66813 21 DA C C2    
543 N N3    . DA C 16 ? 2.54254 2.99075 4.21270 -0.85263 -0.30971 -0.65457 21 DA C N3    
544 C C4    . DA C 16 ? 2.62270 2.95820 4.28693 -0.88140 -0.32972 -0.68863 21 DA C C4    
545 O "O5'" . DG D 1  ? 3.36289 2.00856 3.96909 0.57780  -0.77022 -1.36629 1  DG G "O5'" 
546 C "C5'" . DG D 1  ? 3.34908 1.95559 3.97051 0.49436  -0.72419 -1.35023 1  DG G "C5'" 
547 C "C4'" . DG D 1  ? 3.28585 1.95197 3.99872 0.48747  -0.73850 -1.35076 1  DG G "C4'" 
548 O "O4'" . DG D 1  ? 3.38950 2.00656 4.11237 0.41030  -0.67559 -1.32862 1  DG G "O4'" 
549 C "C3'" . DG D 1  ? 3.27019 1.97728 4.01978 0.49994  -0.79110 -1.36314 1  DG G "C3'" 
550 O "O3'" . DG D 1  ? 3.21060 2.00711 4.03840 0.55409  -0.83100 -1.37385 1  DG G "O3'" 
551 C "C2'" . DG D 1  ? 3.27730 1.93038 4.02658 0.40794  -0.74455 -1.34701 1  DG G "C2'" 
552 C "C1'" . DG D 1  ? 3.42950 2.05959 4.19699 0.37602  -0.68077 -1.32710 1  DG G "C1'" 
553 N N9    . DG D 1  ? 3.56767 2.10388 4.28650 0.28946  -0.60852 -1.30155 1  DG G N9    
554 C C8    . DG D 1  ? 3.54345 1.98365 4.15782 0.24361  -0.56890 -1.28915 1  DG G C8    
555 N N7    . DG D 1  ? 3.62402 1.97934 4.19374 0.16826  -0.50069 -1.26300 1  DG G N7    
556 C C5    . DG D 1  ? 3.59501 1.99620 4.25454 0.16549  -0.49420 -1.25777 1  DG G C5    
557 C C6    . DG D 1  ? 3.61611 1.95762 4.27257 0.10361  -0.42877 -1.23002 1  DG G C6    
558 O O6    . DG D 1  ? 3.58285 1.80611 4.13620 0.03715  -0.36269 -1.20228 1  DG G O6    
559 N N1    . DG D 1  ? 3.55903 1.98507 4.33900 0.12735  -0.44439 -1.23441 1  DG G N1    
560 C C2    . DG D 1  ? 3.42446 1.97314 4.30616 0.20012  -0.51625 -1.26244 1  DG G C2    
561 N N2    . DG D 1  ? 3.71402 2.33152 4.70914 0.21166  -0.51972 -1.26241 1  DG G N2    
562 N N3    . DG D 1  ? 3.54548 2.14005 4.41163 0.25924  -0.57769 -1.28672 1  DG G N3    
563 C C4    . DG D 1  ? 3.55815 2.07552 4.31588 0.23850  -0.56178 -1.28262 1  DG G C4    
564 P P     . DA D 2  ? 3.17892 2.03485 4.05911 0.57723  -0.88582 -1.38642 2  DA G P     
565 O OP1   . DA D 2  ? 3.40770 2.34951 4.33227 0.66563  -0.93069 -1.39636 2  DA G OP1   
566 O OP2   . DA D 2  ? 3.23756 2.04479 4.05707 0.56127  -0.91217 -1.39153 2  DA G OP2   
567 O "O5'" . DA D 2  ? 3.13542 1.99126 4.07912 0.50205  -0.84263 -1.37503 2  DA G "O5'" 
568 C "C5'" . DA D 2  ? 3.09142 2.00448 4.09891 0.50495  -0.87163 -1.38372 2  DA G "C5'" 
569 C "C4'" . DA D 2  ? 3.03285 1.96989 4.12419 0.46538  -0.82446 -1.37168 2  DA G "C4'" 
570 O "O4'" . DA D 2  ? 3.07143 1.91557 4.12304 0.38520  -0.74733 -1.34750 2  DA G "O4'" 
571 C "C3'" . DA D 2  ? 2.99613 1.96892 4.14395 0.43844  -0.82778 -1.37609 2  DA G "C3'" 
572 O "O3'" . DA D 2  ? 2.92578 1.95096 4.17508 0.43693  -0.79803 -1.36855 2  DA G "O3'" 
573 C "C2'" . DA D 2  ? 3.06571 1.93084 4.13713 0.33784  -0.77322 -1.35992 2  DA G "C2'" 
574 C "C1'" . DA D 2  ? 3.09305 1.88839 4.13105 0.30883  -0.70842 -1.33691 2  DA G "C1'" 
575 N N9    . DA D 2  ? 3.18243 1.86438 4.10375 0.24633  -0.67035 -1.32275 2  DA G N9    
576 C C8    . DA D 2  ? 3.24828 1.89965 4.09149 0.26795  -0.70263 -1.33142 2  DA G C8    
577 N N7    . DA D 2  ? 3.31195 1.85622 4.05636 0.19701  -0.65405 -1.31427 2  DA G N7    
578 C C5    . DA D 2  ? 3.39625 1.88829 4.14139 0.12467  -0.58158 -1.29068 2  DA G C5    
579 C C6    . DA D 2  ? 3.51773 1.88168 4.16044 0.03182  -0.50117 -1.26161 2  DA G C6    
580 N N6    . DA D 2  ? 3.52730 1.79766 4.05032 -0.00816 -0.48314 -1.25370 2  DA G N6    
581 N N1    . DA D 2  ? 3.62989 1.95934 4.29022 -0.01661 -0.43764 -1.23896 2  DA G N1    
582 C C2    . DA D 2  ? 3.52886 1.95777 4.31948 0.02359  -0.45441 -1.24750 2  DA G C2    
583 N N3    . DA D 2  ? 3.40709 1.96462 4.30529 0.10728  -0.52895 -1.27587 2  DA G N3    
584 C C4    . DA D 2  ? 3.30365 1.88147 4.16376 0.15515  -0.59015 -1.29564 2  DA G C4    
585 P P     . DT D 3  ? 2.84885 1.97386 4.19564 0.46825  -0.82604 -1.38172 3  DT G P     
586 O OP1   . DT D 3  ? 2.79102 2.01060 4.19987 0.55581  -0.87076 -1.38981 3  DT G OP1   
587 O OP2   . DT D 3  ? 2.87439 2.02075 4.16010 0.45261  -0.85254 -1.37059 3  DT G OP2   
588 O "O5'" . DT D 3  ? 2.82042 1.92193 4.23572 0.39345  -0.74380 -1.36047 3  DT G "O5'" 
589 C "C5'" . DT D 3  ? 2.88899 1.87256 4.23550 0.30264  -0.66793 -1.33589 3  DT G "C5'" 
590 C "C4'" . DT D 3  ? 2.90338 1.85471 4.24527 0.23088  -0.62258 -1.32974 3  DT G "C4'" 
591 O "O4'" . DT D 3  ? 3.00579 1.82025 4.22416 0.14184  -0.56164 -1.30687 3  DT G "O4'" 
592 C "C3'" . DT D 3  ? 2.89179 1.90201 4.22674 0.25252  -0.69075 -1.35851 3  DT G "C3'" 
593 O "O3'" . DT D 3  ? 2.85895 1.90812 4.23458 0.20513  -0.64190 -1.33830 3  DT G "O3'" 
594 C "C2'" . DT D 3  ? 2.99534 1.90720 4.19256 0.19677  -0.70067 -1.35596 3  DT G "C2'" 
595 C "C1'" . DT D 3  ? 3.05560 1.84736 4.19966 0.10308  -0.59288 -1.32029 3  DT G "C1'" 
596 N N1    . DT D 3  ? 3.16401 1.83567 4.16566 0.04620  -0.57505 -1.30645 3  DT G N1    
597 C C2    . DT D 3  ? 3.24794 1.79033 4.15796 -0.05145 -0.48132 -1.27357 3  DT G C2    
598 O O2    . DT D 3  ? 3.23988 1.75867 4.18087 -0.09176 -0.40985 -1.25328 3  DT G O2    
599 N N3    . DT D 3  ? 3.34880 1.78415 4.12163 -0.09769 -0.47145 -1.26258 3  DT G N3    
600 C C4    . DT D 3  ? 3.36573 1.81854 4.10114 -0.05637 -0.54383 -1.28173 3  DT G C4    
601 O O4    . DT D 3  ? 3.45541 1.81051 4.07280 -0.10345 -0.52624 -1.27013 3  DT G O4    
602 C C5    . DT D 3  ? 3.27756 1.86504 4.11456 0.04905  -0.63843 -1.31407 3  DT G C5    
603 C C7    . DT D 3  ? 3.29821 1.90500 4.09772 0.10754  -0.71700 -1.33283 3  DT G C7    
604 C C6    . DT D 3  ? 3.18572 1.87153 4.14183 0.09427  -0.64952 -1.32448 3  DT G C6    
605 P P     . DG D 4  ? 2.75434 1.89482 4.28195 0.24249  -0.61085 -1.33493 4  DG G P     
606 O OP1   . DG D 4  ? 2.77888 1.82033 4.33371 0.18065  -0.51555 -1.31517 4  DG G OP1   
607 O OP2   . DG D 4  ? 2.68416 1.94828 4.26652 0.34947  -0.68591 -1.33969 4  DG G OP2   
608 O "O5'" . DG D 4  ? 2.71652 1.96176 4.23958 0.21309  -0.58659 -1.29548 4  DG G "O5'" 
609 C "C5'" . DG D 4  ? 2.79758 1.98455 4.19790 0.12673  -0.56411 -1.27573 4  DG G "C5'" 
610 C "C4'" . DG D 4  ? 2.86783 1.89047 4.25232 0.01990  -0.45781 -1.28368 4  DG G "C4'" 
611 O "O4'" . DG D 4  ? 2.97733 1.82370 4.26957 -0.03171 -0.45030 -1.30844 4  DG G "O4'" 
612 C "C3'" . DG D 4  ? 2.91273 1.92779 4.21574 -0.06982 -0.40689 -1.25297 4  DG G "C3'" 
613 O "O3'" . DG D 4  ? 2.95079 1.83697 4.28133 -0.14773 -0.29031 -1.25706 4  DG G "O3'" 
614 C "C2'" . DG D 4  ? 3.02745 1.95444 4.16989 -0.12933 -0.44478 -1.24895 4  DG G "C2'" 
615 C "C1'" . DG D 4  ? 3.07915 1.85071 4.22605 -0.12806 -0.43400 -1.29022 4  DG G "C1'" 
616 N N9    . DG D 4  ? 3.13895 1.88141 4.18782 -0.11661 -0.50721 -1.29622 4  DG G N9    
617 C C8    . DG D 4  ? 3.08597 1.95976 4.14744 -0.01984 -0.60175 -1.28877 4  DG G C8    
618 N N7    . DG D 4  ? 3.16052 1.97178 4.12569 -0.03139 -0.64243 -1.29168 4  DG G N7    
619 C C5    . DG D 4  ? 3.27030 1.89534 4.14982 -0.14507 -0.57625 -1.30516 4  DG G C5    
620 C C6    . DG D 4  ? 3.38379 1.88993 4.12464 -0.20612 -0.57213 -1.29351 4  DG G C6    
621 O O6    . DG D 4  ? 3.40643 1.92131 4.11001 -0.17124 -0.64595 -1.30518 4  DG G O6    
622 N N1    . DG D 4  ? 3.48415 1.84747 4.11209 -0.31572 -0.46532 -1.25836 4  DG G N1    
623 C C2    . DG D 4  ? 3.47896 1.81117 4.12818 -0.35761 -0.37496 -1.23764 4  DG G C2    
624 N N2    . DG D 4  ? 3.60535 1.77469 4.10445 -0.45690 -0.28449 -1.19649 4  DG G N2    
625 N N3    . DG D 4  ? 3.36428 1.81230 4.16380 -0.30158 -0.37664 -1.25255 4  DG G N3    
626 C C4    . DG D 4  ? 3.26293 1.85312 4.17323 -0.19748 -0.48212 -1.28980 4  DG G C4    
627 P P     . DC D 5  ? 3.02223 1.85305 4.25782 -0.26110 -0.20650 -1.22998 5  DC G P     
628 O OP1   . DC D 5  ? 3.10883 1.86050 4.43610 -0.29588 -0.08411 -1.22923 5  DC G OP1   
629 O OP2   . DC D 5  ? 3.45895 2.47212 4.66539 -0.23135 -0.27111 -1.19899 5  DC G OP2   
630 O "O5'" . DC D 5  ? 3.18523 1.81991 4.24424 -0.36821 -0.19485 -1.23848 5  DC G "O5'" 
631 C "C5'" . DC D 5  ? 3.28083 1.75441 4.25304 -0.41381 -0.10794 -1.20121 5  DC G "C5'" 
632 C "C4'" . DC D 5  ? 3.43965 1.75853 4.21342 -0.54364 -0.03944 -1.16354 5  DC G "C4'" 
633 O "O4'" . DC D 5  ? 3.54388 1.77734 4.16768 -0.58137 -0.09934 -1.16438 5  DC G "O4'" 
634 C "C3'" . DC D 5  ? 3.53724 1.89770 4.29172 -0.61525 -0.02227 -1.17374 5  DC G "C3'" 
635 O "O3'" . DC D 5  ? 3.70076 1.92625 4.31329 -0.71537 0.08465  -1.11833 5  DC G "O3'" 
636 C "C2'" . DC D 5  ? 3.53555 1.93358 4.21050 -0.64154 -0.13365 -1.19863 5  DC G "C2'" 
637 C "C1'" . DC D 5  ? 3.57280 1.84609 4.14301 -0.64273 -0.15757 -1.18811 5  DC G "C1'" 
638 N N1    . DC D 5  ? 3.51587 1.88803 4.13714 -0.56897 -0.28794 -1.22599 5  DC G N1    
639 C C2    . DC D 5  ? 3.62173 1.90098 4.10887 -0.61208 -0.33028 -1.22059 5  DC G C2    
640 O O2    . DC D 5  ? 3.77526 1.88916 4.08752 -0.71109 -0.26326 -1.17940 5  DC G O2    
641 N N3    . DC D 5  ? 3.57044 1.96631 4.08276 -0.52775 -0.44099 -1.22179 5  DC G N3    
642 C C4    . DC D 5  ? 3.43221 2.02766 4.06688 -0.40416 -0.50155 -1.21230 5  DC G C4    
643 N N4    . DC D 5  ? 3.39786 2.09586 4.03770 -0.32220 -0.59611 -1.20099 5  DC G N4    
644 C C5    . DC D 5  ? 3.32802 2.02177 4.08285 -0.35978 -0.46272 -1.21154 5  DC G C5    
645 C C6    . DC D 5  ? 3.36955 1.95357 4.11800 -0.44277 -0.35756 -1.21778 5  DC G C6    
646 P P     . DG D 6  ? 4.09600 2.32863 4.62568 -0.81839 0.12748  -1.11012 6  DG G P     
647 O OP1   . DG D 6  ? 3.77633 1.92136 4.25534 -0.86261 0.25647  -1.05183 6  DG G OP1   
648 O OP2   . DG D 6  ? 3.70092 2.13440 4.37421 -0.75908 0.06422  -1.15193 6  DG G OP2   
649 O "O5'" . DG D 6  ? 3.77609 1.92030 4.10387 -0.91468 0.06531  -1.09828 6  DG G "O5'" 
650 C "C5'" . DG D 6  ? 3.87538 1.88576 4.09360 -0.92504 0.05230  -1.06550 6  DG G "C5'" 
651 C "C4'" . DG D 6  ? 3.97724 1.95402 4.05375 -1.00314 -0.02761 -1.06567 6  DG G "C4'" 
652 O "O4'" . DG D 6  ? 3.90678 1.96055 4.05048 -0.94048 -0.13387 -1.11904 6  DG G "O4'" 
653 C "C3'" . DG D 6  ? 4.02255 2.05224 4.01119 -1.10735 -0.02851 -1.05860 6  DG G "C3'" 
654 O "O3'" . DG D 6  ? 4.17276 2.11418 3.98853 -1.20575 -0.03129 -1.01137 6  DG G "O3'" 
655 C "C2'" . DG D 6  ? 3.91205 2.12468 3.98217 -1.04981 -0.14660 -1.09468 6  DG G "C2'" 
656 C "C1'" . DG D 6  ? 3.91340 2.07467 4.00671 -0.99207 -0.21012 -1.12224 6  DG G "C1'" 
657 N N9    . DG D 6  ? 3.76406 2.14490 3.98465 -0.84167 -0.32554 -1.11460 6  DG G N9    
658 C C8    . DG D 6  ? 3.60122 2.17096 3.98323 -0.71885 -0.34792 -1.11365 6  DG G C8    
659 N N7    . DG D 6  ? 3.50935 2.23228 3.96289 -0.60358 -0.45173 -1.10506 6  DG G N7    
660 C C5    . DG D 6  ? 3.61093 2.25152 3.95123 -0.64941 -0.50036 -1.09744 6  DG G C5    
661 C C6    . DG D 6  ? 3.63359 2.36558 3.98509 -0.56982 -0.60180 -1.08239 6  DG G C6    
662 O O6    . DG D 6  ? 3.47583 2.37350 3.93481 -0.44151 -0.66783 -1.07368 6  DG G O6    
663 N N1    . DG D 6  ? 3.74342 2.34637 3.95962 -0.65569 -0.61752 -1.07543 6  DG G N1    
664 C C2    . DG D 6  ? 3.86210 2.26224 3.93957 -0.80439 -0.54656 -1.08454 6  DG G C2    
665 N N2    . DG D 6  ? 3.97808 2.27482 3.93359 -0.87198 -0.57725 -1.07558 6  DG G N2    
666 N N3    . DG D 6  ? 3.90122 2.19991 3.95709 -0.88310 -0.44644 -1.09936 6  DG G N3    
667 C C4    . DG D 6  ? 3.76647 2.19954 3.96287 -0.79657 -0.42797 -1.10392 6  DG G C4    
668 P P     . DA D 7  ? 4.28404 2.14879 3.98653 -1.29010 0.08327  -0.95231 7  DA G P     
669 O OP1   . DA D 7  ? 4.26931 2.05918 4.03849 -1.22806 0.17256  -0.93470 7  DA G OP1   
670 O OP2   . DA D 7  ? 4.26799 2.21706 3.94302 -1.34786 0.10299  -0.95104 7  DA G OP2   
671 O "O5'" . DA D 7  ? 4.43444 2.23082 3.96783 -1.38021 0.05127  -0.91616 7  DA G "O5'" 
672 C "C5'" . DA D 7  ? 4.45259 2.19596 3.99614 -1.34205 0.00129  -0.92421 7  DA G "C5'" 
673 C "C4'" . DA D 7  ? 4.55394 2.30376 3.95932 -1.42786 -0.07460 -0.90589 7  DA G "C4'" 
674 O "O4'" . DA D 7  ? 4.47881 2.33154 3.92783 -1.40387 -0.19197 -0.94032 7  DA G "O4'" 
675 C "C3'" . DA D 7  ? 4.67735 2.42955 3.91079 -1.55513 -0.04833 -0.85563 7  DA G "C3'" 
676 O "O3'" . DA D 7  ? 4.89947 2.59941 3.98825 -1.62976 -0.07862 -0.82008 7  DA G "O3'" 
677 C "C2'" . DA D 7  ? 4.60573 2.49569 3.85659 -1.57509 -0.13288 -0.86786 7  DA G "C2'" 
678 C "C1'" . DA D 7  ? 4.50577 2.45045 3.86458 -1.49048 -0.23796 -0.91497 7  DA G "C1'" 
679 N N9    . DA D 7  ? 4.36617 2.42355 3.84628 -1.42768 -0.28033 -0.96127 7  DA G N9    
680 C C8    . DA D 7  ? 4.28641 2.38119 3.85325 -1.40043 -0.20627 -0.98182 7  DA G C8    
681 N N7    . DA D 7  ? 4.10894 2.42629 3.84899 -1.25199 -0.27107 -0.98046 7  DA G N7    
682 C C5    . DA D 7  ? 4.16124 2.57371 3.91899 -1.18594 -0.39045 -0.96168 7  DA G C5    
683 C C6    . DA D 7  ? 4.08498 2.71697 3.98722 -1.02882 -0.49448 -0.94663 7  DA G C6    
684 N N6    . DA D 7  ? 3.90878 2.70963 3.96866 -0.90710 -0.50153 -0.95156 7  DA G N6    
685 N N1    . DA D 7  ? 4.15862 2.82286 4.03227 -1.00338 -0.58624 -0.92416 7  DA G N1    
686 C C2    . DA D 7  ? 4.32080 2.81861 4.03761 -1.12580 -0.58095 -0.91847 7  DA G C2    
687 N N3    . DA D 7  ? 4.43088 2.71286 3.99744 -1.28083 -0.49396 -0.93345 7  DA G N3    
688 C C4    . DA D 7  ? 4.31026 2.55633 3.90466 -1.30303 -0.39770 -0.95486 7  DA G C4    
689 P P     . DG D 8  ? 6.07273 3.79850 4.95747 -1.77218 -0.10799 -0.76007 8  DG G P     
690 O OP1   . DG D 8  ? 5.43814 3.05798 4.18328 -1.83062 -0.08154 -0.72564 8  DG G OP1   
691 O OP2   . DG D 8  ? 5.43377 3.19079 4.28611 -1.81373 -0.04370 -0.74533 8  DG G OP2   
692 O "O5'" . DG D 8  ? 5.19999 3.05664 4.09914 -1.78190 -0.26171 -0.75851 8  DG G "O5'" 
693 C "C5'" . DG D 8  ? 5.06531 2.92274 4.02883 -1.71982 -0.33723 -0.78484 8  DG G "C5'" 
694 C "C4'" . DG D 8  ? 5.25904 3.25877 4.21293 -1.74020 -0.49028 -0.76345 8  DG G "C4'" 
695 O "O4'" . DG D 8  ? 4.86690 2.96568 3.96216 -1.65595 -0.53219 -0.81026 8  DG G "O4'" 
696 C "C3'" . DG D 8  ? 5.87469 3.96185 4.68085 -1.86937 -0.54798 -0.68125 8  DG G "C3'" 
697 O "O3'" . DG D 8  ? 6.39004 4.56176 5.14737 -1.90529 -0.68501 -0.62912 8  DG G "O3'" 
698 C "C2'" . DG D 8  ? 5.55015 3.76703 4.43878 -1.84692 -0.57318 -0.69389 8  DG G "C2'" 
699 C "C1'" . DG D 8  ? 5.07076 3.37688 4.16317 -1.66628 -0.61469 -0.74314 8  DG G "C1'" 
700 N N9    . DG D 8  ? 4.76815 3.22265 4.03126 -1.53831 -0.58971 -0.76376 8  DG G N9    
701 C C8    . DG D 8  ? 4.70915 3.09442 3.97894 -1.56900 -0.48027 -0.79939 8  DG G C8    
702 N N7    . DG D 8  ? 4.54797 3.11009 3.99291 -1.42997 -0.48733 -0.80844 8  DG G N7    
703 C C5    . DG D 8  ? 4.58174 3.33153 4.13491 -1.30115 -0.60671 -0.77796 8  DG G C5    
704 C C6    . DG D 8  ? 4.50718 3.47872 4.24824 -1.12741 -0.66359 -0.77192 8  DG G C6    
705 O O6    . DG D 8  ? 4.41414 3.47078 4.27061 -1.05062 -0.62477 -0.79422 8  DG G O6    
706 N N1    . DG D 8  ? 4.53655 3.62890 4.32451 -1.04258 -0.77185 -0.73351 8  DG G N1    
707 C C2    . DG D 8  ? 4.69831 3.71983 4.37578 -1.11381 -0.82086 -0.70271 8  DG G C2    
708 N N2    . DG D 8  ? 4.68286 3.84331 4.43264 -1.01054 -0.91577 -0.66205 8  DG G N2    
709 N N3    . DG D 8  ? 4.79184 3.61340 4.29585 -1.27702 -0.77514 -0.70911 8  DG G N3    
710 C C4    . DG D 8  ? 4.72956 3.41885 4.17635 -1.36404 -0.66784 -0.74827 8  DG G C4    
711 P P     . DG D 9  ? 7.99272 6.23775 6.57974 -2.04941 -0.74916 -0.52168 9  DG G P     
712 O OP1   . DG D 9  ? 7.09783 5.17519 5.53583 -2.12060 -0.64876 -0.50546 9  DG G OP1   
713 O OP2   . DG D 9  ? 7.20031 5.58320 5.79436 -2.08516 -0.77479 -0.49003 9  DG G OP2   
714 O "O5'" . DG D 9  ? 6.26609 4.64181 4.88024 -2.04116 -0.91629 -0.46985 9  DG G "O5'" 
715 C "C5'" . DG D 9  ? 6.40393 4.84368 5.19769 -1.85886 -0.94196 -0.51156 9  DG G "C5'" 
716 C "C4'" . DG D 9  ? 6.33505 5.08009 5.29857 -1.70666 -1.04099 -0.44138 9  DG G "C4'" 
717 O "O4'" . DG D 9  ? 5.89976 4.73302 5.01667 -1.57803 -0.99778 -0.48888 9  DG G "O4'" 
718 C "C3'" . DG D 9  ? 6.41437 5.33474 5.30839 -1.79323 -1.12597 -0.31887 9  DG G "C3'" 
719 O "O3'" . DG D 9  ? 6.59788 5.73667 5.60787 -1.68029 -1.23136 -0.23723 9  DG G "O3'" 
720 C "C2'" . DG D 9  ? 6.17069 5.18391 5.11975 -1.76647 -1.08777 -0.32663 9  DG G "C2'" 
721 C "C1'" . DG D 9  ? 5.95952 5.00114 5.10556 -1.57245 -1.04826 -0.41102 9  DG G "C1'" 
722 N N9    . DG D 9  ? 5.69986 4.72775 4.89428 -1.54959 -0.96569 -0.46630 9  DG G N9    
723 C C8    . DG D 9  ? 5.68845 4.52708 4.75752 -1.68217 -0.86154 -0.51317 9  DG G C8    
724 N N7    . DG D 9  ? 5.44065 4.32359 4.60074 -1.62007 -0.79959 -0.55166 9  DG G N7    
725 C C5    . DG D 9  ? 5.27890 4.39153 4.63157 -1.43726 -0.87220 -0.53171 9  DG G C5    
726 C C6    . DG D 9  ? 5.03966 4.29225 4.55493 -1.30275 -0.85394 -0.55565 9  DG G C6    
727 O O6    . DG D 9  ? 4.89804 4.10939 4.42874 -1.31612 -0.76744 -0.59852 9  DG G O6    
728 N N1    . DG D 9  ? 4.92855 4.38267 4.59736 -1.14010 -0.94371 -0.52187 9  DG G N1    
729 C C2    . DG D 9  ? 5.04412 4.55947 4.71467 -1.10841 -1.03285 -0.46826 9  DG G C2    
730 N N2    . DG D 9  ? 4.94645 4.64689 4.77002 -0.94477 -1.09918 -0.43840 9  DG G N2    
731 N N3    . DG D 9  ? 5.26873 4.66671 4.79783 -1.23010 -1.05107 -0.44304 9  DG G N3    
732 C C4    . DG D 9  ? 5.37014 4.56829 4.74335 -1.39200 -0.97086 -0.47888 9  DG G C4    
733 P P     . DT D 10 ? 7.36098 6.71427 6.33373 -1.74665 -1.33662 -0.08843 10 DT G P     
734 O OP1   . DT D 10 ? 6.52686 6.02412 5.59599 -1.64737 -1.42260 -0.01545 10 DT G OP1   
735 O OP2   . DT D 10 ? 7.38212 6.59649 6.12759 -1.97644 -1.32032 -0.06111 10 DT G OP2   
736 O "O5'" . DT D 10 ? 6.23581 5.78173 5.33817 -1.64492 -1.33974 -0.07077 10 DT G "O5'" 
737 C "C5'" . DT D 10 ? 5.75108 5.55588 4.93329 -1.59440 -1.43526 0.05317  10 DT G "C5'" 
738 C "C4'" . DT D 10 ? 5.39218 5.36026 4.78991 -1.37863 -1.43936 0.03444  10 DT G "C4'" 
739 O "O4'" . DT D 10 ? 5.26779 5.09511 4.70936 -1.31751 -1.34225 -0.10105 10 DT G "O4'" 
740 C "C3'" . DT D 10 ? 5.04022 5.21687 4.50212 -1.34779 -1.47879 0.11146  10 DT G "C3'" 
741 O "O3'" . DT D 10 ? 5.00783 5.39145 4.54352 -1.29354 -1.57824 0.24491  10 DT G "O3'" 
742 C "C2'" . DT D 10 ? 4.79638 5.00423 4.41807 -1.17560 -1.42543 0.02201  10 DT G "C2'" 
743 C "C1'" . DT D 10 ? 4.93527 4.90018 4.50683 -1.20242 -1.33078 -0.11205 10 DT G "C1'" 
744 N N1    . DT D 10 ? 5.03460 4.87688 4.52679 -1.29619 -1.24075 -0.18243 10 DT G N1    
745 C C2    . DT D 10 ? 4.77459 4.69311 4.38617 -1.19092 -1.20011 -0.22739 10 DT G C2    
746 O O2    . DT D 10 ? 4.53907 4.61682 4.31249 -1.02665 -1.23766 -0.21417 10 DT G O2    
747 N N3    . DT D 10 ? 4.84361 4.63759 4.37351 -1.28758 -1.10794 -0.28674 10 DT G N3    
748 C C4    . DT D 10 ? 5.55988 5.15129 4.89591 -1.47697 -1.04864 -0.30596 10 DT G C4    
749 O O4    . DT D 10 ? 6.17438 5.65623 5.44685 -1.55137 -0.95498 -0.35658 10 DT G O4    
750 C C5    . DT D 10 ? 5.98758 5.49885 5.19735 -1.58281 -1.09894 -0.25983 10 DT G C5    
751 C C7    . DT D 10 ? 6.77244 6.04924 5.75500 -1.79558 -1.03998 -0.27596 10 DT G C7    
752 C C6    . DT D 10 ? 5.52209 5.16722 4.81974 -1.48706 -1.19326 -0.20087 10 DT G C6    
753 P P     . DG D 11 ? 5.48578 6.08800 5.04082 -1.32144 -1.64546 0.37243  11 DG G P     
754 O OP1   . DG D 11 ? 4.99847 5.77356 4.61855 -1.28138 -1.74061 0.51453  11 DG G OP1   
755 O OP2   . DG D 11 ? 5.61624 6.12035 4.98733 -1.52184 -1.61791 0.36642  11 DG G OP2   
756 O "O5'" . DG D 11 ? 5.04012 5.74974 4.76546 -1.14307 -1.61461 0.32341  11 DG G "O5'" 
757 C "C5'" . DG D 11 ? 4.76040 5.54239 4.65976 -0.94078 -1.62032 0.30543  11 DG G "C5'" 
758 C "C4'" . DG D 11 ? 4.58306 5.42949 4.60613 -0.80885 -1.58040 0.24404  11 DG G "C4'" 
759 O "O4'" . DG D 11 ? 4.67843 5.35135 4.63483 -0.86897 -1.48934 0.11428  11 DG G "O4'" 
760 C "C3'" . DG D 11 ? 4.29920 5.33357 4.36005 -0.80723 -1.62354 0.33692  11 DG G "C3'" 
761 O "O3'" . DG D 11 ? 3.97707 5.14249 4.21281 -0.61552 -1.62982 0.33897  11 DG G "O3'" 
762 C "C2'" . DG D 11 ? 4.38732 5.32197 4.33622 -0.93347 -1.55948 0.26580  11 DG G "C2'" 
763 C "C1'" . DG D 11 ? 4.52436 5.26173 4.47115 -0.90413 -1.46891 0.11698  11 DG G "C1'" 
764 N N9    . DG D 11 ? 4.64000 5.19353 4.42280 -1.07546 -1.39711 0.05173  11 DG G N9    
765 C C8    . DG D 11 ? 4.84373 5.25358 4.45253 -1.24802 -1.39585 0.06571  11 DG G C8    
766 N N7    . DG D 11 ? 4.70856 4.95147 4.18544 -1.38009 -1.31362 -0.00102 11 DG G N7    
767 C C5    . DG D 11 ? 4.78242 5.07271 4.36017 -1.28751 -1.25691 -0.06060 11 DG G C5    
768 C C6    . DG D 11 ? 4.63717 4.80645 4.15203 -1.35711 -1.15191 -0.13947 11 DG G C6    
769 O O6    . DG D 11 ? 5.28540 5.26466 4.63082 -1.52082 -1.08233 -0.17345 11 DG G O6    
770 N N1    . DG D 11 ? 4.55511 4.83778 4.22332 -1.21661 -1.12408 -0.17672 11 DG G N1    
771 C C2    . DG D 11 ? 4.50024 4.97611 4.34923 -1.03508 -1.19012 -0.14462 11 DG G C2    
772 N N2    . DG D 11 ? 4.41733 4.97261 4.38981 -0.92266 -1.15074 -0.18994 11 DG G N2    
773 N N3    . DG D 11 ? 4.50167 5.07997 4.40445 -0.96901 -1.28295 -0.07028 11 DG G N3    
774 C C4    . DG D 11 ? 4.63347 5.11578 4.39848 -1.10103 -1.31102 -0.03062 11 DG G C4    
775 P P     . DC D 12 ? 3.58280 4.97006 3.90019 -0.56590 -1.68642 0.45445  12 DC G P     
776 O OP1   . DC D 12 ? 3.96538 5.45803 4.45663 -0.35997 -1.70033 0.47331  12 DC G OP1   
777 O OP2   . DC D 12 ? 3.56282 5.02461 3.78334 -0.71092 -1.75647 0.58826  12 DC G OP2   
778 O "O5'" . DC D 12 ? 3.65398 5.01318 3.94228 -0.60538 -1.62662 0.37257  12 DC G "O5'" 
779 C "C5'" . DC D 12 ? 3.74821 5.00908 4.09453 -0.51807 -1.54749 0.23461  12 DC G "C5'" 
780 C "C4'" . DC D 12 ? 3.65081 4.89609 3.95538 -0.58078 -1.49067 0.17961  12 DC G "C4'" 
781 O "O4'" . DC D 12 ? 3.88861 4.95027 4.02562 -0.75725 -1.43235 0.12032  12 DC G "O4'" 
782 C "C3'" . DC D 12 ? 3.49601 4.91071 3.79625 -0.61751 -1.54012 0.28352  12 DC G "C3'" 
783 O "O3'" . DC D 12 ? 3.38882 4.87124 3.78543 -0.51918 -1.50091 0.23323  12 DC G "O3'" 
784 C "C2'" . DC D 12 ? 3.65310 4.96888 3.75450 -0.84068 -1.52285 0.29488  12 DC G "C2'" 
785 C "C1'" . DC D 12 ? 3.87419 4.97071 3.91392 -0.88160 -1.42394 0.15555  12 DC G "C1'" 
786 N N1    . DC D 12 ? 4.12974 5.05607 3.96390 -1.09143 -1.39611 0.14848  12 DC G N1    
787 C C2    . DC D 12 ? 4.17881 4.95529 3.90141 -1.20306 -1.29654 0.06484  12 DC G C2    
788 O O2    . DC D 12 ? 4.09765 4.89825 3.90448 -1.12229 -1.23522 -0.00018 12 DC G O2    
789 N N3    . DC D 12 ? 4.60423 5.20669 4.12721 -1.39757 -1.26518 0.05985  12 DC G N3    
790 C C4    . DC D 12 ? 4.52843 5.11413 3.96738 -1.48036 -1.33628 0.13325  12 DC G C4    
791 N N4    . DC D 12 ? 4.63208 5.03360 3.86427 -1.67725 -1.30236 0.12491  12 DC G N4    
792 C C5    . DC D 12 ? 4.48183 5.23347 4.04291 -1.36602 -1.44005 0.22190  12 DC G C5    
793 C C6    . DC D 12 ? 4.12051 5.03348 3.87466 -1.17409 -1.46276 0.22692  12 DC G C6    
794 P P     . DT D 13 ? 3.21506 4.90750 3.68372 -0.46881 -1.55517 0.33344  13 DT G P     
795 O OP1   . DT D 13 ? 3.53554 5.34349 4.17736 -0.27067 -1.59522 0.36936  13 DT G OP1   
796 O OP2   . DT D 13 ? 3.20753 4.95159 3.55093 -0.63165 -1.61282 0.44744  13 DT G OP2   
797 O "O5'" . DT D 13 ? 3.17552 4.84654 3.64748 -0.46959 -1.47378 0.23876  13 DT G "O5'" 
798 C "C5'" . DT D 13 ? 3.30354 4.79185 3.69630 -0.54499 -1.37764 0.11709  13 DT G "C5'" 
799 C "C4'" . DT D 13 ? 3.33019 4.77114 3.57184 -0.71827 -1.33089 0.11389  13 DT G "C4'" 
800 O "O4'" . DT D 13 ? 3.46316 4.75130 3.52692 -0.89760 -1.32225 0.12129  13 DT G "O4'" 
801 C "C3'" . DT D 13 ? 3.17053 4.78523 3.40006 -0.75154 -1.39357 0.22337  13 DT G "C3'" 
802 O "O3'" . DT D 13 ? 3.32922 5.01290 3.62921 -0.68371 -1.34273 0.17717  13 DT G "O3'" 
803 C "C2'" . DT D 13 ? 3.28386 4.80971 3.29601 -0.98375 -1.39389 0.26757  13 DT G "C2'" 
804 C "C1'" . DT D 13 ? 3.51490 4.80885 3.43004 -1.06256 -1.31753 0.16944  13 DT G "C1'" 
805 N N1    . DT D 13 ? 3.72773 4.92239 3.46858 -1.23900 -1.35439 0.22656  13 DT G N1    
806 C C2    . DT D 13 ? 3.94599 4.95062 3.48922 -1.42790 -1.27746 0.17968  13 DT G C2    
807 O O2    . DT D 13 ? 3.92021 4.83329 3.42690 -1.45725 -1.17393 0.09580  13 DT G O2    
808 N N3    . DT D 13 ? 4.07261 4.99220 3.45926 -1.58373 -1.32138 0.23831  13 DT G N3    
809 C C4    . DT D 13 ? 3.97270 4.98913 3.39058 -1.56685 -1.43251 0.34041  13 DT G C4    
810 O O4    . DT D 13 ? 4.09960 5.03170 3.36885 -1.71736 -1.46560 0.38928  13 DT G O4    
811 C C5    . DT D 13 ? 3.96799 5.18600 3.60326 -1.36109 -1.50181 0.38880  13 DT G C5    
812 C C7    . DT D 13 ? 3.86703 5.20223 3.56034 -1.32132 -1.61137 0.50693  13 DT G C7    
813 C C6    . DT D 13 ? 3.73110 5.02117 3.51001 -1.21073 -1.45978 0.32868  13 DT G C6    
814 P P     . DG D 14 ? 2.96169 4.80358 3.23711 -0.72942 -1.37997 0.26415  14 DG G P     
815 O OP1   . DG D 14 ? 2.89430 4.84017 3.32434 -0.56815 -1.34977 0.21860  14 DG G OP1   
816 O OP2   . DG D 14 ? 3.02244 4.98162 3.28338 -0.76380 -1.49487 0.40892  14 DG G OP2   
817 O "O5'" . DG D 14 ? 3.13204 4.83438 3.19940 -0.94239 -1.29935 0.22393  14 DG G "O5'" 
818 C "C5'" . DG D 14 ? 3.22599 4.76626 3.26209 -0.96207 -1.17468 0.09498  14 DG G "C5'" 
819 C "C4'" . DG D 14 ? 3.34060 4.71482 3.14597 -1.18929 -1.10567 0.07954  14 DG G "C4'" 
820 O "O4'" . DG D 14 ? 3.47145 4.74465 3.15530 -1.30658 -1.15504 0.12480  14 DG G "O4'" 
821 C "C3'" . DG D 14 ? 3.36813 4.82655 3.06216 -1.30735 -1.11660 0.14636  14 DG G "C3'" 
822 O "O3'" . DG D 14 ? 3.41539 4.75027 3.00808 -1.39691 -0.98493 0.06365  14 DG G "O3'" 
823 C "C2'" . DG D 14 ? 3.56098 4.98334 3.08097 -1.48613 -1.19387 0.24557  14 DG G "C2'" 
824 C "C1'" . DG D 14 ? 3.64110 4.87393 3.11815 -1.51435 -1.16320 0.18721  14 DG G "C1'" 
825 N N9    . DG D 14 ? 3.75817 4.99497 3.16301 -1.59505 -1.26509 0.28180  14 DG G N9    
826 C C8    . DG D 14 ? 3.67865 5.07563 3.21869 -1.47935 -1.38160 0.37070  14 DG G C8    
827 N N7    . DG D 14 ? 3.81706 5.18259 3.25415 -1.59231 -1.45020 0.44883  14 DG G N7    
828 C C5    . DG D 14 ? 4.00607 5.17022 3.21638 -1.80015 -1.37795 0.40594  14 DG G C5    
829 C C6    . DG D 14 ? 4.21795 5.25629 3.22910 -1.99647 -1.40468 0.45301  14 DG G C6    
830 O O6    . DG D 14 ? 4.27339 5.36852 3.27885 -2.02341 -1.50331 0.54703  14 DG G O6    
831 N N1    . DG D 14 ? 4.37956 5.20108 3.18033 -2.17496 -1.29743 0.38227  14 DG G N1    
832 C C2    . DG D 14 ? 4.33654 5.08040 3.13004 -2.16109 -1.17478 0.28303  14 DG G C2    
833 N N2    . DG D 14 ? 4.52301 5.04063 3.09409 -2.35020 -1.07016 0.23070  14 DG G N2    
834 N N3    . DG D 14 ? 4.12998 5.00401 3.11880 -1.97569 -1.15130 0.24059  14 DG G N3    
835 C C4    . DG D 14 ? 3.97545 5.05376 3.16171 -1.80415 -1.25939 0.30416  14 DG G C4    
836 P P     . DT D 15 ? 3.48023 4.87414 2.94450 -1.52250 -0.96365 0.10710  15 DT G P     
837 O OP1   . DT D 15 ? 3.42020 4.74670 2.89922 -1.49859 -0.82146 0.00385  15 DT G OP1   
838 O OP2   . DT D 15 ? 3.39171 5.02494 2.95489 -1.44479 -1.09363 0.21929  15 DT G OP2   
839 O "O5'" . DT D 15 ? 3.74689 4.96954 2.93592 -1.78126 -0.95512 0.14656  15 DT G "O5'" 
840 C "C5'" . DT D 15 ? 3.88179 4.84800 2.93906 -1.88942 -0.84419 0.06275  15 DT G "C5'" 
841 C "C4'" . DT D 15 ? 4.14322 4.96628 2.92672 -2.14173 -0.85073 0.11710  15 DT G "C4'" 
842 O "O4'" . DT D 15 ? 4.19503 5.05731 2.97967 -2.15577 -0.98000 0.19856  15 DT G "O4'" 
843 C "C3'" . DT D 15 ? 4.23102 5.13937 2.87328 -2.27809 -0.87265 0.19243  15 DT G "C3'" 
844 O "O3'" . DT D 15 ? 4.46613 5.14424 2.83608 -2.50893 -0.76677 0.16413  15 DT G "O3'" 
845 C "C2'" . DT D 15 ? 4.25877 5.33071 2.91099 -2.29989 -1.04535 0.33008  15 DT G "C2'" 
846 C "C1'" . DT D 15 ? 4.33387 5.26657 2.96621 -2.31581 -1.06599 0.31444  15 DT G "C1'" 
847 N N1    . DT D 15 ? 4.28635 5.38581 3.02733 -2.24543 -1.22320 0.42445  15 DT G N1    
848 C C2    . DT D 15 ? 4.47116 5.49097 3.05769 -2.40325 -1.28705 0.49431  15 DT G C2    
849 O O2    . DT D 15 ? 4.68044 5.48371 3.03930 -2.59071 -1.21480 0.46936  15 DT G O2    
850 N N3    . DT D 15 ? 4.40946 5.59528 3.12374 -2.31297 -1.41728 0.60038  15 DT G N3    
851 C C4    . DT D 15 ? 4.19294 5.60857 3.15607 -2.10001 -1.49542 0.64228  15 DT G C4    
852 O O4    . DT D 15 ? 4.16568 5.68972 3.23362 -2.01615 -1.57963 0.74088  15 DT G O4    
853 C C5    . DT D 15 ? 4.01427 5.49112 3.11804 -1.94711 -1.42514 0.56096  15 DT G C5    
854 C C7    . DT D 15 ? 3.78728 5.48533 3.15221 -1.70955 -1.48992 0.59637  15 DT G C7    
855 C C6    . DT D 15 ? 4.06467 5.38888 3.05584 -2.02543 -1.29622 0.45745  15 DT G C6    
# 
